data_4L5Q
# 
_entry.id   4L5Q 
# 
_audit_conform.dict_name       mmcif_pdbx.dic 
_audit_conform.dict_version    5.387 
_audit_conform.dict_location   http://mmcif.pdb.org/dictionaries/ascii/mmcif_pdbx.dic 
# 
loop_
_database_2.database_id 
_database_2.database_code 
_database_2.pdbx_database_accession 
_database_2.pdbx_DOI 
PDB   4L5Q         pdb_00004l5q 10.2210/pdb4l5q/pdb 
RCSB  RCSB080214   ?            ?                   
WWPDB D_1000080214 ?            ?                   
# 
loop_
_pdbx_audit_revision_history.ordinal 
_pdbx_audit_revision_history.data_content_type 
_pdbx_audit_revision_history.major_revision 
_pdbx_audit_revision_history.minor_revision 
_pdbx_audit_revision_history.revision_date 
1 'Structure model' 1 0 2013-07-31 
2 'Structure model' 1 1 2013-08-21 
3 'Structure model' 1 2 2024-02-28 
# 
_pdbx_audit_revision_details.ordinal             1 
_pdbx_audit_revision_details.revision_ordinal    1 
_pdbx_audit_revision_details.data_content_type   'Structure model' 
_pdbx_audit_revision_details.provider            repository 
_pdbx_audit_revision_details.type                'Initial release' 
_pdbx_audit_revision_details.description         ? 
_pdbx_audit_revision_details.details             ? 
# 
loop_
_pdbx_audit_revision_group.ordinal 
_pdbx_audit_revision_group.revision_ordinal 
_pdbx_audit_revision_group.data_content_type 
_pdbx_audit_revision_group.group 
1 2 'Structure model' 'Database references' 
2 3 'Structure model' 'Data collection'     
3 3 'Structure model' 'Database references' 
# 
loop_
_pdbx_audit_revision_category.ordinal 
_pdbx_audit_revision_category.revision_ordinal 
_pdbx_audit_revision_category.data_content_type 
_pdbx_audit_revision_category.category 
1 3 'Structure model' chem_comp_atom     
2 3 'Structure model' chem_comp_bond     
3 3 'Structure model' database_2         
4 3 'Structure model' struct_ref_seq_dif 
# 
loop_
_pdbx_audit_revision_item.ordinal 
_pdbx_audit_revision_item.revision_ordinal 
_pdbx_audit_revision_item.data_content_type 
_pdbx_audit_revision_item.item 
1 3 'Structure model' '_database_2.pdbx_DOI'                
2 3 'Structure model' '_database_2.pdbx_database_accession' 
3 3 'Structure model' '_struct_ref_seq_dif.details'         
# 
_pdbx_database_status.status_code                     REL 
_pdbx_database_status.entry_id                        4L5Q 
_pdbx_database_status.recvd_initial_deposition_date   2013-06-11 
_pdbx_database_status.deposit_site                    RCSB 
_pdbx_database_status.process_site                    RCSB 
_pdbx_database_status.status_code_sf                  REL 
_pdbx_database_status.status_code_mr                  ? 
_pdbx_database_status.SG_entry                        ? 
_pdbx_database_status.status_code_cs                  ? 
_pdbx_database_status.methods_development_category    ? 
_pdbx_database_status.pdb_format_compatible           Y 
_pdbx_database_status.status_code_nmr_data            ? 
# 
loop_
_audit_author.name 
_audit_author.pdbx_ordinal 
'Yin, Q.'  1 
'Tian, Y.' 2 
'Wu, H.'   3 
# 
_citation.id                        primary 
_citation.title                     'Molecular Mechanism for p202-Mediated Specific Inhibition of AIM2 Inflammasome Activation.' 
_citation.journal_abbrev            'Cell Rep' 
_citation.journal_volume            4 
_citation.page_first                327 
_citation.page_last                 339 
_citation.year                      2013 
_citation.journal_id_ASTM           ? 
_citation.country                   US 
_citation.journal_id_ISSN           2211-1247 
_citation.journal_id_CSD            ? 
_citation.book_publisher            ? 
_citation.pdbx_database_id_PubMed   23850291 
_citation.pdbx_database_id_DOI      10.1016/j.celrep.2013.06.024 
# 
loop_
_citation_author.citation_id 
_citation_author.name 
_citation_author.ordinal 
_citation_author.identifier_ORCID 
primary 'Yin, Q.'        1  ? 
primary 'Sester, D.P.'   2  ? 
primary 'Tian, Y.'       3  ? 
primary 'Hsiao, Y.S.'    4  ? 
primary 'Lu, A.'         5  ? 
primary 'Cridland, J.A.' 6  ? 
primary 'Sagulenko, V.'  7  ? 
primary 'Thygesen, S.J.' 8  ? 
primary 'Choubey, D.'    9  ? 
primary 'Hornung, V.'    10 ? 
primary 'Walz, T.'       11 ? 
primary 'Stacey, K.J.'   12 ? 
primary 'Wu, H.'         13 ? 
# 
loop_
_entity.id 
_entity.type 
_entity.src_method 
_entity.pdbx_description 
_entity.formula_weight 
_entity.pdbx_number_of_molecules 
_entity.pdbx_ec 
_entity.pdbx_mutation 
_entity.pdbx_fragment 
_entity.details 
1 polymer man 'Interferon-activable protein 202' 22790.154 1   ? ? 'HIN-200 1' ? 
2 water   nat water                              18.015    116 ? ? ?           ? 
# 
_entity_name_com.entity_id   1 
_entity_name_com.name        'Ifi-202, Interferon-inducible protein p202, Lupus susceptibility protein p202' 
# 
_entity_poly.entity_id                      1 
_entity_poly.type                           'polypeptide(L)' 
_entity_poly.nstd_linkage                   no 
_entity_poly.nstd_monomer                   no 
_entity_poly.pdbx_seq_one_letter_code       
;STPKKNISKGAVLHEKPMTVMVLTATEPFNYKEGKENMFHATVATESKYYRVKVFNMDLKEKFTENQFITISKYFNSSGI
LEINETATVSEAAPNQMFEVPKNIIRSAKETLKISKIKELDSGTLIYGVFAVEKKKVNDKSITFKIKDNEDNIKVVWDKE
QHNINYEKGDKLQLFSFHLRKGNGKPILHSGNHSFIKGE
;
_entity_poly.pdbx_seq_one_letter_code_can   
;STPKKNISKGAVLHEKPMTVMVLTATEPFNYKEGKENMFHATVATESKYYRVKVFNMDLKEKFTENQFITISKYFNSSGI
LEINETATVSEAAPNQMFEVPKNIIRSAKETLKISKIKELDSGTLIYGVFAVEKKKVNDKSITFKIKDNEDNIKVVWDKE
QHNINYEKGDKLQLFSFHLRKGNGKPILHSGNHSFIKGE
;
_entity_poly.pdbx_strand_id                 A 
_entity_poly.pdbx_target_identifier         ? 
# 
_pdbx_entity_nonpoly.entity_id   2 
_pdbx_entity_nonpoly.name        water 
_pdbx_entity_nonpoly.comp_id     HOH 
# 
loop_
_entity_poly_seq.entity_id 
_entity_poly_seq.num 
_entity_poly_seq.mon_id 
_entity_poly_seq.hetero 
1 1   SER n 
1 2   THR n 
1 3   PRO n 
1 4   LYS n 
1 5   LYS n 
1 6   ASN n 
1 7   ILE n 
1 8   SER n 
1 9   LYS n 
1 10  GLY n 
1 11  ALA n 
1 12  VAL n 
1 13  LEU n 
1 14  HIS n 
1 15  GLU n 
1 16  LYS n 
1 17  PRO n 
1 18  MET n 
1 19  THR n 
1 20  VAL n 
1 21  MET n 
1 22  VAL n 
1 23  LEU n 
1 24  THR n 
1 25  ALA n 
1 26  THR n 
1 27  GLU n 
1 28  PRO n 
1 29  PHE n 
1 30  ASN n 
1 31  TYR n 
1 32  LYS n 
1 33  GLU n 
1 34  GLY n 
1 35  LYS n 
1 36  GLU n 
1 37  ASN n 
1 38  MET n 
1 39  PHE n 
1 40  HIS n 
1 41  ALA n 
1 42  THR n 
1 43  VAL n 
1 44  ALA n 
1 45  THR n 
1 46  GLU n 
1 47  SER n 
1 48  LYS n 
1 49  TYR n 
1 50  TYR n 
1 51  ARG n 
1 52  VAL n 
1 53  LYS n 
1 54  VAL n 
1 55  PHE n 
1 56  ASN n 
1 57  MET n 
1 58  ASP n 
1 59  LEU n 
1 60  LYS n 
1 61  GLU n 
1 62  LYS n 
1 63  PHE n 
1 64  THR n 
1 65  GLU n 
1 66  ASN n 
1 67  GLN n 
1 68  PHE n 
1 69  ILE n 
1 70  THR n 
1 71  ILE n 
1 72  SER n 
1 73  LYS n 
1 74  TYR n 
1 75  PHE n 
1 76  ASN n 
1 77  SER n 
1 78  SER n 
1 79  GLY n 
1 80  ILE n 
1 81  LEU n 
1 82  GLU n 
1 83  ILE n 
1 84  ASN n 
1 85  GLU n 
1 86  THR n 
1 87  ALA n 
1 88  THR n 
1 89  VAL n 
1 90  SER n 
1 91  GLU n 
1 92  ALA n 
1 93  ALA n 
1 94  PRO n 
1 95  ASN n 
1 96  GLN n 
1 97  MET n 
1 98  PHE n 
1 99  GLU n 
1 100 VAL n 
1 101 PRO n 
1 102 LYS n 
1 103 ASN n 
1 104 ILE n 
1 105 ILE n 
1 106 ARG n 
1 107 SER n 
1 108 ALA n 
1 109 LYS n 
1 110 GLU n 
1 111 THR n 
1 112 LEU n 
1 113 LYS n 
1 114 ILE n 
1 115 SER n 
1 116 LYS n 
1 117 ILE n 
1 118 LYS n 
1 119 GLU n 
1 120 LEU n 
1 121 ASP n 
1 122 SER n 
1 123 GLY n 
1 124 THR n 
1 125 LEU n 
1 126 ILE n 
1 127 TYR n 
1 128 GLY n 
1 129 VAL n 
1 130 PHE n 
1 131 ALA n 
1 132 VAL n 
1 133 GLU n 
1 134 LYS n 
1 135 LYS n 
1 136 LYS n 
1 137 VAL n 
1 138 ASN n 
1 139 ASP n 
1 140 LYS n 
1 141 SER n 
1 142 ILE n 
1 143 THR n 
1 144 PHE n 
1 145 LYS n 
1 146 ILE n 
1 147 LYS n 
1 148 ASP n 
1 149 ASN n 
1 150 GLU n 
1 151 ASP n 
1 152 ASN n 
1 153 ILE n 
1 154 LYS n 
1 155 VAL n 
1 156 VAL n 
1 157 TRP n 
1 158 ASP n 
1 159 LYS n 
1 160 GLU n 
1 161 GLN n 
1 162 HIS n 
1 163 ASN n 
1 164 ILE n 
1 165 ASN n 
1 166 TYR n 
1 167 GLU n 
1 168 LYS n 
1 169 GLY n 
1 170 ASP n 
1 171 LYS n 
1 172 LEU n 
1 173 GLN n 
1 174 LEU n 
1 175 PHE n 
1 176 SER n 
1 177 PHE n 
1 178 HIS n 
1 179 LEU n 
1 180 ARG n 
1 181 LYS n 
1 182 GLY n 
1 183 ASN n 
1 184 GLY n 
1 185 LYS n 
1 186 PRO n 
1 187 ILE n 
1 188 LEU n 
1 189 HIS n 
1 190 SER n 
1 191 GLY n 
1 192 ASN n 
1 193 HIS n 
1 194 SER n 
1 195 PHE n 
1 196 ILE n 
1 197 LYS n 
1 198 GLY n 
1 199 GLU n 
# 
_entity_src_gen.entity_id                          1 
_entity_src_gen.pdbx_src_id                        1 
_entity_src_gen.pdbx_alt_source_flag               sample 
_entity_src_gen.pdbx_seq_type                      ? 
_entity_src_gen.pdbx_beg_seq_num                   ? 
_entity_src_gen.pdbx_end_seq_num                   ? 
_entity_src_gen.gene_src_common_name               mouse 
_entity_src_gen.gene_src_genus                     ? 
_entity_src_gen.pdbx_gene_src_gene                 'Ifi202, Ifi202a, Ifi202b' 
_entity_src_gen.gene_src_species                   ? 
_entity_src_gen.gene_src_strain                    'Czech II' 
_entity_src_gen.gene_src_tissue                    ? 
_entity_src_gen.gene_src_tissue_fraction           ? 
_entity_src_gen.gene_src_details                   ? 
_entity_src_gen.pdbx_gene_src_fragment             ? 
_entity_src_gen.pdbx_gene_src_scientific_name      'Mus musculus' 
_entity_src_gen.pdbx_gene_src_ncbi_taxonomy_id     10090 
_entity_src_gen.pdbx_gene_src_variant              ? 
_entity_src_gen.pdbx_gene_src_cell_line            ? 
_entity_src_gen.pdbx_gene_src_atcc                 ? 
_entity_src_gen.pdbx_gene_src_organ                ? 
_entity_src_gen.pdbx_gene_src_organelle            ? 
_entity_src_gen.pdbx_gene_src_cell                 ? 
_entity_src_gen.pdbx_gene_src_cellular_location    ? 
_entity_src_gen.host_org_common_name               ? 
_entity_src_gen.pdbx_host_org_scientific_name      'Escherichia coli' 
_entity_src_gen.pdbx_host_org_ncbi_taxonomy_id     469008 
_entity_src_gen.host_org_genus                     ? 
_entity_src_gen.pdbx_host_org_gene                 ? 
_entity_src_gen.pdbx_host_org_organ                ? 
_entity_src_gen.host_org_species                   ? 
_entity_src_gen.pdbx_host_org_tissue               ? 
_entity_src_gen.pdbx_host_org_tissue_fraction      ? 
_entity_src_gen.pdbx_host_org_strain               'BL21 DE3 RIPL' 
_entity_src_gen.pdbx_host_org_variant              ? 
_entity_src_gen.pdbx_host_org_cell_line            ? 
_entity_src_gen.pdbx_host_org_atcc                 ? 
_entity_src_gen.pdbx_host_org_culture_collection   ? 
_entity_src_gen.pdbx_host_org_cell                 ? 
_entity_src_gen.pdbx_host_org_organelle            ? 
_entity_src_gen.pdbx_host_org_cellular_location    ? 
_entity_src_gen.pdbx_host_org_vector_type          plasmid 
_entity_src_gen.pdbx_host_org_vector               ? 
_entity_src_gen.host_org_details                   ? 
_entity_src_gen.expression_system_id               ? 
_entity_src_gen.plasmid_name                       pSMT3 
_entity_src_gen.plasmid_details                    ? 
_entity_src_gen.pdbx_description                   ? 
# 
loop_
_chem_comp.id 
_chem_comp.type 
_chem_comp.mon_nstd_flag 
_chem_comp.name 
_chem_comp.pdbx_synonyms 
_chem_comp.formula 
_chem_comp.formula_weight 
ALA 'L-peptide linking' y ALANINE         ? 'C3 H7 N O2'     89.093  
ARG 'L-peptide linking' y ARGININE        ? 'C6 H15 N4 O2 1' 175.209 
ASN 'L-peptide linking' y ASPARAGINE      ? 'C4 H8 N2 O3'    132.118 
ASP 'L-peptide linking' y 'ASPARTIC ACID' ? 'C4 H7 N O4'     133.103 
GLN 'L-peptide linking' y GLUTAMINE       ? 'C5 H10 N2 O3'   146.144 
GLU 'L-peptide linking' y 'GLUTAMIC ACID' ? 'C5 H9 N O4'     147.129 
GLY 'peptide linking'   y GLYCINE         ? 'C2 H5 N O2'     75.067  
HIS 'L-peptide linking' y HISTIDINE       ? 'C6 H10 N3 O2 1' 156.162 
HOH non-polymer         . WATER           ? 'H2 O'           18.015  
ILE 'L-peptide linking' y ISOLEUCINE      ? 'C6 H13 N O2'    131.173 
LEU 'L-peptide linking' y LEUCINE         ? 'C6 H13 N O2'    131.173 
LYS 'L-peptide linking' y LYSINE          ? 'C6 H15 N2 O2 1' 147.195 
MET 'L-peptide linking' y METHIONINE      ? 'C5 H11 N O2 S'  149.211 
PHE 'L-peptide linking' y PHENYLALANINE   ? 'C9 H11 N O2'    165.189 
PRO 'L-peptide linking' y PROLINE         ? 'C5 H9 N O2'     115.130 
SER 'L-peptide linking' y SERINE          ? 'C3 H7 N O3'     105.093 
THR 'L-peptide linking' y THREONINE       ? 'C4 H9 N O3'     119.119 
TRP 'L-peptide linking' y TRYPTOPHAN      ? 'C11 H12 N2 O2'  204.225 
TYR 'L-peptide linking' y TYROSINE        ? 'C9 H11 N O3'    181.189 
VAL 'L-peptide linking' y VALINE          ? 'C5 H11 N O2'    117.146 
# 
loop_
_pdbx_poly_seq_scheme.asym_id 
_pdbx_poly_seq_scheme.entity_id 
_pdbx_poly_seq_scheme.seq_id 
_pdbx_poly_seq_scheme.mon_id 
_pdbx_poly_seq_scheme.ndb_seq_num 
_pdbx_poly_seq_scheme.pdb_seq_num 
_pdbx_poly_seq_scheme.auth_seq_num 
_pdbx_poly_seq_scheme.pdb_mon_id 
_pdbx_poly_seq_scheme.auth_mon_id 
_pdbx_poly_seq_scheme.pdb_strand_id 
_pdbx_poly_seq_scheme.pdb_ins_code 
_pdbx_poly_seq_scheme.hetero 
A 1 1   SER 1   45  45  SER SER A . n 
A 1 2   THR 2   46  46  THR THR A . n 
A 1 3   PRO 3   47  47  PRO PRO A . n 
A 1 4   LYS 4   48  48  LYS LYS A . n 
A 1 5   LYS 5   49  49  LYS LYS A . n 
A 1 6   ASN 6   50  50  ASN ASN A . n 
A 1 7   ILE 7   51  51  ILE ILE A . n 
A 1 8   SER 8   52  52  SER SER A . n 
A 1 9   LYS 9   53  53  LYS LYS A . n 
A 1 10  GLY 10  54  54  GLY GLY A . n 
A 1 11  ALA 11  55  55  ALA ALA A . n 
A 1 12  VAL 12  56  56  VAL VAL A . n 
A 1 13  LEU 13  57  57  LEU LEU A . n 
A 1 14  HIS 14  58  58  HIS HIS A . n 
A 1 15  GLU 15  59  59  GLU GLU A . n 
A 1 16  LYS 16  60  60  LYS LYS A . n 
A 1 17  PRO 17  61  61  PRO PRO A . n 
A 1 18  MET 18  62  62  MET MET A . n 
A 1 19  THR 19  63  63  THR THR A . n 
A 1 20  VAL 20  64  64  VAL VAL A . n 
A 1 21  MET 21  65  65  MET MET A . n 
A 1 22  VAL 22  66  66  VAL VAL A . n 
A 1 23  LEU 23  67  67  LEU LEU A . n 
A 1 24  THR 24  68  68  THR THR A . n 
A 1 25  ALA 25  69  69  ALA ALA A . n 
A 1 26  THR 26  70  70  THR THR A . n 
A 1 27  GLU 27  71  71  GLU GLU A . n 
A 1 28  PRO 28  72  72  PRO PRO A . n 
A 1 29  PHE 29  73  73  PHE PHE A . n 
A 1 30  ASN 30  74  74  ASN ASN A . n 
A 1 31  TYR 31  75  75  TYR TYR A . n 
A 1 32  LYS 32  76  76  LYS LYS A . n 
A 1 33  GLU 33  77  77  GLU GLU A . n 
A 1 34  GLY 34  78  78  GLY GLY A . n 
A 1 35  LYS 35  79  79  LYS LYS A . n 
A 1 36  GLU 36  80  80  GLU GLU A . n 
A 1 37  ASN 37  81  81  ASN ASN A . n 
A 1 38  MET 38  82  82  MET MET A . n 
A 1 39  PHE 39  83  83  PHE PHE A . n 
A 1 40  HIS 40  84  84  HIS HIS A . n 
A 1 41  ALA 41  85  85  ALA ALA A . n 
A 1 42  THR 42  86  86  THR THR A . n 
A 1 43  VAL 43  87  87  VAL VAL A . n 
A 1 44  ALA 44  88  88  ALA ALA A . n 
A 1 45  THR 45  89  89  THR THR A . n 
A 1 46  GLU 46  90  90  GLU GLU A . n 
A 1 47  SER 47  91  91  SER SER A . n 
A 1 48  LYS 48  92  92  LYS LYS A . n 
A 1 49  TYR 49  93  93  TYR TYR A . n 
A 1 50  TYR 50  94  94  TYR TYR A . n 
A 1 51  ARG 51  95  95  ARG ARG A . n 
A 1 52  VAL 52  96  96  VAL VAL A . n 
A 1 53  LYS 53  97  97  LYS LYS A . n 
A 1 54  VAL 54  98  98  VAL VAL A . n 
A 1 55  PHE 55  99  99  PHE PHE A . n 
A 1 56  ASN 56  100 100 ASN ASN A . n 
A 1 57  MET 57  101 101 MET MET A . n 
A 1 58  ASP 58  102 102 ASP ASP A . n 
A 1 59  LEU 59  103 103 LEU LEU A . n 
A 1 60  LYS 60  104 104 LYS LYS A . n 
A 1 61  GLU 61  105 105 GLU GLU A . n 
A 1 62  LYS 62  106 106 LYS LYS A . n 
A 1 63  PHE 63  107 107 PHE PHE A . n 
A 1 64  THR 64  108 108 THR THR A . n 
A 1 65  GLU 65  109 109 GLU GLU A . n 
A 1 66  ASN 66  110 110 ASN ASN A . n 
A 1 67  GLN 67  111 111 GLN GLN A . n 
A 1 68  PHE 68  112 112 PHE PHE A . n 
A 1 69  ILE 69  113 113 ILE ILE A . n 
A 1 70  THR 70  114 114 THR THR A . n 
A 1 71  ILE 71  115 115 ILE ILE A . n 
A 1 72  SER 72  116 116 SER SER A . n 
A 1 73  LYS 73  117 117 LYS LYS A . n 
A 1 74  TYR 74  118 118 TYR TYR A . n 
A 1 75  PHE 75  119 119 PHE PHE A . n 
A 1 76  ASN 76  120 120 ASN ASN A . n 
A 1 77  SER 77  121 121 SER SER A . n 
A 1 78  SER 78  122 122 SER SER A . n 
A 1 79  GLY 79  123 123 GLY GLY A . n 
A 1 80  ILE 80  124 124 ILE ILE A . n 
A 1 81  LEU 81  125 125 LEU LEU A . n 
A 1 82  GLU 82  126 126 GLU GLU A . n 
A 1 83  ILE 83  127 127 ILE ILE A . n 
A 1 84  ASN 84  128 128 ASN ASN A . n 
A 1 85  GLU 85  129 129 GLU GLU A . n 
A 1 86  THR 86  130 130 THR THR A . n 
A 1 87  ALA 87  131 131 ALA ALA A . n 
A 1 88  THR 88  132 132 THR THR A . n 
A 1 89  VAL 89  133 133 VAL VAL A . n 
A 1 90  SER 90  134 134 SER SER A . n 
A 1 91  GLU 91  135 135 GLU GLU A . n 
A 1 92  ALA 92  136 136 ALA ALA A . n 
A 1 93  ALA 93  137 137 ALA ALA A . n 
A 1 94  PRO 94  138 138 PRO PRO A . n 
A 1 95  ASN 95  139 139 ASN ASN A . n 
A 1 96  GLN 96  140 140 GLN GLN A . n 
A 1 97  MET 97  141 141 MET MET A . n 
A 1 98  PHE 98  142 142 PHE PHE A . n 
A 1 99  GLU 99  143 143 GLU GLU A . n 
A 1 100 VAL 100 144 144 VAL VAL A . n 
A 1 101 PRO 101 145 145 PRO PRO A . n 
A 1 102 LYS 102 146 146 LYS LYS A . n 
A 1 103 ASN 103 147 147 ASN ASN A . n 
A 1 104 ILE 104 148 148 ILE ILE A . n 
A 1 105 ILE 105 149 149 ILE ILE A . n 
A 1 106 ARG 106 150 150 ARG ARG A . n 
A 1 107 SER 107 151 151 SER SER A . n 
A 1 108 ALA 108 152 152 ALA ALA A . n 
A 1 109 LYS 109 153 153 LYS LYS A . n 
A 1 110 GLU 110 154 154 GLU GLU A . n 
A 1 111 THR 111 155 155 THR THR A . n 
A 1 112 LEU 112 156 156 LEU LEU A . n 
A 1 113 LYS 113 157 157 LYS LYS A . n 
A 1 114 ILE 114 158 158 ILE ILE A . n 
A 1 115 SER 115 159 159 SER SER A . n 
A 1 116 LYS 116 160 160 LYS LYS A . n 
A 1 117 ILE 117 161 161 ILE ILE A . n 
A 1 118 LYS 118 162 162 LYS LYS A . n 
A 1 119 GLU 119 163 163 GLU GLU A . n 
A 1 120 LEU 120 164 164 LEU LEU A . n 
A 1 121 ASP 121 165 165 ASP ASP A . n 
A 1 122 SER 122 166 166 SER SER A . n 
A 1 123 GLY 123 167 167 GLY GLY A . n 
A 1 124 THR 124 168 168 THR THR A . n 
A 1 125 LEU 125 169 169 LEU LEU A . n 
A 1 126 ILE 126 170 170 ILE ILE A . n 
A 1 127 TYR 127 171 171 TYR TYR A . n 
A 1 128 GLY 128 172 172 GLY GLY A . n 
A 1 129 VAL 129 173 173 VAL VAL A . n 
A 1 130 PHE 130 174 174 PHE PHE A . n 
A 1 131 ALA 131 175 175 ALA ALA A . n 
A 1 132 VAL 132 176 176 VAL VAL A . n 
A 1 133 GLU 133 177 177 GLU GLU A . n 
A 1 134 LYS 134 178 178 LYS LYS A . n 
A 1 135 LYS 135 179 179 LYS LYS A . n 
A 1 136 LYS 136 180 180 LYS LYS A . n 
A 1 137 VAL 137 181 181 VAL VAL A . n 
A 1 138 ASN 138 182 182 ASN ASN A . n 
A 1 139 ASP 139 183 183 ASP ASP A . n 
A 1 140 LYS 140 184 184 LYS LYS A . n 
A 1 141 SER 141 185 185 SER SER A . n 
A 1 142 ILE 142 186 186 ILE ILE A . n 
A 1 143 THR 143 187 187 THR THR A . n 
A 1 144 PHE 144 188 188 PHE PHE A . n 
A 1 145 LYS 145 189 189 LYS LYS A . n 
A 1 146 ILE 146 190 190 ILE ILE A . n 
A 1 147 LYS 147 191 191 LYS LYS A . n 
A 1 148 ASP 148 192 192 ASP ASP A . n 
A 1 149 ASN 149 193 193 ASN ASN A . n 
A 1 150 GLU 150 194 194 GLU GLU A . n 
A 1 151 ASP 151 195 195 ASP ASP A . n 
A 1 152 ASN 152 196 196 ASN ASN A . n 
A 1 153 ILE 153 197 197 ILE ILE A . n 
A 1 154 LYS 154 198 198 LYS LYS A . n 
A 1 155 VAL 155 199 199 VAL VAL A . n 
A 1 156 VAL 156 200 200 VAL VAL A . n 
A 1 157 TRP 157 201 201 TRP TRP A . n 
A 1 158 ASP 158 202 202 ASP ASP A . n 
A 1 159 LYS 159 203 203 LYS LYS A . n 
A 1 160 GLU 160 204 204 GLU GLU A . n 
A 1 161 GLN 161 205 205 GLN GLN A . n 
A 1 162 HIS 162 206 206 HIS HIS A . n 
A 1 163 ASN 163 207 207 ASN ASN A . n 
A 1 164 ILE 164 208 208 ILE ILE A . n 
A 1 165 ASN 165 209 209 ASN ASN A . n 
A 1 166 TYR 166 210 210 TYR TYR A . n 
A 1 167 GLU 167 211 211 GLU GLU A . n 
A 1 168 LYS 168 212 212 LYS LYS A . n 
A 1 169 GLY 169 213 213 GLY GLY A . n 
A 1 170 ASP 170 214 214 ASP ASP A . n 
A 1 171 LYS 171 215 215 LYS LYS A . n 
A 1 172 LEU 172 216 216 LEU LEU A . n 
A 1 173 GLN 173 217 217 GLN GLN A . n 
A 1 174 LEU 174 218 218 LEU LEU A . n 
A 1 175 PHE 175 219 219 PHE PHE A . n 
A 1 176 SER 176 220 220 SER SER A . n 
A 1 177 PHE 177 221 221 PHE PHE A . n 
A 1 178 HIS 178 222 222 HIS HIS A . n 
A 1 179 LEU 179 223 223 LEU LEU A . n 
A 1 180 ARG 180 224 224 ARG ARG A . n 
A 1 181 LYS 181 225 225 LYS LYS A . n 
A 1 182 GLY 182 226 226 GLY GLY A . n 
A 1 183 ASN 183 227 227 ASN ASN A . n 
A 1 184 GLY 184 228 228 GLY GLY A . n 
A 1 185 LYS 185 229 229 LYS LYS A . n 
A 1 186 PRO 186 230 230 PRO PRO A . n 
A 1 187 ILE 187 231 231 ILE ILE A . n 
A 1 188 LEU 188 232 232 LEU LEU A . n 
A 1 189 HIS 189 233 233 HIS HIS A . n 
A 1 190 SER 190 234 234 SER SER A . n 
A 1 191 GLY 191 235 235 GLY GLY A . n 
A 1 192 ASN 192 236 236 ASN ASN A . n 
A 1 193 HIS 193 237 237 HIS HIS A . n 
A 1 194 SER 194 238 238 SER SER A . n 
A 1 195 PHE 195 239 239 PHE PHE A . n 
A 1 196 ILE 196 240 240 ILE ILE A . n 
A 1 197 LYS 197 241 241 LYS LYS A . n 
A 1 198 GLY 198 242 242 GLY GLY A . n 
A 1 199 GLU 199 243 243 GLU GLU A . n 
# 
loop_
_pdbx_nonpoly_scheme.asym_id 
_pdbx_nonpoly_scheme.entity_id 
_pdbx_nonpoly_scheme.mon_id 
_pdbx_nonpoly_scheme.ndb_seq_num 
_pdbx_nonpoly_scheme.pdb_seq_num 
_pdbx_nonpoly_scheme.auth_seq_num 
_pdbx_nonpoly_scheme.pdb_mon_id 
_pdbx_nonpoly_scheme.auth_mon_id 
_pdbx_nonpoly_scheme.pdb_strand_id 
_pdbx_nonpoly_scheme.pdb_ins_code 
B 2 HOH 1   301 1   HOH HOH A . 
B 2 HOH 2   302 2   HOH HOH A . 
B 2 HOH 3   303 3   HOH HOH A . 
B 2 HOH 4   304 4   HOH HOH A . 
B 2 HOH 5   305 5   HOH HOH A . 
B 2 HOH 6   306 6   HOH HOH A . 
B 2 HOH 7   307 7   HOH HOH A . 
B 2 HOH 8   308 8   HOH HOH A . 
B 2 HOH 9   309 9   HOH HOH A . 
B 2 HOH 10  310 10  HOH HOH A . 
B 2 HOH 11  311 11  HOH HOH A . 
B 2 HOH 12  312 12  HOH HOH A . 
B 2 HOH 13  313 13  HOH HOH A . 
B 2 HOH 14  314 14  HOH HOH A . 
B 2 HOH 15  315 15  HOH HOH A . 
B 2 HOH 16  316 16  HOH HOH A . 
B 2 HOH 17  317 17  HOH HOH A . 
B 2 HOH 18  318 18  HOH HOH A . 
B 2 HOH 19  319 19  HOH HOH A . 
B 2 HOH 20  320 20  HOH HOH A . 
B 2 HOH 21  321 21  HOH HOH A . 
B 2 HOH 22  322 22  HOH HOH A . 
B 2 HOH 23  323 23  HOH HOH A . 
B 2 HOH 24  324 24  HOH HOH A . 
B 2 HOH 25  325 25  HOH HOH A . 
B 2 HOH 26  326 26  HOH HOH A . 
B 2 HOH 27  327 27  HOH HOH A . 
B 2 HOH 28  328 28  HOH HOH A . 
B 2 HOH 29  329 29  HOH HOH A . 
B 2 HOH 30  330 30  HOH HOH A . 
B 2 HOH 31  331 31  HOH HOH A . 
B 2 HOH 32  332 32  HOH HOH A . 
B 2 HOH 33  333 33  HOH HOH A . 
B 2 HOH 34  334 34  HOH HOH A . 
B 2 HOH 35  335 35  HOH HOH A . 
B 2 HOH 36  336 36  HOH HOH A . 
B 2 HOH 37  337 37  HOH HOH A . 
B 2 HOH 38  338 38  HOH HOH A . 
B 2 HOH 39  339 39  HOH HOH A . 
B 2 HOH 40  340 40  HOH HOH A . 
B 2 HOH 41  341 41  HOH HOH A . 
B 2 HOH 42  342 42  HOH HOH A . 
B 2 HOH 43  343 43  HOH HOH A . 
B 2 HOH 44  344 44  HOH HOH A . 
B 2 HOH 45  345 45  HOH HOH A . 
B 2 HOH 46  346 46  HOH HOH A . 
B 2 HOH 47  347 47  HOH HOH A . 
B 2 HOH 48  348 48  HOH HOH A . 
B 2 HOH 49  349 49  HOH HOH A . 
B 2 HOH 50  350 50  HOH HOH A . 
B 2 HOH 51  351 51  HOH HOH A . 
B 2 HOH 52  352 52  HOH HOH A . 
B 2 HOH 53  353 53  HOH HOH A . 
B 2 HOH 54  354 54  HOH HOH A . 
B 2 HOH 55  355 55  HOH HOH A . 
B 2 HOH 56  356 56  HOH HOH A . 
B 2 HOH 57  357 57  HOH HOH A . 
B 2 HOH 58  358 58  HOH HOH A . 
B 2 HOH 59  359 59  HOH HOH A . 
B 2 HOH 60  360 60  HOH HOH A . 
B 2 HOH 61  361 61  HOH HOH A . 
B 2 HOH 62  362 62  HOH HOH A . 
B 2 HOH 63  363 63  HOH HOH A . 
B 2 HOH 64  364 64  HOH HOH A . 
B 2 HOH 65  365 65  HOH HOH A . 
B 2 HOH 66  366 66  HOH HOH A . 
B 2 HOH 67  367 67  HOH HOH A . 
B 2 HOH 68  368 68  HOH HOH A . 
B 2 HOH 69  369 69  HOH HOH A . 
B 2 HOH 70  370 70  HOH HOH A . 
B 2 HOH 71  371 71  HOH HOH A . 
B 2 HOH 72  372 72  HOH HOH A . 
B 2 HOH 73  373 73  HOH HOH A . 
B 2 HOH 74  374 74  HOH HOH A . 
B 2 HOH 75  375 75  HOH HOH A . 
B 2 HOH 76  376 76  HOH HOH A . 
B 2 HOH 77  377 77  HOH HOH A . 
B 2 HOH 78  378 78  HOH HOH A . 
B 2 HOH 79  379 79  HOH HOH A . 
B 2 HOH 80  380 80  HOH HOH A . 
B 2 HOH 81  381 81  HOH HOH A . 
B 2 HOH 82  382 82  HOH HOH A . 
B 2 HOH 83  383 83  HOH HOH A . 
B 2 HOH 84  384 84  HOH HOH A . 
B 2 HOH 85  385 85  HOH HOH A . 
B 2 HOH 86  386 86  HOH HOH A . 
B 2 HOH 87  387 87  HOH HOH A . 
B 2 HOH 88  388 88  HOH HOH A . 
B 2 HOH 89  389 89  HOH HOH A . 
B 2 HOH 90  390 90  HOH HOH A . 
B 2 HOH 91  391 91  HOH HOH A . 
B 2 HOH 92  392 92  HOH HOH A . 
B 2 HOH 93  393 93  HOH HOH A . 
B 2 HOH 94  394 94  HOH HOH A . 
B 2 HOH 95  395 95  HOH HOH A . 
B 2 HOH 96  396 96  HOH HOH A . 
B 2 HOH 97  397 97  HOH HOH A . 
B 2 HOH 98  398 98  HOH HOH A . 
B 2 HOH 99  399 99  HOH HOH A . 
B 2 HOH 100 400 100 HOH HOH A . 
B 2 HOH 101 401 101 HOH HOH A . 
B 2 HOH 102 402 102 HOH HOH A . 
B 2 HOH 103 403 103 HOH HOH A . 
B 2 HOH 104 404 104 HOH HOH A . 
B 2 HOH 105 405 105 HOH HOH A . 
B 2 HOH 106 406 106 HOH HOH A . 
B 2 HOH 107 407 107 HOH HOH A . 
B 2 HOH 108 408 108 HOH HOH A . 
B 2 HOH 109 409 109 HOH HOH A . 
B 2 HOH 110 410 110 HOH HOH A . 
B 2 HOH 111 411 111 HOH HOH A . 
B 2 HOH 112 412 112 HOH HOH A . 
B 2 HOH 113 413 113 HOH HOH A . 
B 2 HOH 114 414 114 HOH HOH A . 
B 2 HOH 115 415 115 HOH HOH A . 
B 2 HOH 116 416 116 HOH HOH A . 
# 
loop_
_software.name 
_software.classification 
_software.version 
_software.citation_id 
_software.pdbx_ordinal 
ADSC     'data collection' Quantum                       ? 1 
SHELXS   phasing           .                             ? 2 
PHENIX   refinement        '(phenix.refine: 1.8.1_1168)' ? 3 
HKL-2000 'data reduction'  .                             ? 4 
HKL-2000 'data scaling'    .                             ? 5 
# 
_cell.entry_id           4L5Q 
_cell.length_a           71.544 
_cell.length_b           76.161 
_cell.length_c           45.838 
_cell.angle_alpha        90.00 
_cell.angle_beta         90.00 
_cell.angle_gamma        90.00 
_cell.Z_PDB              4 
_cell.pdbx_unique_axis   ? 
_cell.length_a_esd       ? 
_cell.length_b_esd       ? 
_cell.length_c_esd       ? 
_cell.angle_alpha_esd    ? 
_cell.angle_beta_esd     ? 
_cell.angle_gamma_esd    ? 
# 
_symmetry.entry_id                         4L5Q 
_symmetry.space_group_name_H-M             'P 21 21 2' 
_symmetry.pdbx_full_space_group_name_H-M   ? 
_symmetry.cell_setting                     ? 
_symmetry.Int_Tables_number                18 
_symmetry.space_group_name_Hall            ? 
# 
_exptl.entry_id          4L5Q 
_exptl.method            'X-RAY DIFFRACTION' 
_exptl.crystals_number   1 
# 
_exptl_crystal.id                    1 
_exptl_crystal.density_meas          ? 
_exptl_crystal.density_Matthews      2.74 
_exptl_crystal.density_percent_sol   55.11 
_exptl_crystal.description           ? 
_exptl_crystal.F_000                 ? 
_exptl_crystal.preparation           ? 
# 
_exptl_crystal_grow.crystal_id      1 
_exptl_crystal_grow.method          'VAPOR DIFFUSION, HANGING DROP' 
_exptl_crystal_grow.temp            293 
_exptl_crystal_grow.temp_details    ? 
_exptl_crystal_grow.pH              5.7 
_exptl_crystal_grow.pdbx_details    
;23-25% PEG 3350, 0.1 M Bis-Tris  
pH 5.6-5.8 and 0.2 M ammonium sulfate, VAPOR DIFFUSION, HANGING DROP, temperature 293K
;
_exptl_crystal_grow.pdbx_pH_range   ? 
# 
_diffrn.id                     1 
_diffrn.ambient_temp           100 
_diffrn.ambient_temp_details   ? 
_diffrn.crystal_id             1 
# 
_diffrn_detector.diffrn_id              1 
_diffrn_detector.detector               PIXEL 
_diffrn_detector.type                   'DECTRIS PILATUS 6M' 
_diffrn_detector.pdbx_collection_date   2011-06-17 
_diffrn_detector.details                ? 
# 
_diffrn_radiation.diffrn_id                        1 
_diffrn_radiation.wavelength_id                    1 
_diffrn_radiation.pdbx_monochromatic_or_laue_m_l   M 
_diffrn_radiation.monochromator                    'Si(111)' 
_diffrn_radiation.pdbx_diffrn_protocol             'SINGLE WAVELENGTH' 
_diffrn_radiation.pdbx_scattering_type             x-ray 
# 
_diffrn_radiation_wavelength.id           1 
_diffrn_radiation_wavelength.wavelength   0.9788 
_diffrn_radiation_wavelength.wt           1.0 
# 
_diffrn_source.diffrn_id                   1 
_diffrn_source.source                      SYNCHROTRON 
_diffrn_source.type                        'NSLS BEAMLINE X25' 
_diffrn_source.pdbx_synchrotron_site       NSLS 
_diffrn_source.pdbx_synchrotron_beamline   X25 
_diffrn_source.pdbx_wavelength             ? 
_diffrn_source.pdbx_wavelength_list        0.9788 
# 
_reflns.entry_id                     4L5Q 
_reflns.observed_criterion_sigma_I   5 
_reflns.observed_criterion_sigma_F   5 
_reflns.d_resolution_low             50 
_reflns.d_resolution_high            2.23 
_reflns.number_obs                   ? 
_reflns.number_all                   79801 
_reflns.percent_possible_obs         100 
_reflns.pdbx_Rmerge_I_obs            ? 
_reflns.pdbx_Rsym_value              ? 
_reflns.pdbx_netI_over_sigmaI        ? 
_reflns.B_iso_Wilson_estimate        ? 
_reflns.pdbx_redundancy              ? 
_reflns.R_free_details               ? 
_reflns.limit_h_max                  ? 
_reflns.limit_h_min                  ? 
_reflns.limit_k_max                  ? 
_reflns.limit_k_min                  ? 
_reflns.limit_l_max                  ? 
_reflns.limit_l_min                  ? 
_reflns.observed_criterion_F_max     ? 
_reflns.observed_criterion_F_min     ? 
_reflns.pdbx_chi_squared             ? 
_reflns.pdbx_scaling_rejects         ? 
_reflns.pdbx_ordinal                 1 
_reflns.pdbx_diffrn_id               1 
# 
_refine.entry_id                                 4L5Q 
_refine.ls_number_reflns_obs                     12643 
_refine.ls_number_reflns_all                     12754 
_refine.pdbx_ls_sigma_I                          ? 
_refine.pdbx_ls_sigma_F                          1.38 
_refine.pdbx_data_cutoff_high_absF               ? 
_refine.pdbx_data_cutoff_low_absF                ? 
_refine.pdbx_data_cutoff_high_rms_absF           ? 
_refine.ls_d_res_low                             45.838 
_refine.ls_d_res_high                            2.230 
_refine.ls_percent_reflns_obs                    99.13 
_refine.ls_R_factor_obs                          0.1990 
_refine.ls_R_factor_all                          0.20 
_refine.ls_R_factor_R_work                       0.1969 
_refine.ls_R_factor_R_free                       0.2399 
_refine.ls_R_factor_R_free_error                 ? 
_refine.ls_R_factor_R_free_error_details         ? 
_refine.ls_percent_reflns_R_free                 4.90 
_refine.ls_number_reflns_R_free                  619 
_refine.ls_number_parameters                     ? 
_refine.ls_number_restraints                     ? 
_refine.occupancy_min                            ? 
_refine.occupancy_max                            ? 
_refine.correlation_coeff_Fo_to_Fc               ? 
_refine.correlation_coeff_Fo_to_Fc_free          ? 
_refine.B_iso_mean                               ? 
_refine.aniso_B[1][1]                            ? 
_refine.aniso_B[2][2]                            ? 
_refine.aniso_B[3][3]                            ? 
_refine.aniso_B[1][2]                            ? 
_refine.aniso_B[1][3]                            ? 
_refine.aniso_B[2][3]                            ? 
_refine.solvent_model_details                    'FLAT BULK SOLVENT MODEL' 
_refine.solvent_model_param_ksol                 ? 
_refine.solvent_model_param_bsol                 ? 
_refine.pdbx_solvent_vdw_probe_radii             1.11 
_refine.pdbx_solvent_ion_probe_radii             ? 
_refine.pdbx_solvent_shrinkage_radii             0.90 
_refine.pdbx_ls_cross_valid_method               ? 
_refine.details                                  ? 
_refine.pdbx_starting_model                      ? 
_refine.pdbx_method_to_determine_struct          SAD 
_refine.pdbx_isotropic_thermal_model             ? 
_refine.pdbx_stereochemistry_target_values       ML 
_refine.pdbx_stereochem_target_val_spec_case     ? 
_refine.pdbx_R_Free_selection_details            Random 
_refine.pdbx_overall_ESU_R                       ? 
_refine.pdbx_overall_ESU_R_Free                  ? 
_refine.overall_SU_ML                            0.16 
_refine.pdbx_overall_phase_error                 22.54 
_refine.overall_SU_B                             ? 
_refine.overall_SU_R_Cruickshank_DPI             ? 
_refine.ls_redundancy_reflns_obs                 ? 
_refine.B_iso_min                                ? 
_refine.B_iso_max                                ? 
_refine.overall_SU_R_free                        ? 
_refine.ls_wR_factor_R_free                      ? 
_refine.ls_wR_factor_R_work                      ? 
_refine.overall_FOM_free_R_set                   ? 
_refine.overall_FOM_work_R_set                   ? 
_refine.pdbx_diffrn_id                           1 
_refine.pdbx_refine_id                           'X-RAY DIFFRACTION' 
_refine.pdbx_TLS_residual_ADP_flag               ? 
_refine.pdbx_overall_SU_R_free_Cruickshank_DPI   ? 
_refine.pdbx_overall_SU_R_Blow_DPI               ? 
_refine.pdbx_overall_SU_R_free_Blow_DPI          ? 
# 
_refine_hist.pdbx_refine_id                   'X-RAY DIFFRACTION' 
_refine_hist.cycle_id                         LAST 
_refine_hist.pdbx_number_atoms_protein        1604 
_refine_hist.pdbx_number_atoms_nucleic_acid   0 
_refine_hist.pdbx_number_atoms_ligand         0 
_refine_hist.number_atoms_solvent             116 
_refine_hist.number_atoms_total               1720 
_refine_hist.d_res_high                       2.230 
_refine_hist.d_res_low                        45.838 
# 
loop_
_refine_ls_restr.type 
_refine_ls_restr.dev_ideal 
_refine_ls_restr.dev_ideal_target 
_refine_ls_restr.weight 
_refine_ls_restr.number 
_refine_ls_restr.pdbx_restraint_function 
_refine_ls_restr.pdbx_refine_id 
f_bond_d           0.006  ? ? 1635 ? 'X-RAY DIFFRACTION' 
f_angle_d          1.049  ? ? 2194 ? 'X-RAY DIFFRACTION' 
f_dihedral_angle_d 14.495 ? ? 625  ? 'X-RAY DIFFRACTION' 
f_chiral_restr     0.079  ? ? 242  ? 'X-RAY DIFFRACTION' 
f_plane_restr      0.004  ? ? 278  ? 'X-RAY DIFFRACTION' 
# 
loop_
_refine_ls_shell.pdbx_total_number_of_bins_used 
_refine_ls_shell.d_res_high 
_refine_ls_shell.d_res_low 
_refine_ls_shell.number_reflns_R_work 
_refine_ls_shell.R_factor_R_work 
_refine_ls_shell.percent_reflns_obs 
_refine_ls_shell.R_factor_R_free 
_refine_ls_shell.R_factor_R_free_error 
_refine_ls_shell.percent_reflns_R_free 
_refine_ls_shell.number_reflns_R_free 
_refine_ls_shell.number_reflns_all 
_refine_ls_shell.R_factor_all 
_refine_ls_shell.number_reflns_obs 
_refine_ls_shell.redundancy_reflns_obs 
_refine_ls_shell.pdbx_refine_id 
. 2.2297 2.4541  2857 0.2203 97.00  0.2537 . . 153 . . . . 'X-RAY DIFFRACTION' 
. 2.4541 2.8091  2988 0.2151 100.00 0.3167 . . 143 . . . . 'X-RAY DIFFRACTION' 
. 2.8091 3.5390  3009 0.2016 100.00 0.2198 . . 170 . . . . 'X-RAY DIFFRACTION' 
. 3.5390 45.8477 3170 0.1832 100.00 0.2250 . . 153 . . . . 'X-RAY DIFFRACTION' 
# 
_struct.entry_id                  4L5Q 
_struct.title                     'Crystal structure of p202 HIN1' 
_struct.pdbx_model_details        ? 
_struct.pdbx_CASP_flag            ? 
_struct.pdbx_model_type_details   ? 
# 
_struct_keywords.entry_id        4L5Q 
_struct_keywords.pdbx_keywords   'DNA BINDING PROTEIN' 
_struct_keywords.text            'HIN200, tandem OB-folds, dsDNA binding, DNA BINDING PROTEIN' 
# 
loop_
_struct_asym.id 
_struct_asym.pdbx_blank_PDB_chainid_flag 
_struct_asym.pdbx_modified 
_struct_asym.entity_id 
_struct_asym.details 
A N N 1 ? 
B N N 2 ? 
# 
_struct_ref.id                         1 
_struct_ref.db_name                    UNP 
_struct_ref.db_code                    IFI2_MOUSE 
_struct_ref.pdbx_db_accession          Q9R002 
_struct_ref.entity_id                  1 
_struct_ref.pdbx_seq_one_letter_code   
;TPKKNISKGAVLHEKPMTVMVLTATEPFNYKEGKENMFHATVATESQYYRVKVFNMDLKEKFTENKFITISKYFNSSGIL
EINETATVSEAAPNQIIEVPKNIIRSAKETLKISKIKELDSGTLIYGVFAVEKKKVNDKSITFKIKDNEDNIKVVWDKKQ
HNINYEKGDKLQLFSFHLRKGNGKPILHSGNHSFIKGE
;
_struct_ref.pdbx_align_begin           46 
_struct_ref.pdbx_db_isoform            ? 
# 
_struct_ref_seq.align_id                      1 
_struct_ref_seq.ref_id                        1 
_struct_ref_seq.pdbx_PDB_id_code              4L5Q 
_struct_ref_seq.pdbx_strand_id                A 
_struct_ref_seq.seq_align_beg                 2 
_struct_ref_seq.pdbx_seq_align_beg_ins_code   ? 
_struct_ref_seq.seq_align_end                 199 
_struct_ref_seq.pdbx_seq_align_end_ins_code   ? 
_struct_ref_seq.pdbx_db_accession             Q9R002 
_struct_ref_seq.db_align_beg                  46 
_struct_ref_seq.pdbx_db_align_beg_ins_code    ? 
_struct_ref_seq.db_align_end                  243 
_struct_ref_seq.pdbx_db_align_end_ins_code    ? 
_struct_ref_seq.pdbx_auth_seq_align_beg       46 
_struct_ref_seq.pdbx_auth_seq_align_end       243 
# 
loop_
_struct_ref_seq_dif.align_id 
_struct_ref_seq_dif.pdbx_pdb_id_code 
_struct_ref_seq_dif.mon_id 
_struct_ref_seq_dif.pdbx_pdb_strand_id 
_struct_ref_seq_dif.seq_num 
_struct_ref_seq_dif.pdbx_pdb_ins_code 
_struct_ref_seq_dif.pdbx_seq_db_name 
_struct_ref_seq_dif.pdbx_seq_db_accession_code 
_struct_ref_seq_dif.db_mon_id 
_struct_ref_seq_dif.pdbx_seq_db_seq_num 
_struct_ref_seq_dif.details 
_struct_ref_seq_dif.pdbx_auth_seq_num 
_struct_ref_seq_dif.pdbx_ordinal 
1 4L5Q SER A 1   ? UNP Q9R002 ?   ?   'expression tag' 45  1 
1 4L5Q LYS A 48  ? UNP Q9R002 GLN 92  variant          92  2 
1 4L5Q GLN A 67  ? UNP Q9R002 LYS 111 variant          111 3 
1 4L5Q MET A 97  ? UNP Q9R002 ILE 141 variant          141 4 
1 4L5Q PHE A 98  ? UNP Q9R002 ILE 142 variant          142 5 
1 4L5Q GLU A 160 ? UNP Q9R002 LYS 204 variant          204 6 
# 
_pdbx_struct_assembly.id                   1 
_pdbx_struct_assembly.details              author_and_software_defined_assembly 
_pdbx_struct_assembly.method_details       PISA 
_pdbx_struct_assembly.oligomeric_details   monomeric 
_pdbx_struct_assembly.oligomeric_count     1 
# 
_pdbx_struct_assembly_gen.assembly_id       1 
_pdbx_struct_assembly_gen.oper_expression   1 
_pdbx_struct_assembly_gen.asym_id_list      A,B 
# 
_pdbx_struct_oper_list.id                   1 
_pdbx_struct_oper_list.type                 'identity operation' 
_pdbx_struct_oper_list.name                 1_555 
_pdbx_struct_oper_list.symmetry_operation   x,y,z 
_pdbx_struct_oper_list.matrix[1][1]         1.0000000000 
_pdbx_struct_oper_list.matrix[1][2]         0.0000000000 
_pdbx_struct_oper_list.matrix[1][3]         0.0000000000 
_pdbx_struct_oper_list.vector[1]            0.0000000000 
_pdbx_struct_oper_list.matrix[2][1]         0.0000000000 
_pdbx_struct_oper_list.matrix[2][2]         1.0000000000 
_pdbx_struct_oper_list.matrix[2][3]         0.0000000000 
_pdbx_struct_oper_list.vector[2]            0.0000000000 
_pdbx_struct_oper_list.matrix[3][1]         0.0000000000 
_pdbx_struct_oper_list.matrix[3][2]         0.0000000000 
_pdbx_struct_oper_list.matrix[3][3]         1.0000000000 
_pdbx_struct_oper_list.vector[3]            0.0000000000 
# 
_struct_biol.id        1 
_struct_biol.details   ? 
# 
loop_
_struct_conf.conf_type_id 
_struct_conf.id 
_struct_conf.pdbx_PDB_helix_id 
_struct_conf.beg_label_comp_id 
_struct_conf.beg_label_asym_id 
_struct_conf.beg_label_seq_id 
_struct_conf.pdbx_beg_PDB_ins_code 
_struct_conf.end_label_comp_id 
_struct_conf.end_label_asym_id 
_struct_conf.end_label_seq_id 
_struct_conf.pdbx_end_PDB_ins_code 
_struct_conf.beg_auth_comp_id 
_struct_conf.beg_auth_asym_id 
_struct_conf.beg_auth_seq_id 
_struct_conf.end_auth_comp_id 
_struct_conf.end_auth_asym_id 
_struct_conf.end_auth_seq_id 
_struct_conf.pdbx_PDB_helix_class 
_struct_conf.details 
_struct_conf.pdbx_PDB_helix_length 
HELX_P HELX_P1 1 ASN A 56  ? PHE A 63  ? ASN A 100 PHE A 107 5 ? 8 
HELX_P HELX_P2 2 ALA A 93  ? MET A 97  ? ALA A 137 MET A 141 5 ? 5 
HELX_P HELX_P3 3 PRO A 101 ? LYS A 109 ? PRO A 145 LYS A 153 1 ? 9 
HELX_P HELX_P4 4 LYS A 113 ? LYS A 118 ? LYS A 157 LYS A 162 1 ? 6 
# 
_struct_conf_type.id          HELX_P 
_struct_conf_type.criteria    ? 
_struct_conf_type.reference   ? 
# 
loop_
_struct_sheet.id 
_struct_sheet.type 
_struct_sheet.number_strands 
_struct_sheet.details 
A ? 8 ? 
B ? 7 ? 
# 
loop_
_struct_sheet_order.sheet_id 
_struct_sheet_order.range_id_1 
_struct_sheet_order.range_id_2 
_struct_sheet_order.offset 
_struct_sheet_order.sense 
A 1 2 ? anti-parallel 
A 2 3 ? anti-parallel 
A 3 4 ? parallel      
A 4 5 ? anti-parallel 
A 5 6 ? anti-parallel 
A 6 7 ? anti-parallel 
A 7 8 ? anti-parallel 
B 1 2 ? anti-parallel 
B 2 3 ? anti-parallel 
B 3 4 ? parallel      
B 4 5 ? anti-parallel 
B 5 6 ? anti-parallel 
B 6 7 ? anti-parallel 
# 
loop_
_struct_sheet_range.sheet_id 
_struct_sheet_range.id 
_struct_sheet_range.beg_label_comp_id 
_struct_sheet_range.beg_label_asym_id 
_struct_sheet_range.beg_label_seq_id 
_struct_sheet_range.pdbx_beg_PDB_ins_code 
_struct_sheet_range.end_label_comp_id 
_struct_sheet_range.end_label_asym_id 
_struct_sheet_range.end_label_seq_id 
_struct_sheet_range.pdbx_end_PDB_ins_code 
_struct_sheet_range.beg_auth_comp_id 
_struct_sheet_range.beg_auth_asym_id 
_struct_sheet_range.beg_auth_seq_id 
_struct_sheet_range.end_auth_comp_id 
_struct_sheet_range.end_auth_asym_id 
_struct_sheet_range.end_auth_seq_id 
A 1 VAL A 12  ? HIS A 14  ? VAL A 56  HIS A 58  
A 2 TYR A 74  ? SER A 77  ? TYR A 118 SER A 121 
A 3 ILE A 80  ? ILE A 83  ? ILE A 124 ILE A 127 
A 4 TYR A 49  ? VAL A 54  ? TYR A 93  VAL A 98  
A 5 PHE A 39  ? ALA A 44  ? PHE A 83  ALA A 88  
A 6 MET A 18  ? ALA A 25  ? MET A 62  ALA A 69  
A 7 PHE A 68  ? SER A 72  ? PHE A 112 SER A 116 
A 8 THR A 88  ? GLU A 91  ? THR A 132 GLU A 135 
B 1 PHE A 195 ? LYS A 197 ? PHE A 239 LYS A 241 
B 2 LYS A 171 ? ARG A 180 ? LYS A 215 ARG A 224 
B 3 ILE A 187 ? HIS A 189 ? ILE A 231 HIS A 233 
B 4 ASN A 152 ? TRP A 157 ? ASN A 196 TRP A 201 
B 5 SER A 141 ? LYS A 147 ? SER A 185 LYS A 191 
B 6 LEU A 125 ? ASN A 138 ? LEU A 169 ASN A 182 
B 7 LYS A 171 ? ARG A 180 ? LYS A 215 ARG A 224 
# 
loop_
_pdbx_struct_sheet_hbond.sheet_id 
_pdbx_struct_sheet_hbond.range_id_1 
_pdbx_struct_sheet_hbond.range_id_2 
_pdbx_struct_sheet_hbond.range_1_label_atom_id 
_pdbx_struct_sheet_hbond.range_1_label_comp_id 
_pdbx_struct_sheet_hbond.range_1_label_asym_id 
_pdbx_struct_sheet_hbond.range_1_label_seq_id 
_pdbx_struct_sheet_hbond.range_1_PDB_ins_code 
_pdbx_struct_sheet_hbond.range_1_auth_atom_id 
_pdbx_struct_sheet_hbond.range_1_auth_comp_id 
_pdbx_struct_sheet_hbond.range_1_auth_asym_id 
_pdbx_struct_sheet_hbond.range_1_auth_seq_id 
_pdbx_struct_sheet_hbond.range_2_label_atom_id 
_pdbx_struct_sheet_hbond.range_2_label_comp_id 
_pdbx_struct_sheet_hbond.range_2_label_asym_id 
_pdbx_struct_sheet_hbond.range_2_label_seq_id 
_pdbx_struct_sheet_hbond.range_2_PDB_ins_code 
_pdbx_struct_sheet_hbond.range_2_auth_atom_id 
_pdbx_struct_sheet_hbond.range_2_auth_comp_id 
_pdbx_struct_sheet_hbond.range_2_auth_asym_id 
_pdbx_struct_sheet_hbond.range_2_auth_seq_id 
A 1 2 N HIS A 14  ? N HIS A 58  O TYR A 74  ? O TYR A 118 
A 2 3 N PHE A 75  ? N PHE A 119 O GLU A 82  ? O GLU A 126 
A 3 4 O LEU A 81  ? O LEU A 125 N LYS A 53  ? N LYS A 97  
A 4 5 O VAL A 52  ? O VAL A 96  N ALA A 41  ? N ALA A 85  
A 5 6 O ALA A 44  ? O ALA A 88  N MET A 21  ? N MET A 65  
A 6 7 N VAL A 20  ? N VAL A 64  O ILE A 69  ? O ILE A 113 
A 7 8 N THR A 70  ? N THR A 114 O SER A 90  ? O SER A 134 
B 1 2 O LYS A 197 ? O LYS A 241 N GLN A 173 ? N GLN A 217 
B 2 3 N ARG A 180 ? N ARG A 224 O ILE A 187 ? O ILE A 231 
B 3 4 O LEU A 188 ? O LEU A 232 N VAL A 156 ? N VAL A 200 
B 4 5 O VAL A 155 ? O VAL A 199 N PHE A 144 ? N PHE A 188 
B 5 6 O LYS A 145 ? O LYS A 189 N GLU A 133 ? N GLU A 177 
B 6 7 N ILE A 126 ? N ILE A 170 O PHE A 177 ? O PHE A 221 
# 
loop_
_pdbx_validate_close_contact.id 
_pdbx_validate_close_contact.PDB_model_num 
_pdbx_validate_close_contact.auth_atom_id_1 
_pdbx_validate_close_contact.auth_asym_id_1 
_pdbx_validate_close_contact.auth_comp_id_1 
_pdbx_validate_close_contact.auth_seq_id_1 
_pdbx_validate_close_contact.PDB_ins_code_1 
_pdbx_validate_close_contact.label_alt_id_1 
_pdbx_validate_close_contact.auth_atom_id_2 
_pdbx_validate_close_contact.auth_asym_id_2 
_pdbx_validate_close_contact.auth_comp_id_2 
_pdbx_validate_close_contact.auth_seq_id_2 
_pdbx_validate_close_contact.PDB_ins_code_2 
_pdbx_validate_close_contact.label_alt_id_2 
_pdbx_validate_close_contact.dist 
1  1 O   A HOH 328 ? ? O A HOH 379 ? ? 1.83 
2  1 ND1 A HIS 206 ? ? O A HOH 360 ? ? 1.84 
3  1 N   A SER 45  ? ? O A HOH 406 ? ? 1.94 
4  1 O   A HOH 375 ? ? O A HOH 393 ? ? 1.95 
5  1 O   A HOH 373 ? ? O A HOH 393 ? ? 1.96 
6  1 O   A HOH 395 ? ? O A HOH 410 ? ? 1.97 
7  1 O   A HOH 382 ? ? O A HOH 405 ? ? 2.01 
8  1 O   A HOH 339 ? ? O A HOH 401 ? ? 2.12 
9  1 NZ  A LYS 203 ? ? O A HOH 353 ? ? 2.17 
10 1 ND2 A ASN 182 ? ? O A SER 185 ? ? 2.19 
# 
loop_
_pdbx_validate_symm_contact.id 
_pdbx_validate_symm_contact.PDB_model_num 
_pdbx_validate_symm_contact.auth_atom_id_1 
_pdbx_validate_symm_contact.auth_asym_id_1 
_pdbx_validate_symm_contact.auth_comp_id_1 
_pdbx_validate_symm_contact.auth_seq_id_1 
_pdbx_validate_symm_contact.PDB_ins_code_1 
_pdbx_validate_symm_contact.label_alt_id_1 
_pdbx_validate_symm_contact.site_symmetry_1 
_pdbx_validate_symm_contact.auth_atom_id_2 
_pdbx_validate_symm_contact.auth_asym_id_2 
_pdbx_validate_symm_contact.auth_comp_id_2 
_pdbx_validate_symm_contact.auth_seq_id_2 
_pdbx_validate_symm_contact.PDB_ins_code_2 
_pdbx_validate_symm_contact.label_alt_id_2 
_pdbx_validate_symm_contact.site_symmetry_2 
_pdbx_validate_symm_contact.dist 
1 1 O A HOH 378 ? ? 1_555 O A HOH 392 ? ? 4_456 1.52 
2 1 O A HOH 372 ? ? 1_555 O A HOH 406 ? ? 2_655 2.08 
# 
loop_
_pdbx_validate_torsion.id 
_pdbx_validate_torsion.PDB_model_num 
_pdbx_validate_torsion.auth_comp_id 
_pdbx_validate_torsion.auth_asym_id 
_pdbx_validate_torsion.auth_seq_id 
_pdbx_validate_torsion.PDB_ins_code 
_pdbx_validate_torsion.label_alt_id 
_pdbx_validate_torsion.phi 
_pdbx_validate_torsion.psi 
1 1 ASN A 50  ? ? 69.16   -0.41   
2 1 THR A 89  ? ? -103.53 -164.27 
3 1 ASN A 128 ? ? -121.87 -156.82 
4 1 SER A 185 ? ? -176.77 148.12  
5 1 ASP A 192 ? ? -124.86 -161.03 
6 1 LYS A 203 ? ? -103.17 -163.47 
7 1 GLN A 205 ? ? -109.70 56.69   
8 1 ILE A 208 ? ? -106.05 66.60   
# 
_pdbx_validate_peptide_omega.id               1 
_pdbx_validate_peptide_omega.PDB_model_num    1 
_pdbx_validate_peptide_omega.auth_comp_id_1   SER 
_pdbx_validate_peptide_omega.auth_asym_id_1   A 
_pdbx_validate_peptide_omega.auth_seq_id_1    45 
_pdbx_validate_peptide_omega.PDB_ins_code_1   ? 
_pdbx_validate_peptide_omega.label_alt_id_1   ? 
_pdbx_validate_peptide_omega.auth_comp_id_2   THR 
_pdbx_validate_peptide_omega.auth_asym_id_2   A 
_pdbx_validate_peptide_omega.auth_seq_id_2    46 
_pdbx_validate_peptide_omega.PDB_ins_code_2   ? 
_pdbx_validate_peptide_omega.label_alt_id_2   ? 
_pdbx_validate_peptide_omega.omega            138.25 
# 
_pdbx_struct_special_symmetry.id              1 
_pdbx_struct_special_symmetry.PDB_model_num   1 
_pdbx_struct_special_symmetry.auth_asym_id    A 
_pdbx_struct_special_symmetry.auth_comp_id    HOH 
_pdbx_struct_special_symmetry.auth_seq_id     364 
_pdbx_struct_special_symmetry.PDB_ins_code    ? 
_pdbx_struct_special_symmetry.label_asym_id   B 
_pdbx_struct_special_symmetry.label_comp_id   HOH 
_pdbx_struct_special_symmetry.label_seq_id    . 
# 
loop_
_chem_comp_atom.comp_id 
_chem_comp_atom.atom_id 
_chem_comp_atom.type_symbol 
_chem_comp_atom.pdbx_aromatic_flag 
_chem_comp_atom.pdbx_stereo_config 
_chem_comp_atom.pdbx_ordinal 
ALA N    N N N 1   
ALA CA   C N S 2   
ALA C    C N N 3   
ALA O    O N N 4   
ALA CB   C N N 5   
ALA OXT  O N N 6   
ALA H    H N N 7   
ALA H2   H N N 8   
ALA HA   H N N 9   
ALA HB1  H N N 10  
ALA HB2  H N N 11  
ALA HB3  H N N 12  
ALA HXT  H N N 13  
ARG N    N N N 14  
ARG CA   C N S 15  
ARG C    C N N 16  
ARG O    O N N 17  
ARG CB   C N N 18  
ARG CG   C N N 19  
ARG CD   C N N 20  
ARG NE   N N N 21  
ARG CZ   C N N 22  
ARG NH1  N N N 23  
ARG NH2  N N N 24  
ARG OXT  O N N 25  
ARG H    H N N 26  
ARG H2   H N N 27  
ARG HA   H N N 28  
ARG HB2  H N N 29  
ARG HB3  H N N 30  
ARG HG2  H N N 31  
ARG HG3  H N N 32  
ARG HD2  H N N 33  
ARG HD3  H N N 34  
ARG HE   H N N 35  
ARG HH11 H N N 36  
ARG HH12 H N N 37  
ARG HH21 H N N 38  
ARG HH22 H N N 39  
ARG HXT  H N N 40  
ASN N    N N N 41  
ASN CA   C N S 42  
ASN C    C N N 43  
ASN O    O N N 44  
ASN CB   C N N 45  
ASN CG   C N N 46  
ASN OD1  O N N 47  
ASN ND2  N N N 48  
ASN OXT  O N N 49  
ASN H    H N N 50  
ASN H2   H N N 51  
ASN HA   H N N 52  
ASN HB2  H N N 53  
ASN HB3  H N N 54  
ASN HD21 H N N 55  
ASN HD22 H N N 56  
ASN HXT  H N N 57  
ASP N    N N N 58  
ASP CA   C N S 59  
ASP C    C N N 60  
ASP O    O N N 61  
ASP CB   C N N 62  
ASP CG   C N N 63  
ASP OD1  O N N 64  
ASP OD2  O N N 65  
ASP OXT  O N N 66  
ASP H    H N N 67  
ASP H2   H N N 68  
ASP HA   H N N 69  
ASP HB2  H N N 70  
ASP HB3  H N N 71  
ASP HD2  H N N 72  
ASP HXT  H N N 73  
GLN N    N N N 74  
GLN CA   C N S 75  
GLN C    C N N 76  
GLN O    O N N 77  
GLN CB   C N N 78  
GLN CG   C N N 79  
GLN CD   C N N 80  
GLN OE1  O N N 81  
GLN NE2  N N N 82  
GLN OXT  O N N 83  
GLN H    H N N 84  
GLN H2   H N N 85  
GLN HA   H N N 86  
GLN HB2  H N N 87  
GLN HB3  H N N 88  
GLN HG2  H N N 89  
GLN HG3  H N N 90  
GLN HE21 H N N 91  
GLN HE22 H N N 92  
GLN HXT  H N N 93  
GLU N    N N N 94  
GLU CA   C N S 95  
GLU C    C N N 96  
GLU O    O N N 97  
GLU CB   C N N 98  
GLU CG   C N N 99  
GLU CD   C N N 100 
GLU OE1  O N N 101 
GLU OE2  O N N 102 
GLU OXT  O N N 103 
GLU H    H N N 104 
GLU H2   H N N 105 
GLU HA   H N N 106 
GLU HB2  H N N 107 
GLU HB3  H N N 108 
GLU HG2  H N N 109 
GLU HG3  H N N 110 
GLU HE2  H N N 111 
GLU HXT  H N N 112 
GLY N    N N N 113 
GLY CA   C N N 114 
GLY C    C N N 115 
GLY O    O N N 116 
GLY OXT  O N N 117 
GLY H    H N N 118 
GLY H2   H N N 119 
GLY HA2  H N N 120 
GLY HA3  H N N 121 
GLY HXT  H N N 122 
HIS N    N N N 123 
HIS CA   C N S 124 
HIS C    C N N 125 
HIS O    O N N 126 
HIS CB   C N N 127 
HIS CG   C Y N 128 
HIS ND1  N Y N 129 
HIS CD2  C Y N 130 
HIS CE1  C Y N 131 
HIS NE2  N Y N 132 
HIS OXT  O N N 133 
HIS H    H N N 134 
HIS H2   H N N 135 
HIS HA   H N N 136 
HIS HB2  H N N 137 
HIS HB3  H N N 138 
HIS HD1  H N N 139 
HIS HD2  H N N 140 
HIS HE1  H N N 141 
HIS HE2  H N N 142 
HIS HXT  H N N 143 
HOH O    O N N 144 
HOH H1   H N N 145 
HOH H2   H N N 146 
ILE N    N N N 147 
ILE CA   C N S 148 
ILE C    C N N 149 
ILE O    O N N 150 
ILE CB   C N S 151 
ILE CG1  C N N 152 
ILE CG2  C N N 153 
ILE CD1  C N N 154 
ILE OXT  O N N 155 
ILE H    H N N 156 
ILE H2   H N N 157 
ILE HA   H N N 158 
ILE HB   H N N 159 
ILE HG12 H N N 160 
ILE HG13 H N N 161 
ILE HG21 H N N 162 
ILE HG22 H N N 163 
ILE HG23 H N N 164 
ILE HD11 H N N 165 
ILE HD12 H N N 166 
ILE HD13 H N N 167 
ILE HXT  H N N 168 
LEU N    N N N 169 
LEU CA   C N S 170 
LEU C    C N N 171 
LEU O    O N N 172 
LEU CB   C N N 173 
LEU CG   C N N 174 
LEU CD1  C N N 175 
LEU CD2  C N N 176 
LEU OXT  O N N 177 
LEU H    H N N 178 
LEU H2   H N N 179 
LEU HA   H N N 180 
LEU HB2  H N N 181 
LEU HB3  H N N 182 
LEU HG   H N N 183 
LEU HD11 H N N 184 
LEU HD12 H N N 185 
LEU HD13 H N N 186 
LEU HD21 H N N 187 
LEU HD22 H N N 188 
LEU HD23 H N N 189 
LEU HXT  H N N 190 
LYS N    N N N 191 
LYS CA   C N S 192 
LYS C    C N N 193 
LYS O    O N N 194 
LYS CB   C N N 195 
LYS CG   C N N 196 
LYS CD   C N N 197 
LYS CE   C N N 198 
LYS NZ   N N N 199 
LYS OXT  O N N 200 
LYS H    H N N 201 
LYS H2   H N N 202 
LYS HA   H N N 203 
LYS HB2  H N N 204 
LYS HB3  H N N 205 
LYS HG2  H N N 206 
LYS HG3  H N N 207 
LYS HD2  H N N 208 
LYS HD3  H N N 209 
LYS HE2  H N N 210 
LYS HE3  H N N 211 
LYS HZ1  H N N 212 
LYS HZ2  H N N 213 
LYS HZ3  H N N 214 
LYS HXT  H N N 215 
MET N    N N N 216 
MET CA   C N S 217 
MET C    C N N 218 
MET O    O N N 219 
MET CB   C N N 220 
MET CG   C N N 221 
MET SD   S N N 222 
MET CE   C N N 223 
MET OXT  O N N 224 
MET H    H N N 225 
MET H2   H N N 226 
MET HA   H N N 227 
MET HB2  H N N 228 
MET HB3  H N N 229 
MET HG2  H N N 230 
MET HG3  H N N 231 
MET HE1  H N N 232 
MET HE2  H N N 233 
MET HE3  H N N 234 
MET HXT  H N N 235 
PHE N    N N N 236 
PHE CA   C N S 237 
PHE C    C N N 238 
PHE O    O N N 239 
PHE CB   C N N 240 
PHE CG   C Y N 241 
PHE CD1  C Y N 242 
PHE CD2  C Y N 243 
PHE CE1  C Y N 244 
PHE CE2  C Y N 245 
PHE CZ   C Y N 246 
PHE OXT  O N N 247 
PHE H    H N N 248 
PHE H2   H N N 249 
PHE HA   H N N 250 
PHE HB2  H N N 251 
PHE HB3  H N N 252 
PHE HD1  H N N 253 
PHE HD2  H N N 254 
PHE HE1  H N N 255 
PHE HE2  H N N 256 
PHE HZ   H N N 257 
PHE HXT  H N N 258 
PRO N    N N N 259 
PRO CA   C N S 260 
PRO C    C N N 261 
PRO O    O N N 262 
PRO CB   C N N 263 
PRO CG   C N N 264 
PRO CD   C N N 265 
PRO OXT  O N N 266 
PRO H    H N N 267 
PRO HA   H N N 268 
PRO HB2  H N N 269 
PRO HB3  H N N 270 
PRO HG2  H N N 271 
PRO HG3  H N N 272 
PRO HD2  H N N 273 
PRO HD3  H N N 274 
PRO HXT  H N N 275 
SER N    N N N 276 
SER CA   C N S 277 
SER C    C N N 278 
SER O    O N N 279 
SER CB   C N N 280 
SER OG   O N N 281 
SER OXT  O N N 282 
SER H    H N N 283 
SER H2   H N N 284 
SER HA   H N N 285 
SER HB2  H N N 286 
SER HB3  H N N 287 
SER HG   H N N 288 
SER HXT  H N N 289 
THR N    N N N 290 
THR CA   C N S 291 
THR C    C N N 292 
THR O    O N N 293 
THR CB   C N R 294 
THR OG1  O N N 295 
THR CG2  C N N 296 
THR OXT  O N N 297 
THR H    H N N 298 
THR H2   H N N 299 
THR HA   H N N 300 
THR HB   H N N 301 
THR HG1  H N N 302 
THR HG21 H N N 303 
THR HG22 H N N 304 
THR HG23 H N N 305 
THR HXT  H N N 306 
TRP N    N N N 307 
TRP CA   C N S 308 
TRP C    C N N 309 
TRP O    O N N 310 
TRP CB   C N N 311 
TRP CG   C Y N 312 
TRP CD1  C Y N 313 
TRP CD2  C Y N 314 
TRP NE1  N Y N 315 
TRP CE2  C Y N 316 
TRP CE3  C Y N 317 
TRP CZ2  C Y N 318 
TRP CZ3  C Y N 319 
TRP CH2  C Y N 320 
TRP OXT  O N N 321 
TRP H    H N N 322 
TRP H2   H N N 323 
TRP HA   H N N 324 
TRP HB2  H N N 325 
TRP HB3  H N N 326 
TRP HD1  H N N 327 
TRP HE1  H N N 328 
TRP HE3  H N N 329 
TRP HZ2  H N N 330 
TRP HZ3  H N N 331 
TRP HH2  H N N 332 
TRP HXT  H N N 333 
TYR N    N N N 334 
TYR CA   C N S 335 
TYR C    C N N 336 
TYR O    O N N 337 
TYR CB   C N N 338 
TYR CG   C Y N 339 
TYR CD1  C Y N 340 
TYR CD2  C Y N 341 
TYR CE1  C Y N 342 
TYR CE2  C Y N 343 
TYR CZ   C Y N 344 
TYR OH   O N N 345 
TYR OXT  O N N 346 
TYR H    H N N 347 
TYR H2   H N N 348 
TYR HA   H N N 349 
TYR HB2  H N N 350 
TYR HB3  H N N 351 
TYR HD1  H N N 352 
TYR HD2  H N N 353 
TYR HE1  H N N 354 
TYR HE2  H N N 355 
TYR HH   H N N 356 
TYR HXT  H N N 357 
VAL N    N N N 358 
VAL CA   C N S 359 
VAL C    C N N 360 
VAL O    O N N 361 
VAL CB   C N N 362 
VAL CG1  C N N 363 
VAL CG2  C N N 364 
VAL OXT  O N N 365 
VAL H    H N N 366 
VAL H2   H N N 367 
VAL HA   H N N 368 
VAL HB   H N N 369 
VAL HG11 H N N 370 
VAL HG12 H N N 371 
VAL HG13 H N N 372 
VAL HG21 H N N 373 
VAL HG22 H N N 374 
VAL HG23 H N N 375 
VAL HXT  H N N 376 
# 
loop_
_chem_comp_bond.comp_id 
_chem_comp_bond.atom_id_1 
_chem_comp_bond.atom_id_2 
_chem_comp_bond.value_order 
_chem_comp_bond.pdbx_aromatic_flag 
_chem_comp_bond.pdbx_stereo_config 
_chem_comp_bond.pdbx_ordinal 
ALA N   CA   sing N N 1   
ALA N   H    sing N N 2   
ALA N   H2   sing N N 3   
ALA CA  C    sing N N 4   
ALA CA  CB   sing N N 5   
ALA CA  HA   sing N N 6   
ALA C   O    doub N N 7   
ALA C   OXT  sing N N 8   
ALA CB  HB1  sing N N 9   
ALA CB  HB2  sing N N 10  
ALA CB  HB3  sing N N 11  
ALA OXT HXT  sing N N 12  
ARG N   CA   sing N N 13  
ARG N   H    sing N N 14  
ARG N   H2   sing N N 15  
ARG CA  C    sing N N 16  
ARG CA  CB   sing N N 17  
ARG CA  HA   sing N N 18  
ARG C   O    doub N N 19  
ARG C   OXT  sing N N 20  
ARG CB  CG   sing N N 21  
ARG CB  HB2  sing N N 22  
ARG CB  HB3  sing N N 23  
ARG CG  CD   sing N N 24  
ARG CG  HG2  sing N N 25  
ARG CG  HG3  sing N N 26  
ARG CD  NE   sing N N 27  
ARG CD  HD2  sing N N 28  
ARG CD  HD3  sing N N 29  
ARG NE  CZ   sing N N 30  
ARG NE  HE   sing N N 31  
ARG CZ  NH1  sing N N 32  
ARG CZ  NH2  doub N N 33  
ARG NH1 HH11 sing N N 34  
ARG NH1 HH12 sing N N 35  
ARG NH2 HH21 sing N N 36  
ARG NH2 HH22 sing N N 37  
ARG OXT HXT  sing N N 38  
ASN N   CA   sing N N 39  
ASN N   H    sing N N 40  
ASN N   H2   sing N N 41  
ASN CA  C    sing N N 42  
ASN CA  CB   sing N N 43  
ASN CA  HA   sing N N 44  
ASN C   O    doub N N 45  
ASN C   OXT  sing N N 46  
ASN CB  CG   sing N N 47  
ASN CB  HB2  sing N N 48  
ASN CB  HB3  sing N N 49  
ASN CG  OD1  doub N N 50  
ASN CG  ND2  sing N N 51  
ASN ND2 HD21 sing N N 52  
ASN ND2 HD22 sing N N 53  
ASN OXT HXT  sing N N 54  
ASP N   CA   sing N N 55  
ASP N   H    sing N N 56  
ASP N   H2   sing N N 57  
ASP CA  C    sing N N 58  
ASP CA  CB   sing N N 59  
ASP CA  HA   sing N N 60  
ASP C   O    doub N N 61  
ASP C   OXT  sing N N 62  
ASP CB  CG   sing N N 63  
ASP CB  HB2  sing N N 64  
ASP CB  HB3  sing N N 65  
ASP CG  OD1  doub N N 66  
ASP CG  OD2  sing N N 67  
ASP OD2 HD2  sing N N 68  
ASP OXT HXT  sing N N 69  
GLN N   CA   sing N N 70  
GLN N   H    sing N N 71  
GLN N   H2   sing N N 72  
GLN CA  C    sing N N 73  
GLN CA  CB   sing N N 74  
GLN CA  HA   sing N N 75  
GLN C   O    doub N N 76  
GLN C   OXT  sing N N 77  
GLN CB  CG   sing N N 78  
GLN CB  HB2  sing N N 79  
GLN CB  HB3  sing N N 80  
GLN CG  CD   sing N N 81  
GLN CG  HG2  sing N N 82  
GLN CG  HG3  sing N N 83  
GLN CD  OE1  doub N N 84  
GLN CD  NE2  sing N N 85  
GLN NE2 HE21 sing N N 86  
GLN NE2 HE22 sing N N 87  
GLN OXT HXT  sing N N 88  
GLU N   CA   sing N N 89  
GLU N   H    sing N N 90  
GLU N   H2   sing N N 91  
GLU CA  C    sing N N 92  
GLU CA  CB   sing N N 93  
GLU CA  HA   sing N N 94  
GLU C   O    doub N N 95  
GLU C   OXT  sing N N 96  
GLU CB  CG   sing N N 97  
GLU CB  HB2  sing N N 98  
GLU CB  HB3  sing N N 99  
GLU CG  CD   sing N N 100 
GLU CG  HG2  sing N N 101 
GLU CG  HG3  sing N N 102 
GLU CD  OE1  doub N N 103 
GLU CD  OE2  sing N N 104 
GLU OE2 HE2  sing N N 105 
GLU OXT HXT  sing N N 106 
GLY N   CA   sing N N 107 
GLY N   H    sing N N 108 
GLY N   H2   sing N N 109 
GLY CA  C    sing N N 110 
GLY CA  HA2  sing N N 111 
GLY CA  HA3  sing N N 112 
GLY C   O    doub N N 113 
GLY C   OXT  sing N N 114 
GLY OXT HXT  sing N N 115 
HIS N   CA   sing N N 116 
HIS N   H    sing N N 117 
HIS N   H2   sing N N 118 
HIS CA  C    sing N N 119 
HIS CA  CB   sing N N 120 
HIS CA  HA   sing N N 121 
HIS C   O    doub N N 122 
HIS C   OXT  sing N N 123 
HIS CB  CG   sing N N 124 
HIS CB  HB2  sing N N 125 
HIS CB  HB3  sing N N 126 
HIS CG  ND1  sing Y N 127 
HIS CG  CD2  doub Y N 128 
HIS ND1 CE1  doub Y N 129 
HIS ND1 HD1  sing N N 130 
HIS CD2 NE2  sing Y N 131 
HIS CD2 HD2  sing N N 132 
HIS CE1 NE2  sing Y N 133 
HIS CE1 HE1  sing N N 134 
HIS NE2 HE2  sing N N 135 
HIS OXT HXT  sing N N 136 
HOH O   H1   sing N N 137 
HOH O   H2   sing N N 138 
ILE N   CA   sing N N 139 
ILE N   H    sing N N 140 
ILE N   H2   sing N N 141 
ILE CA  C    sing N N 142 
ILE CA  CB   sing N N 143 
ILE CA  HA   sing N N 144 
ILE C   O    doub N N 145 
ILE C   OXT  sing N N 146 
ILE CB  CG1  sing N N 147 
ILE CB  CG2  sing N N 148 
ILE CB  HB   sing N N 149 
ILE CG1 CD1  sing N N 150 
ILE CG1 HG12 sing N N 151 
ILE CG1 HG13 sing N N 152 
ILE CG2 HG21 sing N N 153 
ILE CG2 HG22 sing N N 154 
ILE CG2 HG23 sing N N 155 
ILE CD1 HD11 sing N N 156 
ILE CD1 HD12 sing N N 157 
ILE CD1 HD13 sing N N 158 
ILE OXT HXT  sing N N 159 
LEU N   CA   sing N N 160 
LEU N   H    sing N N 161 
LEU N   H2   sing N N 162 
LEU CA  C    sing N N 163 
LEU CA  CB   sing N N 164 
LEU CA  HA   sing N N 165 
LEU C   O    doub N N 166 
LEU C   OXT  sing N N 167 
LEU CB  CG   sing N N 168 
LEU CB  HB2  sing N N 169 
LEU CB  HB3  sing N N 170 
LEU CG  CD1  sing N N 171 
LEU CG  CD2  sing N N 172 
LEU CG  HG   sing N N 173 
LEU CD1 HD11 sing N N 174 
LEU CD1 HD12 sing N N 175 
LEU CD1 HD13 sing N N 176 
LEU CD2 HD21 sing N N 177 
LEU CD2 HD22 sing N N 178 
LEU CD2 HD23 sing N N 179 
LEU OXT HXT  sing N N 180 
LYS N   CA   sing N N 181 
LYS N   H    sing N N 182 
LYS N   H2   sing N N 183 
LYS CA  C    sing N N 184 
LYS CA  CB   sing N N 185 
LYS CA  HA   sing N N 186 
LYS C   O    doub N N 187 
LYS C   OXT  sing N N 188 
LYS CB  CG   sing N N 189 
LYS CB  HB2  sing N N 190 
LYS CB  HB3  sing N N 191 
LYS CG  CD   sing N N 192 
LYS CG  HG2  sing N N 193 
LYS CG  HG3  sing N N 194 
LYS CD  CE   sing N N 195 
LYS CD  HD2  sing N N 196 
LYS CD  HD3  sing N N 197 
LYS CE  NZ   sing N N 198 
LYS CE  HE2  sing N N 199 
LYS CE  HE3  sing N N 200 
LYS NZ  HZ1  sing N N 201 
LYS NZ  HZ2  sing N N 202 
LYS NZ  HZ3  sing N N 203 
LYS OXT HXT  sing N N 204 
MET N   CA   sing N N 205 
MET N   H    sing N N 206 
MET N   H2   sing N N 207 
MET CA  C    sing N N 208 
MET CA  CB   sing N N 209 
MET CA  HA   sing N N 210 
MET C   O    doub N N 211 
MET C   OXT  sing N N 212 
MET CB  CG   sing N N 213 
MET CB  HB2  sing N N 214 
MET CB  HB3  sing N N 215 
MET CG  SD   sing N N 216 
MET CG  HG2  sing N N 217 
MET CG  HG3  sing N N 218 
MET SD  CE   sing N N 219 
MET CE  HE1  sing N N 220 
MET CE  HE2  sing N N 221 
MET CE  HE3  sing N N 222 
MET OXT HXT  sing N N 223 
PHE N   CA   sing N N 224 
PHE N   H    sing N N 225 
PHE N   H2   sing N N 226 
PHE CA  C    sing N N 227 
PHE CA  CB   sing N N 228 
PHE CA  HA   sing N N 229 
PHE C   O    doub N N 230 
PHE C   OXT  sing N N 231 
PHE CB  CG   sing N N 232 
PHE CB  HB2  sing N N 233 
PHE CB  HB3  sing N N 234 
PHE CG  CD1  doub Y N 235 
PHE CG  CD2  sing Y N 236 
PHE CD1 CE1  sing Y N 237 
PHE CD1 HD1  sing N N 238 
PHE CD2 CE2  doub Y N 239 
PHE CD2 HD2  sing N N 240 
PHE CE1 CZ   doub Y N 241 
PHE CE1 HE1  sing N N 242 
PHE CE2 CZ   sing Y N 243 
PHE CE2 HE2  sing N N 244 
PHE CZ  HZ   sing N N 245 
PHE OXT HXT  sing N N 246 
PRO N   CA   sing N N 247 
PRO N   CD   sing N N 248 
PRO N   H    sing N N 249 
PRO CA  C    sing N N 250 
PRO CA  CB   sing N N 251 
PRO CA  HA   sing N N 252 
PRO C   O    doub N N 253 
PRO C   OXT  sing N N 254 
PRO CB  CG   sing N N 255 
PRO CB  HB2  sing N N 256 
PRO CB  HB3  sing N N 257 
PRO CG  CD   sing N N 258 
PRO CG  HG2  sing N N 259 
PRO CG  HG3  sing N N 260 
PRO CD  HD2  sing N N 261 
PRO CD  HD3  sing N N 262 
PRO OXT HXT  sing N N 263 
SER N   CA   sing N N 264 
SER N   H    sing N N 265 
SER N   H2   sing N N 266 
SER CA  C    sing N N 267 
SER CA  CB   sing N N 268 
SER CA  HA   sing N N 269 
SER C   O    doub N N 270 
SER C   OXT  sing N N 271 
SER CB  OG   sing N N 272 
SER CB  HB2  sing N N 273 
SER CB  HB3  sing N N 274 
SER OG  HG   sing N N 275 
SER OXT HXT  sing N N 276 
THR N   CA   sing N N 277 
THR N   H    sing N N 278 
THR N   H2   sing N N 279 
THR CA  C    sing N N 280 
THR CA  CB   sing N N 281 
THR CA  HA   sing N N 282 
THR C   O    doub N N 283 
THR C   OXT  sing N N 284 
THR CB  OG1  sing N N 285 
THR CB  CG2  sing N N 286 
THR CB  HB   sing N N 287 
THR OG1 HG1  sing N N 288 
THR CG2 HG21 sing N N 289 
THR CG2 HG22 sing N N 290 
THR CG2 HG23 sing N N 291 
THR OXT HXT  sing N N 292 
TRP N   CA   sing N N 293 
TRP N   H    sing N N 294 
TRP N   H2   sing N N 295 
TRP CA  C    sing N N 296 
TRP CA  CB   sing N N 297 
TRP CA  HA   sing N N 298 
TRP C   O    doub N N 299 
TRP C   OXT  sing N N 300 
TRP CB  CG   sing N N 301 
TRP CB  HB2  sing N N 302 
TRP CB  HB3  sing N N 303 
TRP CG  CD1  doub Y N 304 
TRP CG  CD2  sing Y N 305 
TRP CD1 NE1  sing Y N 306 
TRP CD1 HD1  sing N N 307 
TRP CD2 CE2  doub Y N 308 
TRP CD2 CE3  sing Y N 309 
TRP NE1 CE2  sing Y N 310 
TRP NE1 HE1  sing N N 311 
TRP CE2 CZ2  sing Y N 312 
TRP CE3 CZ3  doub Y N 313 
TRP CE3 HE3  sing N N 314 
TRP CZ2 CH2  doub Y N 315 
TRP CZ2 HZ2  sing N N 316 
TRP CZ3 CH2  sing Y N 317 
TRP CZ3 HZ3  sing N N 318 
TRP CH2 HH2  sing N N 319 
TRP OXT HXT  sing N N 320 
TYR N   CA   sing N N 321 
TYR N   H    sing N N 322 
TYR N   H2   sing N N 323 
TYR CA  C    sing N N 324 
TYR CA  CB   sing N N 325 
TYR CA  HA   sing N N 326 
TYR C   O    doub N N 327 
TYR C   OXT  sing N N 328 
TYR CB  CG   sing N N 329 
TYR CB  HB2  sing N N 330 
TYR CB  HB3  sing N N 331 
TYR CG  CD1  doub Y N 332 
TYR CG  CD2  sing Y N 333 
TYR CD1 CE1  sing Y N 334 
TYR CD1 HD1  sing N N 335 
TYR CD2 CE2  doub Y N 336 
TYR CD2 HD2  sing N N 337 
TYR CE1 CZ   doub Y N 338 
TYR CE1 HE1  sing N N 339 
TYR CE2 CZ   sing Y N 340 
TYR CE2 HE2  sing N N 341 
TYR CZ  OH   sing N N 342 
TYR OH  HH   sing N N 343 
TYR OXT HXT  sing N N 344 
VAL N   CA   sing N N 345 
VAL N   H    sing N N 346 
VAL N   H2   sing N N 347 
VAL CA  C    sing N N 348 
VAL CA  CB   sing N N 349 
VAL CA  HA   sing N N 350 
VAL C   O    doub N N 351 
VAL C   OXT  sing N N 352 
VAL CB  CG1  sing N N 353 
VAL CB  CG2  sing N N 354 
VAL CB  HB   sing N N 355 
VAL CG1 HG11 sing N N 356 
VAL CG1 HG12 sing N N 357 
VAL CG1 HG13 sing N N 358 
VAL CG2 HG21 sing N N 359 
VAL CG2 HG22 sing N N 360 
VAL CG2 HG23 sing N N 361 
VAL OXT HXT  sing N N 362 
# 
_atom_sites.entry_id                    4L5Q 
_atom_sites.fract_transf_matrix[1][1]   0.00547009 
_atom_sites.fract_transf_matrix[1][2]   0.01152361 
_atom_sites.fract_transf_matrix[1][3]   -0.00571323 
_atom_sites.fract_transf_matrix[2][1]   -0.00232194 
_atom_sites.fract_transf_matrix[2][2]   -0.00483879 
_atom_sites.fract_transf_matrix[2][3]   -0.01198297 
_atom_sites.fract_transf_matrix[3][1]   -0.01970169 
_atom_sites.fract_transf_matrix[3][2]   0.00936910 
_atom_sites.fract_transf_matrix[3][3]   0.00003430 
_atom_sites.fract_transf_vector[1]      0.601380 
_atom_sites.fract_transf_vector[2]      0.228621 
_atom_sites.fract_transf_vector[3]      0.631329 
# 
loop_
_atom_type.symbol 
C 
N 
O 
S 
# 
loop_
_atom_site.group_PDB 
_atom_site.id 
_atom_site.type_symbol 
_atom_site.label_atom_id 
_atom_site.label_alt_id 
_atom_site.label_comp_id 
_atom_site.label_asym_id 
_atom_site.label_entity_id 
_atom_site.label_seq_id 
_atom_site.pdbx_PDB_ins_code 
_atom_site.Cartn_x 
_atom_site.Cartn_y 
_atom_site.Cartn_z 
_atom_site.occupancy 
_atom_site.B_iso_or_equiv 
_atom_site.pdbx_formal_charge 
_atom_site.auth_seq_id 
_atom_site.auth_comp_id 
_atom_site.auth_asym_id 
_atom_site.auth_atom_id 
_atom_site.pdbx_PDB_model_num 
ATOM   1    N N   . SER A 1 1   ? 10.218  -12.614 21.889  1.00 61.97 ? 45  SER A N   1 
ATOM   2    C CA  . SER A 1 1   ? 11.127  -11.511 21.648  1.00 56.91 ? 45  SER A CA  1 
ATOM   3    C C   . SER A 1 1   ? 11.013  -10.988 20.245  1.00 61.36 ? 45  SER A C   1 
ATOM   4    O O   . SER A 1 1   ? 11.842  -10.237 19.786  1.00 62.38 ? 45  SER A O   1 
ATOM   5    C CB  . SER A 1 1   ? 12.559  -11.893 21.960  1.00 62.14 ? 45  SER A CB  1 
ATOM   6    O OG  . SER A 1 1   ? 13.426  -10.911 21.466  1.00 69.05 ? 45  SER A OG  1 
ATOM   7    N N   . THR A 1 2   ? 10.033  -11.476 19.536  1.00 51.67 ? 46  THR A N   1 
ATOM   8    C CA  . THR A 1 2   ? 9.196   -10.720 18.666  1.00 50.25 ? 46  THR A CA  1 
ATOM   9    C C   . THR A 1 2   ? 9.890   -9.809  17.653  1.00 48.43 ? 46  THR A C   1 
ATOM   10   O O   . THR A 1 2   ? 9.476   -8.692  17.488  1.00 48.58 ? 46  THR A O   1 
ATOM   11   C CB  . THR A 1 2   ? 8.167   -9.951  19.487  1.00 54.77 ? 46  THR A CB  1 
ATOM   12   O OG1 . THR A 1 2   ? 8.795   -9.499  20.662  1.00 59.10 ? 46  THR A OG1 1 
ATOM   13   C CG2 . THR A 1 2   ? 7.087   -10.838 19.907  1.00 54.99 ? 46  THR A CG2 1 
ATOM   14   N N   . PRO A 1 3   ? 10.993  -10.336 16.968  1.00 49.14 ? 47  PRO A N   1 
ATOM   15   C CA  . PRO A 1 3   ? 11.455  -9.497  15.851  1.00 43.13 ? 47  PRO A CA  1 
ATOM   16   C C   . PRO A 1 3   ? 10.550  -9.471  14.628  1.00 44.87 ? 47  PRO A C   1 
ATOM   17   O O   . PRO A 1 3   ? 10.729  -8.616  13.801  1.00 40.84 ? 47  PRO A O   1 
ATOM   18   C CB  . PRO A 1 3   ? 12.801  -10.084 15.487  1.00 46.73 ? 47  PRO A CB  1 
ATOM   19   C CG  . PRO A 1 3   ? 12.632  -11.513 15.690  1.00 47.63 ? 47  PRO A CG  1 
ATOM   20   C CD  . PRO A 1 3   ? 11.954  -11.542 17.011  1.00 47.71 ? 47  PRO A CD  1 
ATOM   21   N N   . LYS A 1 4   ? 9.639   -10.420 14.484  1.00 45.86 ? 48  LYS A N   1 
ATOM   22   C CA  . LYS A 1 4   ? 8.683   -10.392 13.391  1.00 36.96 ? 48  LYS A CA  1 
ATOM   23   C C   . LYS A 1 4   ? 7.325   -9.784  13.760  1.00 32.84 ? 48  LYS A C   1 
ATOM   24   O O   . LYS A 1 4   ? 6.346   -10.041 13.141  1.00 37.03 ? 48  LYS A O   1 
ATOM   25   C CB  . LYS A 1 4   ? 8.509   -11.779 12.810  1.00 35.39 ? 48  LYS A CB  1 
ATOM   26   C CG  . LYS A 1 4   ? 9.646   -12.229 11.919  1.00 44.16 ? 48  LYS A CG  1 
ATOM   27   C CD  . LYS A 1 4   ? 9.470   -13.647 11.417  1.00 41.76 ? 48  LYS A CD  1 
ATOM   28   C CE  . LYS A 1 4   ? 9.900   -13.812 9.968   1.00 52.77 ? 48  LYS A CE  1 
ATOM   29   N NZ  . LYS A 1 4   ? 8.811   -14.012 8.972   1.00 44.69 ? 48  LYS A NZ  1 
ATOM   30   N N   . LYS A 1 5   ? 7.279   -8.962  14.775  1.00 35.05 ? 49  LYS A N   1 
ATOM   31   C CA  . LYS A 1 5   ? 6.005   -8.389  15.208  1.00 39.90 ? 49  LYS A CA  1 
ATOM   32   C C   . LYS A 1 5   ? 5.391   -7.507  14.125  1.00 42.81 ? 49  LYS A C   1 
ATOM   33   O O   . LYS A 1 5   ? 6.089   -6.691  13.517  1.00 35.69 ? 49  LYS A O   1 
ATOM   34   C CB  . LYS A 1 5   ? 6.157   -7.602  16.510  1.00 39.35 ? 49  LYS A CB  1 
ATOM   35   C CG  . LYS A 1 5   ? 4.861   -6.919  16.954  1.00 38.46 ? 49  LYS A CG  1 
ATOM   36   C CD  . LYS A 1 5   ? 4.778   -6.766  18.460  1.00 42.79 ? 49  LYS A CD  1 
ATOM   37   C CE  . LYS A 1 5   ? 3.451   -6.136  18.857  1.00 43.37 ? 49  LYS A CE  1 
ATOM   38   N NZ  . LYS A 1 5   ? 3.197   -6.183  20.320  1.00 41.97 ? 49  LYS A NZ  1 
ATOM   39   N N   . ASN A 1 6   ? 4.092   -7.705  13.887  1.00 33.04 ? 50  ASN A N   1 
ATOM   40   C CA  . ASN A 1 6   ? 3.317   -6.975  12.874  1.00 35.63 ? 50  ASN A CA  1 
ATOM   41   C C   . ASN A 1 6   ? 3.693   -7.316  11.432  1.00 30.99 ? 50  ASN A C   1 
ATOM   42   O O   . ASN A 1 6   ? 3.112   -6.778  10.486  1.00 35.11 ? 50  ASN A O   1 
ATOM   43   C CB  . ASN A 1 6   ? 3.387   -5.458  13.100  1.00 30.66 ? 50  ASN A CB  1 
ATOM   44   C CG  . ASN A 1 6   ? 3.009   -5.064  14.510  1.00 39.06 ? 50  ASN A CG  1 
ATOM   45   O OD1 . ASN A 1 6   ? 2.115   -5.659  15.113  1.00 39.37 ? 50  ASN A OD1 1 
ATOM   46   N ND2 . ASN A 1 6   ? 3.694   -4.061  15.050  1.00 36.10 ? 50  ASN A ND2 1 
ATOM   47   N N   . ILE A 1 7   ? 4.665   -8.210  11.273  1.00 29.54 ? 51  ILE A N   1 
ATOM   48   C CA  . ILE A 1 7   ? 5.156   -8.600  9.954   1.00 27.54 ? 51  ILE A CA  1 
ATOM   49   C C   . ILE A 1 7   ? 4.312   -9.731  9.360   1.00 36.65 ? 51  ILE A C   1 
ATOM   50   O O   . ILE A 1 7   ? 3.856   -10.615 10.085  1.00 34.53 ? 51  ILE A O   1 
ATOM   51   C CB  . ILE A 1 7   ? 6.644   -9.025  10.023  1.00 34.25 ? 51  ILE A CB  1 
ATOM   52   C CG1 . ILE A 1 7   ? 7.511   -7.871  10.535  1.00 26.22 ? 51  ILE A CG1 1 
ATOM   53   C CG2 . ILE A 1 7   ? 7.145   -9.501  8.664   1.00 28.30 ? 51  ILE A CG2 1 
ATOM   54   C CD1 . ILE A 1 7   ? 7.511   -6.639  9.630   1.00 29.15 ? 51  ILE A CD1 1 
ATOM   55   N N   . SER A 1 8   ? 4.110   -9.694  8.042   1.00 28.92 ? 52  SER A N   1 
ATOM   56   C CA  . SER A 1 8   ? 3.324   -10.710 7.347   1.00 35.86 ? 52  SER A CA  1 
ATOM   57   C C   . SER A 1 8   ? 3.976   -12.086 7.400   1.00 40.25 ? 52  SER A C   1 
ATOM   58   O O   . SER A 1 8   ? 5.196   -12.204 7.471   1.00 40.23 ? 52  SER A O   1 
ATOM   59   C CB  . SER A 1 8   ? 3.067   -10.303 5.896   1.00 37.65 ? 52  SER A CB  1 
ATOM   60   O OG  . SER A 1 8   ? 2.320   -9.101  5.832   1.00 36.11 ? 52  SER A OG  1 
ATOM   61   N N   . LYS A 1 9   ? 3.131   -13.108 7.329   1.00 46.48 ? 53  LYS A N   1 
ATOM   62   C CA  . LYS A 1 9   ? 3.470   -14.501 7.630   1.00 50.87 ? 53  LYS A CA  1 
ATOM   63   C C   . LYS A 1 9   ? 4.804   -15.011 7.079   1.00 50.97 ? 53  LYS A C   1 
ATOM   64   O O   . LYS A 1 9   ? 5.700   -15.372 7.847   1.00 56.20 ? 53  LYS A O   1 
ATOM   65   C CB  . LYS A 1 9   ? 2.324   -15.418 7.179   1.00 53.47 ? 53  LYS A CB  1 
ATOM   66   C CG  . LYS A 1 9   ? 1.001   -14.687 6.907   1.00 57.84 ? 53  LYS A CG  1 
ATOM   67   C CD  . LYS A 1 9   ? 0.376   -14.092 8.170   1.00 56.15 ? 53  LYS A CD  1 
ATOM   68   C CE  . LYS A 1 9   ? -0.154  -12.683 7.913   1.00 41.83 ? 53  LYS A CE  1 
ATOM   69   N NZ  . LYS A 1 9   ? -1.287  -12.676 6.946   1.00 58.72 ? 53  LYS A NZ  1 
ATOM   70   N N   . GLY A 1 10  ? 4.942   -15.040 5.758   1.00 46.48 ? 54  GLY A N   1 
ATOM   71   C CA  . GLY A 1 10  ? 6.138   -15.603 5.152   1.00 45.80 ? 54  GLY A CA  1 
ATOM   72   C C   . GLY A 1 10  ? 7.130   -14.580 4.629   1.00 49.06 ? 54  GLY A C   1 
ATOM   73   O O   . GLY A 1 10  ? 7.865   -14.843 3.677   1.00 46.73 ? 54  GLY A O   1 
ATOM   74   N N   . ALA A 1 11  ? 7.152   -13.407 5.251   1.00 38.16 ? 55  ALA A N   1 
ATOM   75   C CA  . ALA A 1 11  ? 8.051   -12.339 4.830   1.00 39.71 ? 55  ALA A CA  1 
ATOM   76   C C   . ALA A 1 11  ? 9.513   -12.706 5.056   1.00 37.07 ? 55  ALA A C   1 
ATOM   77   O O   . ALA A 1 11  ? 9.865   -13.272 6.092   1.00 41.16 ? 55  ALA A O   1 
ATOM   78   C CB  . ALA A 1 11  ? 7.715   -11.054 5.555   1.00 33.65 ? 55  ALA A CB  1 
ATOM   79   N N   . VAL A 1 12  ? 10.359  -12.370 4.083   1.00 33.27 ? 56  VAL A N   1 
ATOM   80   C CA  . VAL A 1 12  ? 11.791  -12.644 4.164   1.00 34.50 ? 56  VAL A CA  1 
ATOM   81   C C   . VAL A 1 12  ? 12.573  -11.440 4.689   1.00 36.71 ? 56  VAL A C   1 
ATOM   82   O O   . VAL A 1 12  ? 12.411  -10.322 4.195   1.00 30.65 ? 56  VAL A O   1 
ATOM   83   C CB  . VAL A 1 12  ? 12.355  -13.045 2.787   1.00 34.45 ? 56  VAL A CB  1 
ATOM   84   C CG1 . VAL A 1 12  ? 13.853  -13.282 2.875   1.00 38.91 ? 56  VAL A CG1 1 
ATOM   85   C CG2 . VAL A 1 12  ? 11.655  -14.290 2.272   1.00 39.32 ? 56  VAL A CG2 1 
ATOM   86   N N   . LEU A 1 13  ? 13.414  -11.668 5.696   1.00 33.50 ? 57  LEU A N   1 
ATOM   87   C CA  . LEU A 1 13  ? 14.291  -10.619 6.215   1.00 30.52 ? 57  LEU A CA  1 
ATOM   88   C C   . LEU A 1 13  ? 15.377  -10.276 5.204   1.00 31.68 ? 57  LEU A C   1 
ATOM   89   O O   . LEU A 1 13  ? 15.937  -11.163 4.567   1.00 34.34 ? 57  LEU A O   1 
ATOM   90   C CB  . LEU A 1 13  ? 14.938  -11.061 7.531   1.00 33.40 ? 57  LEU A CB  1 
ATOM   91   C CG  . LEU A 1 13  ? 15.940  -10.113 8.200   1.00 36.03 ? 57  LEU A CG  1 
ATOM   92   C CD1 . LEU A 1 13  ? 15.231  -8.925  8.824   1.00 26.18 ? 57  LEU A CD1 1 
ATOM   93   C CD2 . LEU A 1 13  ? 16.769  -10.844 9.244   1.00 36.14 ? 57  LEU A CD2 1 
ATOM   94   N N   . HIS A 1 14  ? 15.657  -8.986  5.047   1.00 29.20 ? 58  HIS A N   1 
ATOM   95   C CA  . HIS A 1 14  ? 16.791  -8.540  4.244   1.00 30.41 ? 58  HIS A CA  1 
ATOM   96   C C   . HIS A 1 14  ? 17.736  -7.713  5.103   1.00 32.63 ? 58  HIS A C   1 
ATOM   97   O O   . HIS A 1 14  ? 17.426  -6.572  5.458   1.00 30.73 ? 58  HIS A O   1 
ATOM   98   C CB  . HIS A 1 14  ? 16.320  -7.715  3.048   1.00 23.82 ? 58  HIS A CB  1 
ATOM   99   C CG  . HIS A 1 14  ? 15.732  -8.530  1.941   1.00 31.50 ? 58  HIS A CG  1 
ATOM   100  N ND1 . HIS A 1 14  ? 16.357  -8.689  0.722   1.00 33.67 ? 58  HIS A ND1 1 
ATOM   101  C CD2 . HIS A 1 14  ? 14.574  -9.229  1.862   1.00 26.79 ? 58  HIS A CD2 1 
ATOM   102  C CE1 . HIS A 1 14  ? 15.610  -9.448  -0.060  1.00 32.44 ? 58  HIS A CE1 1 
ATOM   103  N NE2 . HIS A 1 14  ? 14.523  -9.790  0.610   1.00 31.14 ? 58  HIS A NE2 1 
ATOM   104  N N   . GLU A 1 15  ? 18.887  -8.289  5.439   1.00 28.44 ? 59  GLU A N   1 
ATOM   105  C CA  . GLU A 1 15  ? 19.853  -7.616  6.306   1.00 28.13 ? 59  GLU A CA  1 
ATOM   106  C C   . GLU A 1 15  ? 20.717  -6.614  5.552   1.00 26.98 ? 59  GLU A C   1 
ATOM   107  O O   . GLU A 1 15  ? 21.185  -5.633  6.131   1.00 29.40 ? 59  GLU A O   1 
ATOM   108  C CB  . GLU A 1 15  ? 20.746  -8.635  7.012   1.00 32.32 ? 59  GLU A CB  1 
ATOM   109  C CG  . GLU A 1 15  ? 20.001  -9.581  7.935   1.00 39.70 ? 59  GLU A CG  1 
ATOM   110  C CD  . GLU A 1 15  ? 20.934  -10.361 8.839   1.00 59.38 ? 59  GLU A CD  1 
ATOM   111  O OE1 . GLU A 1 15  ? 22.087  -10.618 8.432   1.00 63.57 ? 59  GLU A OE1 1 
ATOM   112  O OE2 . GLU A 1 15  ? 20.512  -10.710 9.962   1.00 54.96 ? 59  GLU A OE2 1 
ATOM   113  N N   . LYS A 1 16  ? 20.934  -6.863  4.266   1.00 29.34 ? 60  LYS A N   1 
ATOM   114  C CA  . LYS A 1 16  ? 21.729  -5.956  3.441   1.00 32.39 ? 60  LYS A CA  1 
ATOM   115  C C   . LYS A 1 16  ? 21.036  -4.602  3.283   1.00 29.93 ? 60  LYS A C   1 
ATOM   116  O O   . LYS A 1 16  ? 19.859  -4.535  2.917   1.00 29.69 ? 60  LYS A O   1 
ATOM   117  C CB  . LYS A 1 16  ? 22.000  -6.569  2.061   1.00 27.93 ? 60  LYS A CB  1 
ATOM   118  C CG  . LYS A 1 16  ? 23.083  -5.836  1.271   1.00 26.86 ? 60  LYS A CG  1 
ATOM   119  C CD  . LYS A 1 16  ? 23.046  -6.188  -0.213  1.00 36.64 ? 60  LYS A CD  1 
ATOM   120  C CE  . LYS A 1 16  ? 24.136  -5.445  -0.973  1.00 35.70 ? 60  LYS A CE  1 
ATOM   121  N NZ  . LYS A 1 16  ? 23.891  -5.421  -2.442  1.00 41.17 ? 60  LYS A NZ  1 
ATOM   122  N N   . PRO A 1 17  ? 21.767  -3.516  3.572   1.00 27.44 ? 61  PRO A N   1 
ATOM   123  C CA  . PRO A 1 17  ? 21.225  -2.161  3.403   1.00 27.16 ? 61  PRO A CA  1 
ATOM   124  C C   . PRO A 1 17  ? 20.831  -1.873  1.956   1.00 24.29 ? 61  PRO A C   1 
ATOM   125  O O   . PRO A 1 17  ? 21.543  -2.283  1.034   1.00 27.24 ? 61  PRO A O   1 
ATOM   126  C CB  . PRO A 1 17  ? 22.396  -1.263  3.825   1.00 26.55 ? 61  PRO A CB  1 
ATOM   127  C CG  . PRO A 1 17  ? 23.227  -2.129  4.767   1.00 23.02 ? 61  PRO A CG  1 
ATOM   128  C CD  . PRO A 1 17  ? 23.104  -3.519  4.197   1.00 24.29 ? 61  PRO A CD  1 
ATOM   129  N N   . MET A 1 18  ? 19.697  -1.199  1.767   1.00 22.63 ? 62  MET A N   1 
ATOM   130  C CA  . MET A 1 18  ? 19.264  -0.751  0.445   1.00 25.05 ? 62  MET A CA  1 
ATOM   131  C C   . MET A 1 18  ? 18.872  0.721   0.539   1.00 23.72 ? 62  MET A C   1 
ATOM   132  O O   . MET A 1 18  ? 18.073  1.106   1.395   1.00 28.09 ? 62  MET A O   1 
ATOM   133  C CB  . MET A 1 18  ? 18.089  -1.600  -0.074  1.00 23.82 ? 62  MET A CB  1 
ATOM   134  C CG  . MET A 1 18  ? 17.626  -1.238  -1.489  1.00 29.23 ? 62  MET A CG  1 
ATOM   135  S SD  . MET A 1 18  ? 16.254  -2.246  -2.090  1.00 19.17 ? 62  MET A SD  1 
ATOM   136  C CE  . MET A 1 18  ? 17.183  -3.573  -2.851  1.00 41.49 ? 62  MET A CE  1 
ATOM   137  N N   . THR A 1 19  ? 19.466  1.550   -0.314  1.00 21.01 ? 63  THR A N   1 
ATOM   138  C CA  . THR A 1 19  ? 19.140  2.973   -0.343  1.00 22.80 ? 63  THR A CA  1 
ATOM   139  C C   . THR A 1 19  ? 17.987  3.223   -1.310  1.00 26.24 ? 63  THR A C   1 
ATOM   140  O O   . THR A 1 19  ? 17.982  2.706   -2.426  1.00 25.92 ? 63  THR A O   1 
ATOM   141  C CB  . THR A 1 19  ? 20.364  3.830   -0.728  1.00 26.86 ? 63  THR A CB  1 
ATOM   142  O OG1 . THR A 1 19  ? 21.395  3.649   0.252   1.00 28.16 ? 63  THR A OG1 1 
ATOM   143  C CG2 . THR A 1 19  ? 19.994  5.308   -0.792  1.00 18.52 ? 63  THR A CG2 1 
ATOM   144  N N   . VAL A 1 20  ? 17.002  3.999   -0.865  1.00 22.40 ? 64  VAL A N   1 
ATOM   145  C CA  . VAL A 1 20  ? 15.818  4.303   -1.665  1.00 19.06 ? 64  VAL A CA  1 
ATOM   146  C C   . VAL A 1 20  ? 15.482  5.794   -1.553  1.00 22.05 ? 64  VAL A C   1 
ATOM   147  O O   . VAL A 1 20  ? 15.875  6.451   -0.581  1.00 22.88 ? 64  VAL A O   1 
ATOM   148  C CB  . VAL A 1 20  ? 14.612  3.485   -1.172  1.00 23.07 ? 64  VAL A CB  1 
ATOM   149  C CG1 . VAL A 1 20  ? 14.858  1.986   -1.338  1.00 21.11 ? 64  VAL A CG1 1 
ATOM   150  C CG2 . VAL A 1 20  ? 14.321  3.806   0.288   1.00 25.44 ? 64  VAL A CG2 1 
ATOM   151  N N   . MET A 1 21  ? 14.768  6.329   -2.542  1.00 26.32 ? 65  MET A N   1 
ATOM   152  C CA  . MET A 1 21  ? 14.229  7.686   -2.443  1.00 25.82 ? 65  MET A CA  1 
ATOM   153  C C   . MET A 1 21  ? 12.733  7.581   -2.167  1.00 25.12 ? 65  MET A C   1 
ATOM   154  O O   . MET A 1 21  ? 12.016  6.878   -2.876  1.00 21.72 ? 65  MET A O   1 
ATOM   155  C CB  . MET A 1 21  ? 14.475  8.494   -3.730  1.00 24.98 ? 65  MET A CB  1 
ATOM   156  C CG  . MET A 1 21  ? 14.230  10.012  -3.575  1.00 30.12 ? 65  MET A CG  1 
ATOM   157  S SD  . MET A 1 21  ? 14.312  10.993  -5.106  1.00 19.61 ? 65  MET A SD  1 
ATOM   158  C CE  . MET A 1 21  ? 12.755  10.526  -5.869  1.00 22.56 ? 65  MET A CE  1 
ATOM   159  N N   . VAL A 1 22  ? 12.268  8.259   -1.122  1.00 26.14 ? 66  VAL A N   1 
ATOM   160  C CA  . VAL A 1 22  ? 10.841  8.257   -0.798  1.00 23.61 ? 66  VAL A CA  1 
ATOM   161  C C   . VAL A 1 22  ? 10.047  9.039   -1.847  1.00 32.21 ? 66  VAL A C   1 
ATOM   162  O O   . VAL A 1 22  ? 10.371  10.189  -2.155  1.00 31.80 ? 66  VAL A O   1 
ATOM   163  C CB  . VAL A 1 22  ? 10.576  8.842   0.603   1.00 26.39 ? 66  VAL A CB  1 
ATOM   164  C CG1 . VAL A 1 22  ? 9.079   8.869   0.900   1.00 21.82 ? 66  VAL A CG1 1 
ATOM   165  C CG2 . VAL A 1 22  ? 11.319  8.044   1.659   1.00 20.90 ? 66  VAL A CG2 1 
ATOM   166  N N   . LEU A 1 23  ? 9.017   8.406   -2.404  1.00 22.07 ? 67  LEU A N   1 
ATOM   167  C CA  . LEU A 1 23  ? 8.149   9.060   -3.378  1.00 25.90 ? 67  LEU A CA  1 
ATOM   168  C C   . LEU A 1 23  ? 6.921   9.644   -2.686  1.00 31.14 ? 67  LEU A C   1 
ATOM   169  O O   . LEU A 1 23  ? 6.666   10.845  -2.763  1.00 35.02 ? 67  LEU A O   1 
ATOM   170  C CB  . LEU A 1 23  ? 7.723   8.074   -4.473  1.00 22.84 ? 67  LEU A CB  1 
ATOM   171  C CG  . LEU A 1 23  ? 8.850   7.358   -5.213  1.00 27.95 ? 67  LEU A CG  1 
ATOM   172  C CD1 . LEU A 1 23  ? 8.308   6.393   -6.254  1.00 26.28 ? 67  LEU A CD1 1 
ATOM   173  C CD2 . LEU A 1 23  ? 9.780   8.367   -5.850  1.00 26.46 ? 67  LEU A CD2 1 
ATOM   174  N N   . THR A 1 24  ? 6.169   8.780   -2.006  1.00 27.95 ? 68  THR A N   1 
ATOM   175  C CA  . THR A 1 24  ? 4.948   9.180   -1.315  1.00 26.66 ? 68  THR A CA  1 
ATOM   176  C C   . THR A 1 24  ? 4.846   8.450   0.016   1.00 31.80 ? 68  THR A C   1 
ATOM   177  O O   . THR A 1 24  ? 5.448   7.386   0.200   1.00 25.38 ? 68  THR A O   1 
ATOM   178  C CB  . THR A 1 24  ? 3.692   8.814   -2.131  1.00 30.02 ? 68  THR A CB  1 
ATOM   179  O OG1 . THR A 1 24  ? 3.618   7.388   -2.273  1.00 32.88 ? 68  THR A OG1 1 
ATOM   180  C CG2 . THR A 1 24  ? 3.728   9.451   -3.515  1.00 31.84 ? 68  THR A CG2 1 
ATOM   181  N N   . ALA A 1 25  ? 4.080   9.027   0.939   1.00 22.98 ? 69  ALA A N   1 
ATOM   182  C CA  . ALA A 1 25  ? 3.798   8.406   2.227   1.00 24.46 ? 69  ALA A CA  1 
ATOM   183  C C   . ALA A 1 25  ? 2.465   8.926   2.743   1.00 26.76 ? 69  ALA A C   1 
ATOM   184  O O   . ALA A 1 25  ? 2.246   10.138  2.792   1.00 25.19 ? 69  ALA A O   1 
ATOM   185  C CB  . ALA A 1 25  ? 4.905   8.721   3.234   1.00 29.40 ? 69  ALA A CB  1 
ATOM   186  N N   . THR A 1 26  ? 1.577   8.018   3.140   1.00 24.65 ? 70  THR A N   1 
ATOM   187  C CA  . THR A 1 26  ? 0.314   8.425   3.737   1.00 24.01 ? 70  THR A CA  1 
ATOM   188  C C   . THR A 1 26  ? 0.538   8.880   5.169   1.00 24.96 ? 70  THR A C   1 
ATOM   189  O O   . THR A 1 26  ? 1.589   8.618   5.755   1.00 24.75 ? 70  THR A O   1 
ATOM   190  C CB  . THR A 1 26  ? -0.694  7.271   3.774   1.00 25.24 ? 70  THR A CB  1 
ATOM   191  O OG1 . THR A 1 26  ? -0.316  6.337   4.794   1.00 20.66 ? 70  THR A OG1 1 
ATOM   192  C CG2 . THR A 1 26  ? -0.756  6.563   2.425   1.00 24.65 ? 70  THR A CG2 1 
ATOM   193  N N   . GLU A 1 27  ? -0.457  9.561   5.726   1.00 26.54 ? 71  GLU A N   1 
ATOM   194  C CA  . GLU A 1 27  ? -0.467  9.895   7.142   1.00 30.62 ? 71  GLU A CA  1 
ATOM   195  C C   . GLU A 1 27  ? -0.574  8.611   7.953   1.00 30.71 ? 71  GLU A C   1 
ATOM   196  O O   . GLU A 1 27  ? -1.025  7.590   7.434   1.00 23.44 ? 71  GLU A O   1 
ATOM   197  C CB  . GLU A 1 27  ? -1.661  10.799  7.448   1.00 29.66 ? 71  GLU A CB  1 
ATOM   198  C CG  . GLU A 1 27  ? -3.028  10.133  7.233   1.00 35.72 ? 71  GLU A CG  1 
ATOM   199  C CD  . GLU A 1 27  ? -3.562  10.270  5.807   1.00 46.13 ? 71  GLU A CD  1 
ATOM   200  O OE1 . GLU A 1 27  ? -2.767  10.197  4.840   1.00 37.01 ? 71  GLU A OE1 1 
ATOM   201  O OE2 . GLU A 1 27  ? -4.792  10.453  5.656   1.00 40.20 ? 71  GLU A OE2 1 
ATOM   202  N N   . PRO A 1 28  ? -0.135  8.640   9.223   1.00 31.85 ? 72  PRO A N   1 
ATOM   203  C CA  . PRO A 1 28  ? -0.362  7.447   10.045  1.00 27.11 ? 72  PRO A CA  1 
ATOM   204  C C   . PRO A 1 28  ? -1.857  7.228   10.249  1.00 27.78 ? 72  PRO A C   1 
ATOM   205  O O   . PRO A 1 28  ? -2.611  8.202   10.281  1.00 26.70 ? 72  PRO A O   1 
ATOM   206  C CB  . PRO A 1 28  ? 0.312   7.805   11.379  1.00 26.18 ? 72  PRO A CB  1 
ATOM   207  C CG  . PRO A 1 28  ? 1.356   8.824   11.015  1.00 28.83 ? 72  PRO A CG  1 
ATOM   208  C CD  . PRO A 1 28  ? 0.729   9.627   9.898   1.00 31.90 ? 72  PRO A CD  1 
ATOM   209  N N   . PHE A 1 29  ? -2.280  5.973   10.361  1.00 31.04 ? 73  PHE A N   1 
ATOM   210  C CA  . PHE A 1 29  ? -3.691  5.667   10.573  1.00 25.64 ? 73  PHE A CA  1 
ATOM   211  C C   . PHE A 1 29  ? -3.830  4.394   11.397  1.00 26.64 ? 73  PHE A C   1 
ATOM   212  O O   . PHE A 1 29  ? -2.902  3.583   11.462  1.00 26.13 ? 73  PHE A O   1 
ATOM   213  C CB  . PHE A 1 29  ? -4.444  5.541   9.239   1.00 21.29 ? 73  PHE A CB  1 
ATOM   214  C CG  . PHE A 1 29  ? -4.082  4.312   8.433   1.00 25.28 ? 73  PHE A CG  1 
ATOM   215  C CD1 . PHE A 1 29  ? -2.979  4.320   7.588   1.00 23.95 ? 73  PHE A CD1 1 
ATOM   216  C CD2 . PHE A 1 29  ? -4.855  3.158   8.514   1.00 22.57 ? 73  PHE A CD2 1 
ATOM   217  C CE1 . PHE A 1 29  ? -2.643  3.202   6.845   1.00 22.28 ? 73  PHE A CE1 1 
ATOM   218  C CE2 . PHE A 1 29  ? -4.531  2.028   7.774   1.00 26.12 ? 73  PHE A CE2 1 
ATOM   219  C CZ  . PHE A 1 29  ? -3.423  2.049   6.932   1.00 24.72 ? 73  PHE A CZ  1 
ATOM   220  N N   . ASN A 1 30  ? -4.979  4.230   12.042  1.00 27.90 ? 74  ASN A N   1 
ATOM   221  C CA  . ASN A 1 30  ? -5.235  3.019   12.809  1.00 30.56 ? 74  ASN A CA  1 
ATOM   222  C C   . ASN A 1 30  ? -5.807  1.944   11.899  1.00 22.76 ? 74  ASN A C   1 
ATOM   223  O O   . ASN A 1 30  ? -6.878  2.128   11.321  1.00 30.90 ? 74  ASN A O   1 
ATOM   224  C CB  . ASN A 1 30  ? -6.185  3.299   13.976  1.00 23.91 ? 74  ASN A CB  1 
ATOM   225  C CG  . ASN A 1 30  ? -6.346  2.100   14.891  1.00 27.00 ? 74  ASN A CG  1 
ATOM   226  O OD1 . ASN A 1 30  ? -5.579  1.920   15.836  1.00 36.02 ? 74  ASN A OD1 1 
ATOM   227  N ND2 . ASN A 1 30  ? -7.333  1.262   14.605  1.00 35.13 ? 74  ASN A ND2 1 
ATOM   228  N N   . TYR A 1 31  ? -5.087  0.836   11.754  1.00 28.03 ? 75  TYR A N   1 
ATOM   229  C CA  . TYR A 1 31  ? -5.542  -0.251  10.895  1.00 27.01 ? 75  TYR A CA  1 
ATOM   230  C C   . TYR A 1 31  ? -6.226  -1.345  11.708  1.00 31.39 ? 75  TYR A C   1 
ATOM   231  O O   . TYR A 1 31  ? -7.024  -2.123  11.176  1.00 32.60 ? 75  TYR A O   1 
ATOM   232  C CB  . TYR A 1 31  ? -4.385  -0.819  10.055  1.00 26.58 ? 75  TYR A CB  1 
ATOM   233  C CG  . TYR A 1 31  ? -3.335  -1.574  10.841  1.00 26.43 ? 75  TYR A CG  1 
ATOM   234  C CD1 . TYR A 1 31  ? -2.335  -0.896  11.527  1.00 27.87 ? 75  TYR A CD1 1 
ATOM   235  C CD2 . TYR A 1 31  ? -3.335  -2.963  10.885  1.00 25.70 ? 75  TYR A CD2 1 
ATOM   236  C CE1 . TYR A 1 31  ? -1.367  -1.578  12.244  1.00 23.36 ? 75  TYR A CE1 1 
ATOM   237  C CE2 . TYR A 1 31  ? -2.371  -3.656  11.602  1.00 29.42 ? 75  TYR A CE2 1 
ATOM   238  C CZ  . TYR A 1 31  ? -1.390  -2.954  12.277  1.00 29.31 ? 75  TYR A CZ  1 
ATOM   239  O OH  . TYR A 1 31  ? -0.427  -3.631  12.994  1.00 35.99 ? 75  TYR A OH  1 
ATOM   240  N N   . LYS A 1 32  ? -5.922  -1.394  13.001  1.00 27.92 ? 76  LYS A N   1 
ATOM   241  C CA  . LYS A 1 32  ? -6.544  -2.371  13.887  1.00 32.11 ? 76  LYS A CA  1 
ATOM   242  C C   . LYS A 1 32  ? -6.592  -1.883  15.332  1.00 29.05 ? 76  LYS A C   1 
ATOM   243  O O   . LYS A 1 32  ? -5.603  -1.365  15.854  1.00 30.84 ? 76  LYS A O   1 
ATOM   244  C CB  . LYS A 1 32  ? -5.815  -3.716  13.813  1.00 25.99 ? 76  LYS A CB  1 
ATOM   245  C CG  . LYS A 1 32  ? -6.445  -4.776  14.708  1.00 32.24 ? 76  LYS A CG  1 
ATOM   246  C CD  . LYS A 1 32  ? -5.836  -6.148  14.507  1.00 37.52 ? 76  LYS A CD  1 
ATOM   247  C CE  . LYS A 1 32  ? -6.615  -7.182  15.308  1.00 36.47 ? 76  LYS A CE  1 
ATOM   248  N NZ  . LYS A 1 32  ? -6.067  -8.555  15.131  1.00 49.89 ? 76  LYS A NZ  1 
ATOM   249  N N   . GLU A 1 33  ? -7.743  -2.069  15.972  1.00 31.23 ? 77  GLU A N   1 
ATOM   250  C CA  . GLU A 1 33  ? -7.964  -1.620  17.347  1.00 35.84 ? 77  GLU A CA  1 
ATOM   251  C C   . GLU A 1 33  ? -6.932  -2.193  18.313  1.00 29.78 ? 77  GLU A C   1 
ATOM   252  O O   . GLU A 1 33  ? -6.683  -3.398  18.324  1.00 33.43 ? 77  GLU A O   1 
ATOM   253  C CB  . GLU A 1 33  ? -9.375  -1.998  17.806  1.00 36.55 ? 77  GLU A CB  1 
ATOM   254  C CG  . GLU A 1 33  ? -9.781  -1.383  19.142  1.00 55.67 ? 77  GLU A CG  1 
ATOM   255  C CD  . GLU A 1 33  ? -11.120 -1.894  19.639  1.00 62.75 ? 77  GLU A CD  1 
ATOM   256  O OE1 . GLU A 1 33  ? -11.307 -3.129  19.691  1.00 61.71 ? 77  GLU A OE1 1 
ATOM   257  O OE2 . GLU A 1 33  ? -11.987 -1.060  19.980  1.00 69.62 ? 77  GLU A OE2 1 
ATOM   258  N N   . GLY A 1 34  ? -6.328  -1.317  19.112  1.00 31.90 ? 78  GLY A N   1 
ATOM   259  C CA  . GLY A 1 34  ? -5.332  -1.724  20.087  1.00 29.60 ? 78  GLY A CA  1 
ATOM   260  C C   . GLY A 1 34  ? -3.919  -1.771  19.536  1.00 26.26 ? 78  GLY A C   1 
ATOM   261  O O   . GLY A 1 34  ? -2.959  -1.952  20.290  1.00 26.21 ? 78  GLY A O   1 
ATOM   262  N N   . LYS A 1 35  ? -3.787  -1.605  18.222  1.00 28.64 ? 79  LYS A N   1 
ATOM   263  C CA  . LYS A 1 35  ? -2.481  -1.675  17.573  1.00 30.41 ? 79  LYS A CA  1 
ATOM   264  C C   . LYS A 1 35  ? -1.917  -0.287  17.295  1.00 26.08 ? 79  LYS A C   1 
ATOM   265  O O   . LYS A 1 35  ? -2.667  0.676   17.125  1.00 20.82 ? 79  LYS A O   1 
ATOM   266  C CB  . LYS A 1 35  ? -2.578  -2.464  16.264  1.00 29.82 ? 79  LYS A CB  1 
ATOM   267  C CG  . LYS A 1 35  ? -3.113  -3.881  16.421  1.00 35.20 ? 79  LYS A CG  1 
ATOM   268  C CD  . LYS A 1 35  ? -2.130  -4.765  17.170  1.00 38.34 ? 79  LYS A CD  1 
ATOM   269  C CE  . LYS A 1 35  ? -0.899  -5.087  16.321  1.00 47.22 ? 79  LYS A CE  1 
ATOM   270  N NZ  . LYS A 1 35  ? -1.227  -5.958  15.147  1.00 47.34 ? 79  LYS A NZ  1 
ATOM   271  N N   . GLU A 1 36  ? -0.593  -0.189  17.254  1.00 24.87 ? 80  GLU A N   1 
ATOM   272  C CA  . GLU A 1 36  ? 0.072   1.051   16.873  1.00 25.20 ? 80  GLU A CA  1 
ATOM   273  C C   . GLU A 1 36  ? -0.350  1.435   15.458  1.00 26.52 ? 80  GLU A C   1 
ATOM   274  O O   . GLU A 1 36  ? -0.616  0.559   14.629  1.00 24.55 ? 80  GLU A O   1 
ATOM   275  C CB  . GLU A 1 36  ? 1.593   0.860   16.939  1.00 25.69 ? 80  GLU A CB  1 
ATOM   276  C CG  . GLU A 1 36  ? 2.418   2.125   16.707  1.00 27.97 ? 80  GLU A CG  1 
ATOM   277  C CD  . GLU A 1 36  ? 3.912   1.866   16.804  1.00 35.06 ? 80  GLU A CD  1 
ATOM   278  O OE1 . GLU A 1 36  ? 4.297   0.717   17.110  1.00 50.14 ? 80  GLU A OE1 1 
ATOM   279  O OE2 . GLU A 1 36  ? 4.700   2.809   16.571  1.00 38.49 ? 80  GLU A OE2 1 
ATOM   280  N N   . ASN A 1 37  ? -0.428  2.735   15.188  1.00 23.08 ? 81  ASN A N   1 
ATOM   281  C CA  . ASN A 1 37  ? -0.715  3.220   13.836  1.00 25.85 ? 81  ASN A CA  1 
ATOM   282  C C   . ASN A 1 37  ? 0.313   2.730   12.824  1.00 25.85 ? 81  ASN A C   1 
ATOM   283  O O   . ASN A 1 37  ? 1.452   2.422   13.185  1.00 25.43 ? 81  ASN A O   1 
ATOM   284  C CB  . ASN A 1 37  ? -0.747  4.752   13.812  1.00 24.05 ? 81  ASN A CB  1 
ATOM   285  C CG  . ASN A 1 37  ? -2.058  5.321   14.311  1.00 25.94 ? 81  ASN A CG  1 
ATOM   286  O OD1 . ASN A 1 37  ? -2.974  4.580   14.670  1.00 26.93 ? 81  ASN A OD1 1 
ATOM   287  N ND2 . ASN A 1 37  ? -2.151  6.647   14.353  1.00 24.88 ? 81  ASN A ND2 1 
ATOM   288  N N   . MET A 1 38  ? -0.097  2.658   11.559  1.00 20.23 ? 82  MET A N   1 
ATOM   289  C CA  . MET A 1 38  ? 0.811   2.345   10.461  1.00 23.39 ? 82  MET A CA  1 
ATOM   290  C C   . MET A 1 38  ? 0.645   3.406   9.379   1.00 25.93 ? 82  MET A C   1 
ATOM   291  O O   . MET A 1 38  ? -0.295  4.210   9.425   1.00 23.07 ? 82  MET A O   1 
ATOM   292  C CB  . MET A 1 38  ? 0.506   0.959   9.878   1.00 19.83 ? 82  MET A CB  1 
ATOM   293  C CG  . MET A 1 38  ? -0.712  0.915   8.952   1.00 19.14 ? 82  MET A CG  1 
ATOM   294  S SD  . MET A 1 38  ? -0.956  -0.694  8.163   1.00 9.59  ? 82  MET A SD  1 
ATOM   295  C CE  . MET A 1 38  ? 0.300   -0.543  6.891   1.00 21.33 ? 82  MET A CE  1 
ATOM   296  N N   . PHE A 1 39  ? 1.561   3.431   8.417   1.00 23.92 ? 83  PHE A N   1 
ATOM   297  C CA  . PHE A 1 39  ? 1.322   4.214   7.202   1.00 27.21 ? 83  PHE A CA  1 
ATOM   298  C C   . PHE A 1 39  ? 1.827   3.495   5.959   1.00 22.65 ? 83  PHE A C   1 
ATOM   299  O O   . PHE A 1 39  ? 2.683   2.611   6.051   1.00 18.56 ? 83  PHE A O   1 
ATOM   300  C CB  . PHE A 1 39  ? 1.855   5.656   7.310   1.00 24.44 ? 83  PHE A CB  1 
ATOM   301  C CG  . PHE A 1 39  ? 3.353   5.767   7.432   1.00 23.89 ? 83  PHE A CG  1 
ATOM   302  C CD1 . PHE A 1 39  ? 4.157   5.795   6.297   1.00 28.56 ? 83  PHE A CD1 1 
ATOM   303  C CD2 . PHE A 1 39  ? 3.951   5.903   8.677   1.00 27.21 ? 83  PHE A CD2 1 
ATOM   304  C CE1 . PHE A 1 39  ? 5.534   5.924   6.405   1.00 25.81 ? 83  PHE A CE1 1 
ATOM   305  C CE2 . PHE A 1 39  ? 5.327   6.029   8.799   1.00 25.04 ? 83  PHE A CE2 1 
ATOM   306  C CZ  . PHE A 1 39  ? 6.124   6.035   7.658   1.00 23.74 ? 83  PHE A CZ  1 
ATOM   307  N N   . HIS A 1 40  ? 1.257   3.844   4.807   1.00 22.73 ? 84  HIS A N   1 
ATOM   308  C CA  . HIS A 1 40  ? 1.710   3.304   3.529   1.00 21.60 ? 84  HIS A CA  1 
ATOM   309  C C   . HIS A 1 40  ? 2.694   4.259   2.875   1.00 23.29 ? 84  HIS A C   1 
ATOM   310  O O   . HIS A 1 40  ? 2.591   5.477   3.035   1.00 26.26 ? 84  HIS A O   1 
ATOM   311  C CB  . HIS A 1 40  ? 0.528   3.071   2.580   1.00 16.85 ? 84  HIS A CB  1 
ATOM   312  C CG  . HIS A 1 40  ? -0.433  2.025   3.056   1.00 19.36 ? 84  HIS A CG  1 
ATOM   313  N ND1 . HIS A 1 40  ? -0.181  0.674   2.938   1.00 20.30 ? 84  HIS A ND1 1 
ATOM   314  C CD2 . HIS A 1 40  ? -1.644  2.131   3.655   1.00 21.30 ? 84  HIS A CD2 1 
ATOM   315  C CE1 . HIS A 1 40  ? -1.194  -0.007  3.446   1.00 20.07 ? 84  HIS A CE1 1 
ATOM   316  N NE2 . HIS A 1 40  ? -2.097  0.853   3.886   1.00 24.06 ? 84  HIS A NE2 1 
ATOM   317  N N   . ALA A 1 41  ? 3.647   3.707   2.133   1.00 21.96 ? 85  ALA A N   1 
ATOM   318  C CA  . ALA A 1 41  ? 4.600   4.529   1.402   1.00 27.98 ? 85  ALA A CA  1 
ATOM   319  C C   . ALA A 1 41  ? 4.975   3.878   0.075   1.00 23.73 ? 85  ALA A C   1 
ATOM   320  O O   . ALA A 1 41  ? 4.847   2.662   -0.098  1.00 19.55 ? 85  ALA A O   1 
ATOM   321  C CB  . ALA A 1 41  ? 5.845   4.788   2.249   1.00 17.44 ? 85  ALA A CB  1 
ATOM   322  N N   . THR A 1 42  ? 5.422   4.693   -0.871  1.00 18.67 ? 86  THR A N   1 
ATOM   323  C CA  . THR A 1 42  ? 6.025   4.171   -2.086  1.00 26.27 ? 86  THR A CA  1 
ATOM   324  C C   . THR A 1 42  ? 7.420   4.747   -2.163  1.00 20.68 ? 86  THR A C   1 
ATOM   325  O O   . THR A 1 42  ? 7.653   5.910   -1.819  1.00 21.65 ? 86  THR A O   1 
ATOM   326  C CB  . THR A 1 42  ? 5.228   4.535   -3.348  1.00 28.18 ? 86  THR A CB  1 
ATOM   327  O OG1 . THR A 1 42  ? 5.142   5.961   -3.459  1.00 39.14 ? 86  THR A OG1 1 
ATOM   328  C CG2 . THR A 1 42  ? 3.824   3.949   -3.277  1.00 23.96 ? 86  THR A CG2 1 
ATOM   329  N N   . VAL A 1 43  ? 8.349   3.926   -2.622  1.00 21.67 ? 87  VAL A N   1 
ATOM   330  C CA  . VAL A 1 43  ? 9.753   4.260   -2.538  1.00 25.08 ? 87  VAL A CA  1 
ATOM   331  C C   . VAL A 1 43  ? 10.424  3.741   -3.810  1.00 25.95 ? 87  VAL A C   1 
ATOM   332  O O   . VAL A 1 43  ? 9.883   2.849   -4.461  1.00 22.63 ? 87  VAL A O   1 
ATOM   333  C CB  . VAL A 1 43  ? 10.329  3.626   -1.262  1.00 24.07 ? 87  VAL A CB  1 
ATOM   334  C CG1 . VAL A 1 43  ? 11.191  2.413   -1.588  1.00 14.64 ? 87  VAL A CG1 1 
ATOM   335  C CG2 . VAL A 1 43  ? 11.056  4.666   -0.436  1.00 27.69 ? 87  VAL A CG2 1 
ATOM   336  N N   . ALA A 1 44  ? 11.573  4.299   -4.192  1.00 26.89 ? 88  ALA A N   1 
ATOM   337  C CA  . ALA A 1 44  ? 12.209  3.866   -5.443  1.00 27.62 ? 88  ALA A CA  1 
ATOM   338  C C   . ALA A 1 44  ? 13.731  3.764   -5.390  1.00 25.51 ? 88  ALA A C   1 
ATOM   339  O O   . ALA A 1 44  ? 14.396  4.547   -4.712  1.00 29.76 ? 88  ALA A O   1 
ATOM   340  C CB  . ALA A 1 44  ? 11.788  4.770   -6.597  1.00 28.82 ? 88  ALA A CB  1 
ATOM   341  N N   . THR A 1 45  ? 14.270  2.790   -6.116  1.00 30.92 ? 89  THR A N   1 
ATOM   342  C CA  . THR A 1 45  ? 15.706  2.710   -6.366  1.00 30.89 ? 89  THR A CA  1 
ATOM   343  C C   . THR A 1 45  ? 15.954  3.181   -7.793  1.00 33.73 ? 89  THR A C   1 
ATOM   344  O O   . THR A 1 45  ? 15.078  3.798   -8.403  1.00 34.57 ? 89  THR A O   1 
ATOM   345  C CB  . THR A 1 45  ? 16.230  1.272   -6.211  1.00 32.05 ? 89  THR A CB  1 
ATOM   346  O OG1 . THR A 1 45  ? 15.597  0.421   -7.174  1.00 29.55 ? 89  THR A OG1 1 
ATOM   347  C CG2 . THR A 1 45  ? 15.946  0.742   -4.810  1.00 30.52 ? 89  THR A CG2 1 
ATOM   348  N N   . GLU A 1 46  ? 17.133  2.890   -8.333  1.00 31.07 ? 90  GLU A N   1 
ATOM   349  C CA  . GLU A 1 46  ? 17.427  3.224   -9.722  1.00 33.73 ? 90  GLU A CA  1 
ATOM   350  C C   . GLU A 1 46  ? 16.657  2.319   -10.676 1.00 32.44 ? 90  GLU A C   1 
ATOM   351  O O   . GLU A 1 46  ? 16.361  2.704   -11.808 1.00 27.88 ? 90  GLU A O   1 
ATOM   352  C CB  . GLU A 1 46  ? 18.921  3.073   -10.011 1.00 35.52 ? 90  GLU A CB  1 
ATOM   353  C CG  . GLU A 1 46  ? 19.823  4.034   -9.265  1.00 41.98 ? 90  GLU A CG  1 
ATOM   354  C CD  . GLU A 1 46  ? 21.291  3.759   -9.524  1.00 47.88 ? 90  GLU A CD  1 
ATOM   355  O OE1 . GLU A 1 46  ? 21.816  4.246   -10.548 1.00 50.92 ? 90  GLU A OE1 1 
ATOM   356  O OE2 . GLU A 1 46  ? 21.914  3.054   -8.700  1.00 53.41 ? 90  GLU A OE2 1 
ATOM   357  N N   . SER A 1 47  ? 16.342  1.110   -10.220 1.00 25.78 ? 91  SER A N   1 
ATOM   358  C CA  . SER A 1 47  ? 15.794  0.091   -11.111 1.00 37.28 ? 91  SER A CA  1 
ATOM   359  C C   . SER A 1 47  ? 14.339  -0.281  -10.832 1.00 36.56 ? 91  SER A C   1 
ATOM   360  O O   . SER A 1 47  ? 13.681  -0.883  -11.682 1.00 35.21 ? 91  SER A O   1 
ATOM   361  C CB  . SER A 1 47  ? 16.666  -1.167  -11.067 1.00 32.53 ? 91  SER A CB  1 
ATOM   362  O OG  . SER A 1 47  ? 16.747  -1.682  -9.751  1.00 37.85 ? 91  SER A OG  1 
ATOM   363  N N   . LYS A 1 48  ? 13.827  0.073   -9.657  1.00 32.47 ? 92  LYS A N   1 
ATOM   364  C CA  . LYS A 1 48  ? 12.484  -0.363  -9.279  1.00 28.96 ? 92  LYS A CA  1 
ATOM   365  C C   . LYS A 1 48  ? 11.833  0.536   -8.232  1.00 31.41 ? 92  LYS A C   1 
ATOM   366  O O   . LYS A 1 48  ? 12.517  1.275   -7.515  1.00 31.89 ? 92  LYS A O   1 
ATOM   367  C CB  . LYS A 1 48  ? 12.540  -1.801  -8.756  1.00 34.16 ? 92  LYS A CB  1 
ATOM   368  C CG  . LYS A 1 48  ? 11.212  -2.555  -8.818  1.00 46.16 ? 92  LYS A CG  1 
ATOM   369  C CD  . LYS A 1 48  ? 11.065  -3.556  -7.670  1.00 48.42 ? 92  LYS A CD  1 
ATOM   370  C CE  . LYS A 1 48  ? 11.759  -4.883  -7.956  1.00 51.75 ? 92  LYS A CE  1 
ATOM   371  N NZ  . LYS A 1 48  ? 13.247  -4.778  -7.998  1.00 55.26 ? 92  LYS A NZ  1 
ATOM   372  N N   . TYR A 1 49  ? 10.504  0.471   -8.161  1.00 23.22 ? 93  TYR A N   1 
ATOM   373  C CA  . TYR A 1 49  ? 9.754   1.084   -7.067  1.00 27.71 ? 93  TYR A CA  1 
ATOM   374  C C   . TYR A 1 49  ? 9.195   -0.021  -6.181  1.00 28.17 ? 93  TYR A C   1 
ATOM   375  O O   . TYR A 1 49  ? 8.982   -1.140  -6.650  1.00 27.45 ? 93  TYR A O   1 
ATOM   376  C CB  . TYR A 1 49  ? 8.626   1.986   -7.596  1.00 24.56 ? 93  TYR A CB  1 
ATOM   377  C CG  . TYR A 1 49  ? 7.355   1.267   -8.026  1.00 29.45 ? 93  TYR A CG  1 
ATOM   378  C CD1 . TYR A 1 49  ? 6.347   0.986   -7.108  1.00 31.13 ? 93  TYR A CD1 1 
ATOM   379  C CD2 . TYR A 1 49  ? 7.151   0.900   -9.351  1.00 31.72 ? 93  TYR A CD2 1 
ATOM   380  C CE1 . TYR A 1 49  ? 5.186   0.343   -7.491  1.00 28.99 ? 93  TYR A CE1 1 
ATOM   381  C CE2 . TYR A 1 49  ? 5.991   0.253   -9.744  1.00 31.74 ? 93  TYR A CE2 1 
ATOM   382  C CZ  . TYR A 1 49  ? 5.013   -0.019  -8.808  1.00 35.92 ? 93  TYR A CZ  1 
ATOM   383  O OH  . TYR A 1 49  ? 3.855   -0.657  -9.188  1.00 39.89 ? 93  TYR A OH  1 
ATOM   384  N N   . TYR A 1 50  ? 8.969   0.287   -4.905  1.00 21.46 ? 94  TYR A N   1 
ATOM   385  C CA  . TYR A 1 50  ? 8.352   -0.672  -3.997  1.00 20.43 ? 94  TYR A CA  1 
ATOM   386  C C   . TYR A 1 50  ? 7.209   -0.017  -3.240  1.00 26.11 ? 94  TYR A C   1 
ATOM   387  O O   . TYR A 1 50  ? 7.287   1.165   -2.885  1.00 20.83 ? 94  TYR A O   1 
ATOM   388  C CB  . TYR A 1 50  ? 9.359   -1.183  -2.964  1.00 26.20 ? 94  TYR A CB  1 
ATOM   389  C CG  . TYR A 1 50  ? 10.621  -1.814  -3.509  1.00 26.64 ? 94  TYR A CG  1 
ATOM   390  C CD1 . TYR A 1 50  ? 11.736  -1.037  -3.792  1.00 30.53 ? 94  TYR A CD1 1 
ATOM   391  C CD2 . TYR A 1 50  ? 10.715  -3.188  -3.693  1.00 26.05 ? 94  TYR A CD2 1 
ATOM   392  C CE1 . TYR A 1 50  ? 12.898  -1.604  -4.269  1.00 31.47 ? 94  TYR A CE1 1 
ATOM   393  C CE2 . TYR A 1 50  ? 11.878  -3.765  -4.174  1.00 25.73 ? 94  TYR A CE2 1 
ATOM   394  C CZ  . TYR A 1 50  ? 12.964  -2.964  -4.456  1.00 27.21 ? 94  TYR A CZ  1 
ATOM   395  O OH  . TYR A 1 50  ? 14.129  -3.521  -4.933  1.00 38.12 ? 94  TYR A OH  1 
ATOM   396  N N   . ARG A 1 51  ? 6.148   -0.781  -2.988  1.00 26.09 ? 95  ARG A N   1 
ATOM   397  C CA  . ARG A 1 51  ? 5.145   -0.378  -2.010  1.00 27.89 ? 95  ARG A CA  1 
ATOM   398  C C   . ARG A 1 51  ? 5.744   -0.694  -0.650  1.00 25.61 ? 95  ARG A C   1 
ATOM   399  O O   . ARG A 1 51  ? 6.422   -1.712  -0.487  1.00 24.43 ? 95  ARG A O   1 
ATOM   400  C CB  . ARG A 1 51  ? 3.848   -1.168  -2.179  1.00 23.13 ? 95  ARG A CB  1 
ATOM   401  C CG  . ARG A 1 51  ? 3.288   -1.194  -3.594  1.00 35.18 ? 95  ARG A CG  1 
ATOM   402  C CD  . ARG A 1 51  ? 2.507   0.065   -3.936  1.00 29.62 ? 95  ARG A CD  1 
ATOM   403  N NE  . ARG A 1 51  ? 2.110   0.072   -5.343  1.00 43.32 ? 95  ARG A NE  1 
ATOM   404  C CZ  . ARG A 1 51  ? 1.819   1.170   -6.034  1.00 44.10 ? 95  ARG A CZ  1 
ATOM   405  N NH1 . ARG A 1 51  ? 1.879   2.359   -5.449  1.00 41.94 ? 95  ARG A NH1 1 
ATOM   406  N NH2 . ARG A 1 51  ? 1.474   1.082   -7.310  1.00 45.75 ? 95  ARG A NH2 1 
ATOM   407  N N   . VAL A 1 52  ? 5.516   0.178   0.325   1.00 19.47 ? 96  VAL A N   1 
ATOM   408  C CA  . VAL A 1 52  ? 6.086   -0.033  1.652   1.00 21.10 ? 96  VAL A CA  1 
ATOM   409  C C   . VAL A 1 52  ? 5.005   0.053   2.729   1.00 24.74 ? 96  VAL A C   1 
ATOM   410  O O   . VAL A 1 52  ? 4.105   0.892   2.648   1.00 22.08 ? 96  VAL A O   1 
ATOM   411  C CB  . VAL A 1 52  ? 7.218   0.985   1.946   1.00 25.56 ? 96  VAL A CB  1 
ATOM   412  C CG1 . VAL A 1 52  ? 7.893   0.666   3.264   1.00 20.36 ? 96  VAL A CG1 1 
ATOM   413  C CG2 . VAL A 1 52  ? 8.247   0.986   0.809   1.00 19.46 ? 96  VAL A CG2 1 
ATOM   414  N N   . LYS A 1 53  ? 5.079   -0.845  3.712   1.00 18.69 ? 97  LYS A N   1 
ATOM   415  C CA  . LYS A 1 53  ? 4.231   -0.777  4.901   1.00 23.01 ? 97  LYS A CA  1 
ATOM   416  C C   . LYS A 1 53  ? 5.139   -0.589  6.108   1.00 31.12 ? 97  LYS A C   1 
ATOM   417  O O   . LYS A 1 53  ? 5.976   -1.448  6.396   1.00 26.83 ? 97  LYS A O   1 
ATOM   418  C CB  . LYS A 1 53  ? 3.414   -2.064  5.077   1.00 19.15 ? 97  LYS A CB  1 
ATOM   419  C CG  . LYS A 1 53  ? 2.352   -2.304  4.005   1.00 18.12 ? 97  LYS A CG  1 
ATOM   420  C CD  . LYS A 1 53  ? 1.653   -3.640  4.238   1.00 20.54 ? 97  LYS A CD  1 
ATOM   421  C CE  . LYS A 1 53  ? 0.563   -3.893  3.198   1.00 19.99 ? 97  LYS A CE  1 
ATOM   422  N NZ  . LYS A 1 53  ? -0.073  -5.237  3.364   1.00 19.75 ? 97  LYS A NZ  1 
ATOM   423  N N   . VAL A 1 54  ? 4.997   0.529   6.811   1.00 24.20 ? 98  VAL A N   1 
ATOM   424  C CA  . VAL A 1 54  ? 5.830   0.754   7.988   1.00 22.57 ? 98  VAL A CA  1 
ATOM   425  C C   . VAL A 1 54  ? 5.008   0.802   9.268   1.00 25.89 ? 98  VAL A C   1 
ATOM   426  O O   . VAL A 1 54  ? 4.021   1.539   9.378   1.00 22.85 ? 98  VAL A O   1 
ATOM   427  C CB  . VAL A 1 54  ? 6.791   1.965   7.822   1.00 30.54 ? 98  VAL A CB  1 
ATOM   428  C CG1 . VAL A 1 54  ? 6.464   2.737   6.571   1.00 22.98 ? 98  VAL A CG1 1 
ATOM   429  C CG2 . VAL A 1 54  ? 6.812   2.849   9.068   1.00 22.31 ? 98  VAL A CG2 1 
ATOM   430  N N   . PHE A 1 55  ? 5.417   -0.028  10.219  1.00 22.80 ? 99  PHE A N   1 
ATOM   431  C CA  . PHE A 1 55  ? 4.643   -0.257  11.425  1.00 29.43 ? 99  PHE A CA  1 
ATOM   432  C C   . PHE A 1 55  ? 5.220   0.474   12.634  1.00 26.35 ? 99  PHE A C   1 
ATOM   433  O O   . PHE A 1 55  ? 4.597   0.502   13.693  1.00 26.71 ? 99  PHE A O   1 
ATOM   434  C CB  . PHE A 1 55  ? 4.529   -1.763  11.681  1.00 25.66 ? 99  PHE A CB  1 
ATOM   435  C CG  . PHE A 1 55  ? 3.854   -2.508  10.561  1.00 26.70 ? 99  PHE A CG  1 
ATOM   436  C CD1 . PHE A 1 55  ? 2.467   -2.508  10.449  1.00 30.09 ? 99  PHE A CD1 1 
ATOM   437  C CD2 . PHE A 1 55  ? 4.603   -3.189  9.607   1.00 24.26 ? 99  PHE A CD2 1 
ATOM   438  C CE1 . PHE A 1 55  ? 1.835   -3.183  9.405   1.00 26.31 ? 99  PHE A CE1 1 
ATOM   439  C CE2 . PHE A 1 55  ? 3.982   -3.868  8.559   1.00 28.83 ? 99  PHE A CE2 1 
ATOM   440  C CZ  . PHE A 1 55  ? 2.595   -3.864  8.460   1.00 25.88 ? 99  PHE A CZ  1 
ATOM   441  N N   . ASN A 1 56  ? 6.397   1.075   12.457  1.00 25.81 ? 100 ASN A N   1 
ATOM   442  C CA  . ASN A 1 56  ? 7.050   1.870   13.502  1.00 27.59 ? 100 ASN A CA  1 
ATOM   443  C C   . ASN A 1 56  ? 6.864   3.366   13.265  1.00 31.88 ? 100 ASN A C   1 
ATOM   444  O O   . ASN A 1 56  ? 7.411   3.925   12.310  1.00 26.27 ? 100 ASN A O   1 
ATOM   445  C CB  . ASN A 1 56  ? 8.546   1.529   13.564  1.00 30.73 ? 100 ASN A CB  1 
ATOM   446  C CG  . ASN A 1 56  ? 9.293   2.307   14.645  1.00 34.94 ? 100 ASN A CG  1 
ATOM   447  O OD1 . ASN A 1 56  ? 8.693   3.030   15.444  1.00 41.66 ? 100 ASN A OD1 1 
ATOM   448  N ND2 . ASN A 1 56  ? 10.614  2.148   14.677  1.00 27.99 ? 100 ASN A ND2 1 
ATOM   449  N N   . MET A 1 57  ? 6.110   4.019   14.144  1.00 29.00 ? 101 MET A N   1 
ATOM   450  C CA  . MET A 1 57  ? 5.778   5.428   13.950  1.00 33.59 ? 101 MET A CA  1 
ATOM   451  C C   . MET A 1 57  ? 6.916   6.387   14.290  1.00 33.82 ? 101 MET A C   1 
ATOM   452  O O   . MET A 1 57  ? 6.807   7.593   14.064  1.00 42.23 ? 101 MET A O   1 
ATOM   453  C CB  . MET A 1 57  ? 4.494   5.788   14.702  1.00 31.72 ? 101 MET A CB  1 
ATOM   454  C CG  . MET A 1 57  ? 3.256   5.123   14.129  1.00 37.33 ? 101 MET A CG  1 
ATOM   455  S SD  . MET A 1 57  ? 3.018   5.491   12.376  1.00 26.39 ? 101 MET A SD  1 
ATOM   456  C CE  . MET A 1 57  ? 3.733   4.034   11.603  1.00 34.55 ? 101 MET A CE  1 
ATOM   457  N N   . ASP A 1 58  ? 8.014   5.846   14.808  1.00 41.00 ? 102 ASP A N   1 
ATOM   458  C CA  . ASP A 1 58  ? 9.219   6.640   15.030  1.00 43.05 ? 102 ASP A CA  1 
ATOM   459  C C   . ASP A 1 58  ? 9.867   7.011   13.691  1.00 48.46 ? 102 ASP A C   1 
ATOM   460  O O   . ASP A 1 58  ? 10.809  7.803   13.647  1.00 45.82 ? 102 ASP A O   1 
ATOM   461  C CB  . ASP A 1 58  ? 10.227  5.860   15.885  1.00 41.42 ? 102 ASP A CB  1 
ATOM   462  C CG  . ASP A 1 58  ? 9.699   5.534   17.274  1.00 50.45 ? 102 ASP A CG  1 
ATOM   463  O OD1 . ASP A 1 58  ? 8.657   6.098   17.668  1.00 50.90 ? 102 ASP A OD1 1 
ATOM   464  O OD2 . ASP A 1 58  ? 10.343  4.718   17.976  1.00 44.18 ? 102 ASP A OD2 1 
ATOM   465  N N   . LEU A 1 59  ? 9.349   6.439   12.605  1.00 34.47 ? 103 LEU A N   1 
ATOM   466  C CA  . LEU A 1 59  ? 9.976   6.559   11.292  1.00 36.70 ? 103 LEU A CA  1 
ATOM   467  C C   . LEU A 1 59  ? 9.271   7.524   10.347  1.00 34.05 ? 103 LEU A C   1 
ATOM   468  O O   . LEU A 1 59  ? 9.741   7.729   9.225   1.00 33.25 ? 103 LEU A O   1 
ATOM   469  C CB  . LEU A 1 59  ? 10.059  5.184   10.618  1.00 27.90 ? 103 LEU A CB  1 
ATOM   470  C CG  . LEU A 1 59  ? 10.860  4.088   11.320  1.00 34.53 ? 103 LEU A CG  1 
ATOM   471  C CD1 . LEU A 1 59  ? 10.914  2.841   10.459  1.00 25.24 ? 103 LEU A CD1 1 
ATOM   472  C CD2 . LEU A 1 59  ? 12.258  4.572   11.653  1.00 29.12 ? 103 LEU A CD2 1 
ATOM   473  N N   . LYS A 1 60  ? 8.152   8.104   10.778  1.00 31.04 ? 104 LYS A N   1 
ATOM   474  C CA  . LYS A 1 60  ? 7.350   8.942   9.882   1.00 31.78 ? 104 LYS A CA  1 
ATOM   475  C C   . LYS A 1 60  ? 8.173   10.082  9.282   1.00 39.22 ? 104 LYS A C   1 
ATOM   476  O O   . LYS A 1 60  ? 8.068   10.373  8.087   1.00 35.74 ? 104 LYS A O   1 
ATOM   477  C CB  . LYS A 1 60  ? 6.110   9.499   10.593  1.00 38.12 ? 104 LYS A CB  1 
ATOM   478  C CG  . LYS A 1 60  ? 5.211   10.338  9.675   1.00 40.69 ? 104 LYS A CG  1 
ATOM   479  C CD  . LYS A 1 60  ? 4.663   9.508   8.510   1.00 42.10 ? 104 LYS A CD  1 
ATOM   480  C CE  . LYS A 1 60  ? 3.995   10.365  7.434   1.00 40.51 ? 104 LYS A CE  1 
ATOM   481  N NZ  . LYS A 1 60  ? 4.984   11.036  6.533   1.00 47.32 ? 104 LYS A NZ  1 
ATOM   482  N N   . GLU A 1 61  ? 9.012   10.702  10.109  1.00 34.48 ? 105 GLU A N   1 
ATOM   483  C CA  . GLU A 1 61  ? 9.839   11.823  9.661   1.00 38.25 ? 105 GLU A CA  1 
ATOM   484  C C   . GLU A 1 61  ? 10.849  11.406  8.586   1.00 32.94 ? 105 GLU A C   1 
ATOM   485  O O   . GLU A 1 61  ? 11.187  12.196  7.700   1.00 37.47 ? 105 GLU A O   1 
ATOM   486  C CB  . GLU A 1 61  ? 10.546  12.488  10.853  1.00 41.04 ? 105 GLU A CB  1 
ATOM   487  C CG  . GLU A 1 61  ? 11.444  13.659  10.463  1.00 62.39 ? 105 GLU A CG  1 
ATOM   488  C CD  . GLU A 1 61  ? 11.343  14.839  11.417  1.00 74.26 ? 105 GLU A CD  1 
ATOM   489  O OE1 . GLU A 1 61  ? 11.050  14.628  12.615  1.00 66.98 ? 105 GLU A OE1 1 
ATOM   490  O OE2 . GLU A 1 61  ? 11.551  15.984  10.955  1.00 62.62 ? 105 GLU A OE2 1 
ATOM   491  N N   . LYS A 1 62  ? 11.322  10.164  8.659   1.00 31.31 ? 106 LYS A N   1 
ATOM   492  C CA  . LYS A 1 62  ? 12.219  9.634   7.638   1.00 32.15 ? 106 LYS A CA  1 
ATOM   493  C C   . LYS A 1 62  ? 11.500  9.504   6.297   1.00 29.04 ? 106 LYS A C   1 
ATOM   494  O O   . LYS A 1 62  ? 12.115  9.640   5.239   1.00 35.43 ? 106 LYS A O   1 
ATOM   495  C CB  . LYS A 1 62  ? 12.767  8.264   8.056   1.00 29.99 ? 106 LYS A CB  1 
ATOM   496  C CG  . LYS A 1 62  ? 13.695  8.272   9.262   1.00 26.96 ? 106 LYS A CG  1 
ATOM   497  C CD  . LYS A 1 62  ? 15.045  8.886   8.928   1.00 38.49 ? 106 LYS A CD  1 
ATOM   498  C CE  . LYS A 1 62  ? 15.983  8.844   10.133  1.00 42.84 ? 106 LYS A CE  1 
ATOM   499  N NZ  . LYS A 1 62  ? 17.244  9.601   9.893   1.00 54.38 ? 106 LYS A NZ  1 
ATOM   500  N N   . PHE A 1 63  ? 10.195  9.245   6.341   1.00 28.45 ? 107 PHE A N   1 
ATOM   501  C CA  . PHE A 1 63  ? 9.429   9.007   5.117   1.00 34.32 ? 107 PHE A CA  1 
ATOM   502  C C   . PHE A 1 63  ? 8.767   10.263  4.556   1.00 33.45 ? 107 PHE A C   1 
ATOM   503  O O   . PHE A 1 63  ? 7.541   10.397  4.544   1.00 29.36 ? 107 PHE A O   1 
ATOM   504  C CB  . PHE A 1 63  ? 8.421   7.873   5.319   1.00 31.32 ? 107 PHE A CB  1 
ATOM   505  C CG  . PHE A 1 63  ? 9.038   6.501   5.232   1.00 29.99 ? 107 PHE A CG  1 
ATOM   506  C CD1 . PHE A 1 63  ? 9.643   5.918   6.343   1.00 27.42 ? 107 PHE A CD1 1 
ATOM   507  C CD2 . PHE A 1 63  ? 9.025   5.803   4.033   1.00 28.05 ? 107 PHE A CD2 1 
ATOM   508  C CE1 . PHE A 1 63  ? 10.217  4.650   6.255   1.00 29.27 ? 107 PHE A CE1 1 
ATOM   509  C CE2 . PHE A 1 63  ? 9.594   4.536   3.934   1.00 19.59 ? 107 PHE A CE2 1 
ATOM   510  C CZ  . PHE A 1 63  ? 10.192  3.959   5.043   1.00 20.27 ? 107 PHE A CZ  1 
ATOM   511  N N   . THR A 1 64  ? 9.615   11.165  4.072   1.00 35.16 ? 108 THR A N   1 
ATOM   512  C CA  . THR A 1 64  ? 9.196   12.426  3.475   1.00 39.26 ? 108 THR A CA  1 
ATOM   513  C C   . THR A 1 64  ? 9.593   12.412  1.999   1.00 33.78 ? 108 THR A C   1 
ATOM   514  O O   . THR A 1 64  ? 10.601  11.806  1.633   1.00 30.54 ? 108 THR A O   1 
ATOM   515  C CB  . THR A 1 64  ? 9.854   13.616  4.218   1.00 38.00 ? 108 THR A CB  1 
ATOM   516  O OG1 . THR A 1 64  ? 9.292   13.722  5.535   1.00 38.78 ? 108 THR A OG1 1 
ATOM   517  C CG2 . THR A 1 64  ? 9.639   14.929  3.479   1.00 35.38 ? 108 THR A CG2 1 
ATOM   518  N N   . GLU A 1 65  ? 8.794   13.059  1.154   1.00 29.84 ? 109 GLU A N   1 
ATOM   519  C CA  . GLU A 1 65  ? 9.031   13.064  -0.291  1.00 37.67 ? 109 GLU A CA  1 
ATOM   520  C C   . GLU A 1 65  ? 10.439  13.516  -0.663  1.00 30.76 ? 109 GLU A C   1 
ATOM   521  O O   . GLU A 1 65  ? 10.953  14.481  -0.102  1.00 37.50 ? 109 GLU A O   1 
ATOM   522  C CB  . GLU A 1 65  ? 7.994   13.938  -1.003  1.00 38.26 ? 109 GLU A CB  1 
ATOM   523  C CG  . GLU A 1 65  ? 6.557   13.514  -0.739  1.00 51.79 ? 109 GLU A CG  1 
ATOM   524  C CD  . GLU A 1 65  ? 5.556   14.242  -1.615  1.00 58.46 ? 109 GLU A CD  1 
ATOM   525  O OE1 . GLU A 1 65  ? 5.820   15.407  -1.990  1.00 58.35 ? 109 GLU A OE1 1 
ATOM   526  O OE2 . GLU A 1 65  ? 4.504   13.642  -1.926  1.00 55.37 ? 109 GLU A OE2 1 
ATOM   527  N N   . ASN A 1 66  ? 11.055  12.783  -1.591  1.00 31.49 ? 110 ASN A N   1 
ATOM   528  C CA  . ASN A 1 66  ? 12.385  13.097  -2.120  1.00 31.66 ? 110 ASN A CA  1 
ATOM   529  C C   . ASN A 1 66  ? 13.538  12.923  -1.129  1.00 29.54 ? 110 ASN A C   1 
ATOM   530  O O   . ASN A 1 66  ? 14.682  13.260  -1.438  1.00 32.33 ? 110 ASN A O   1 
ATOM   531  C CB  . ASN A 1 66  ? 12.412  14.497  -2.752  1.00 31.69 ? 110 ASN A CB  1 
ATOM   532  C CG  . ASN A 1 66  ? 11.393  14.653  -3.860  1.00 34.79 ? 110 ASN A CG  1 
ATOM   533  O OD1 . ASN A 1 66  ? 11.223  13.763  -4.689  1.00 42.99 ? 110 ASN A OD1 1 
ATOM   534  N ND2 . ASN A 1 66  ? 10.701  15.784  -3.873  1.00 36.39 ? 110 ASN A ND2 1 
ATOM   535  N N   . GLN A 1 67  ? 13.240  12.404  0.058   1.00 29.15 ? 111 GLN A N   1 
ATOM   536  C CA  . GLN A 1 67  ? 14.292  12.063  1.011   1.00 28.39 ? 111 GLN A CA  1 
ATOM   537  C C   . GLN A 1 67  ? 14.919  10.727  0.614   1.00 32.73 ? 111 GLN A C   1 
ATOM   538  O O   . GLN A 1 67  ? 14.219  9.793   0.212   1.00 28.10 ? 111 GLN A O   1 
ATOM   539  C CB  . GLN A 1 67  ? 13.737  12.003  2.442   1.00 26.63 ? 111 GLN A CB  1 
ATOM   540  C CG  . GLN A 1 67  ? 14.767  11.611  3.505   1.00 37.19 ? 111 GLN A CG  1 
ATOM   541  C CD  . GLN A 1 67  ? 14.228  11.714  4.929   1.00 40.78 ? 111 GLN A CD  1 
ATOM   542  O OE1 . GLN A 1 67  ? 13.239  12.401  5.186   1.00 50.83 ? 111 GLN A OE1 1 
ATOM   543  N NE2 . GLN A 1 67  ? 14.880  11.027  5.861   1.00 28.71 ? 111 GLN A NE2 1 
ATOM   544  N N   . PHE A 1 68  ? 16.242  10.647  0.695   1.00 27.32 ? 112 PHE A N   1 
ATOM   545  C CA  . PHE A 1 68  ? 16.945  9.394   0.454   1.00 27.31 ? 112 PHE A CA  1 
ATOM   546  C C   . PHE A 1 68  ? 17.219  8.719   1.787   1.00 31.43 ? 112 PHE A C   1 
ATOM   547  O O   . PHE A 1 68  ? 17.805  9.324   2.688   1.00 24.21 ? 112 PHE A O   1 
ATOM   548  C CB  . PHE A 1 68  ? 18.263  9.650   -0.277  1.00 28.42 ? 112 PHE A CB  1 
ATOM   549  C CG  . PHE A 1 68  ? 18.105  9.871   -1.755  1.00 25.81 ? 112 PHE A CG  1 
ATOM   550  C CD1 . PHE A 1 68  ? 17.845  11.140  -2.263  1.00 26.51 ? 112 PHE A CD1 1 
ATOM   551  C CD2 . PHE A 1 68  ? 18.225  8.806   -2.639  1.00 26.99 ? 112 PHE A CD2 1 
ATOM   552  C CE1 . PHE A 1 68  ? 17.704  11.338  -3.637  1.00 32.13 ? 112 PHE A CE1 1 
ATOM   553  C CE2 . PHE A 1 68  ? 18.084  8.992   -4.008  1.00 24.90 ? 112 PHE A CE2 1 
ATOM   554  C CZ  . PHE A 1 68  ? 17.822  10.255  -4.508  1.00 22.79 ? 112 PHE A CZ  1 
ATOM   555  N N   . ILE A 1 69  ? 16.799  7.466   1.917   1.00 29.28 ? 113 ILE A N   1 
ATOM   556  C CA  . ILE A 1 69  ? 17.036  6.729   3.152   1.00 25.25 ? 113 ILE A CA  1 
ATOM   557  C C   . ILE A 1 69  ? 17.662  5.364   2.892   1.00 26.29 ? 113 ILE A C   1 
ATOM   558  O O   . ILE A 1 69  ? 17.450  4.750   1.839   1.00 28.50 ? 113 ILE A O   1 
ATOM   559  C CB  . ILE A 1 69  ? 15.746  6.579   3.991   1.00 24.61 ? 113 ILE A CB  1 
ATOM   560  C CG1 . ILE A 1 69  ? 14.632  5.925   3.168   1.00 17.38 ? 113 ILE A CG1 1 
ATOM   561  C CG2 . ILE A 1 69  ? 15.282  7.941   4.507   1.00 25.15 ? 113 ILE A CG2 1 
ATOM   562  C CD1 . ILE A 1 69  ? 13.353  5.679   3.961   1.00 21.46 ? 113 ILE A CD1 1 
ATOM   563  N N   . THR A 1 70  ? 18.450  4.907   3.859   1.00 29.21 ? 114 THR A N   1 
ATOM   564  C CA  . THR A 1 70  ? 19.094  3.605   3.778   1.00 26.61 ? 114 THR A CA  1 
ATOM   565  C C   . THR A 1 70  ? 18.428  2.660   4.775   1.00 31.37 ? 114 THR A C   1 
ATOM   566  O O   . THR A 1 70  ? 18.402  2.921   5.982   1.00 26.03 ? 114 THR A O   1 
ATOM   567  C CB  . THR A 1 70  ? 20.612  3.707   4.029   1.00 28.74 ? 114 THR A CB  1 
ATOM   568  O OG1 . THR A 1 70  ? 21.193  4.596   3.062   1.00 29.52 ? 114 THR A OG1 1 
ATOM   569  C CG2 . THR A 1 70  ? 21.268  2.337   3.905   1.00 29.11 ? 114 THR A CG2 1 
ATOM   570  N N   . ILE A 1 71  ? 17.876  1.570   4.253   1.00 24.21 ? 115 ILE A N   1 
ATOM   571  C CA  . ILE A 1 71  ? 17.063  0.653   5.045   1.00 28.28 ? 115 ILE A CA  1 
ATOM   572  C C   . ILE A 1 71  ? 17.725  -0.721  5.134   1.00 26.89 ? 115 ILE A C   1 
ATOM   573  O O   . ILE A 1 71  ? 18.182  -1.255  4.123   1.00 25.19 ? 115 ILE A O   1 
ATOM   574  C CB  . ILE A 1 71  ? 15.661  0.509   4.414   1.00 28.33 ? 115 ILE A CB  1 
ATOM   575  C CG1 . ILE A 1 71  ? 14.936  1.855   4.421   1.00 24.29 ? 115 ILE A CG1 1 
ATOM   576  C CG2 . ILE A 1 71  ? 14.834  -0.514  5.155   1.00 34.37 ? 115 ILE A CG2 1 
ATOM   577  C CD1 . ILE A 1 71  ? 13.712  1.893   3.519   1.00 31.61 ? 115 ILE A CD1 1 
ATOM   578  N N   . SER A 1 72  ? 17.777  -1.285  6.339   1.00 21.82 ? 116 SER A N   1 
ATOM   579  C CA  . SER A 1 72  ? 18.351  -2.615  6.548   1.00 26.88 ? 116 SER A CA  1 
ATOM   580  C C   . SER A 1 72  ? 17.520  -3.377  7.572   1.00 24.57 ? 116 SER A C   1 
ATOM   581  O O   . SER A 1 72  ? 16.841  -2.760  8.396   1.00 24.52 ? 116 SER A O   1 
ATOM   582  C CB  . SER A 1 72  ? 19.800  -2.508  7.022   1.00 25.19 ? 116 SER A CB  1 
ATOM   583  O OG  . SER A 1 72  ? 19.880  -1.788  8.238   1.00 30.74 ? 116 SER A OG  1 
ATOM   584  N N   . LYS A 1 73  ? 17.574  -4.708  7.516   1.00 25.68 ? 117 LYS A N   1 
ATOM   585  C CA  . LYS A 1 73  ? 16.751  -5.562  8.380   1.00 24.34 ? 117 LYS A CA  1 
ATOM   586  C C   . LYS A 1 73  ? 15.265  -5.243  8.232   1.00 25.09 ? 117 LYS A C   1 
ATOM   587  O O   . LYS A 1 73  ? 14.525  -5.129  9.215   1.00 22.97 ? 117 LYS A O   1 
ATOM   588  C CB  . LYS A 1 73  ? 17.187  -5.469  9.845   1.00 27.94 ? 117 LYS A CB  1 
ATOM   589  C CG  . LYS A 1 73  ? 18.571  -6.044  10.123  1.00 26.51 ? 117 LYS A CG  1 
ATOM   590  C CD  . LYS A 1 73  ? 18.857  -6.030  11.615  1.00 40.79 ? 117 LYS A CD  1 
ATOM   591  C CE  . LYS A 1 73  ? 20.239  -6.573  11.923  1.00 53.53 ? 117 LYS A CE  1 
ATOM   592  N NZ  . LYS A 1 73  ? 20.521  -6.531  13.390  1.00 64.49 ? 117 LYS A NZ  1 
ATOM   593  N N   . TYR A 1 74  ? 14.845  -5.076  6.985   1.00 22.12 ? 118 TYR A N   1 
ATOM   594  C CA  . TYR A 1 74  ? 13.440  -4.909  6.666   1.00 26.55 ? 118 TYR A CA  1 
ATOM   595  C C   . TYR A 1 74  ? 12.936  -6.236  6.127   1.00 28.14 ? 118 TYR A C   1 
ATOM   596  O O   . TYR A 1 74  ? 13.734  -7.123  5.798   1.00 28.81 ? 118 TYR A O   1 
ATOM   597  C CB  . TYR A 1 74  ? 13.273  -3.817  5.612   1.00 22.51 ? 118 TYR A CB  1 
ATOM   598  C CG  . TYR A 1 74  ? 13.979  -4.123  4.312   1.00 27.50 ? 118 TYR A CG  1 
ATOM   599  C CD1 . TYR A 1 74  ? 15.328  -3.838  4.149   1.00 27.71 ? 118 TYR A CD1 1 
ATOM   600  C CD2 . TYR A 1 74  ? 13.296  -4.701  3.251   1.00 23.58 ? 118 TYR A CD2 1 
ATOM   601  C CE1 . TYR A 1 74  ? 15.975  -4.115  2.970   1.00 27.21 ? 118 TYR A CE1 1 
ATOM   602  C CE2 . TYR A 1 74  ? 13.932  -4.981  2.066   1.00 27.15 ? 118 TYR A CE2 1 
ATOM   603  C CZ  . TYR A 1 74  ? 15.268  -4.685  1.930   1.00 25.90 ? 118 TYR A CZ  1 
ATOM   604  O OH  . TYR A 1 74  ? 15.900  -4.969  0.745   1.00 22.11 ? 118 TYR A OH  1 
ATOM   605  N N   . PHE A 1 75  ? 11.622  -6.384  6.022   1.00 26.49 ? 119 PHE A N   1 
ATOM   606  C CA  . PHE A 1 75  ? 11.077  -7.632  5.497   1.00 29.75 ? 119 PHE A CA  1 
ATOM   607  C C   . PHE A 1 75  ? 10.452  -7.458  4.115   1.00 31.63 ? 119 PHE A C   1 
ATOM   608  O O   . PHE A 1 75  ? 9.930   -6.389  3.784   1.00 31.99 ? 119 PHE A O   1 
ATOM   609  C CB  . PHE A 1 75  ? 10.077  -8.240  6.483   1.00 28.90 ? 119 PHE A CB  1 
ATOM   610  C CG  . PHE A 1 75  ? 10.702  -8.709  7.772   1.00 31.69 ? 119 PHE A CG  1 
ATOM   611  C CD1 . PHE A 1 75  ? 10.832  -7.848  8.857   1.00 31.42 ? 119 PHE A CD1 1 
ATOM   612  C CD2 . PHE A 1 75  ? 11.153  -10.016 7.901   1.00 29.65 ? 119 PHE A CD2 1 
ATOM   613  C CE1 . PHE A 1 75  ? 11.403  -8.283  10.052  1.00 31.73 ? 119 PHE A CE1 1 
ATOM   614  C CE2 . PHE A 1 75  ? 11.728  -10.460 9.087   1.00 23.27 ? 119 PHE A CE2 1 
ATOM   615  C CZ  . PHE A 1 75  ? 11.850  -9.593  10.165  1.00 27.96 ? 119 PHE A CZ  1 
ATOM   616  N N   . ASN A 1 76  ? 10.523  -8.515  3.309   1.00 29.92 ? 120 ASN A N   1 
ATOM   617  C CA  . ASN A 1 76  ? 9.946   -8.514  1.970   1.00 32.09 ? 120 ASN A CA  1 
ATOM   618  C C   . ASN A 1 76  ? 8.826   -9.543  1.886   1.00 35.57 ? 120 ASN A C   1 
ATOM   619  O O   . ASN A 1 76  ? 9.072   -10.747 1.950   1.00 33.53 ? 120 ASN A O   1 
ATOM   620  C CB  . ASN A 1 76  ? 11.027  -8.810  0.923   1.00 28.65 ? 120 ASN A CB  1 
ATOM   621  C CG  . ASN A 1 76  ? 10.533  -8.633  -0.504  1.00 31.27 ? 120 ASN A CG  1 
ATOM   622  O OD1 . ASN A 1 76  ? 9.451   -9.093  -0.868  1.00 32.15 ? 120 ASN A OD1 1 
ATOM   623  N ND2 . ASN A 1 76  ? 11.332  -7.959  -1.322  1.00 26.37 ? 120 ASN A ND2 1 
ATOM   624  N N   . SER A 1 77  ? 7.597   -9.056  1.748   1.00 32.67 ? 121 SER A N   1 
ATOM   625  C CA  . SER A 1 77  ? 6.429   -9.923  1.677   1.00 34.43 ? 121 SER A CA  1 
ATOM   626  C C   . SER A 1 77  ? 5.863   -9.887  0.267   1.00 35.16 ? 121 SER A C   1 
ATOM   627  O O   . SER A 1 77  ? 5.092   -8.989  -0.070  1.00 34.00 ? 121 SER A O   1 
ATOM   628  C CB  . SER A 1 77  ? 5.371   -9.475  2.688   1.00 35.82 ? 121 SER A CB  1 
ATOM   629  O OG  . SER A 1 77  ? 4.259   -10.349 2.674   1.00 36.68 ? 121 SER A OG  1 
ATOM   630  N N   . SER A 1 78  ? 6.267   -10.867 -0.546  1.00 32.39 ? 122 SER A N   1 
ATOM   631  C CA  . SER A 1 78  ? 5.897   -10.950 -1.962  1.00 30.68 ? 122 SER A CA  1 
ATOM   632  C C   . SER A 1 78  ? 6.032   -9.628  -2.708  1.00 27.65 ? 122 SER A C   1 
ATOM   633  O O   . SER A 1 78  ? 5.134   -9.233  -3.457  1.00 35.46 ? 122 SER A O   1 
ATOM   634  C CB  . SER A 1 78  ? 4.485   -11.516 -2.129  1.00 31.72 ? 122 SER A CB  1 
ATOM   635  O OG  . SER A 1 78  ? 4.392   -12.800 -1.537  1.00 43.51 ? 122 SER A OG  1 
ATOM   636  N N   . GLY A 1 79  ? 7.154   -8.943  -2.500  1.00 30.14 ? 123 GLY A N   1 
ATOM   637  C CA  . GLY A 1 79  ? 7.437   -7.719  -3.233  1.00 24.61 ? 123 GLY A CA  1 
ATOM   638  C C   . GLY A 1 79  ? 7.094   -6.464  -2.458  1.00 28.75 ? 123 GLY A C   1 
ATOM   639  O O   . GLY A 1 79  ? 7.523   -5.359  -2.808  1.00 27.51 ? 123 GLY A O   1 
ATOM   640  N N   . ILE A 1 80  ? 6.307   -6.629  -1.403  1.00 25.69 ? 124 ILE A N   1 
ATOM   641  C CA  . ILE A 1 80  ? 5.966   -5.502  -0.547  1.00 28.90 ? 124 ILE A CA  1 
ATOM   642  C C   . ILE A 1 80  ? 6.905   -5.415  0.651   1.00 28.20 ? 124 ILE A C   1 
ATOM   643  O O   . ILE A 1 80  ? 7.059   -6.372  1.415   1.00 26.23 ? 124 ILE A O   1 
ATOM   644  C CB  . ILE A 1 80  ? 4.498   -5.557  -0.097  1.00 31.48 ? 124 ILE A CB  1 
ATOM   645  C CG1 . ILE A 1 80  ? 3.589   -5.546  -1.334  1.00 28.35 ? 124 ILE A CG1 1 
ATOM   646  C CG2 . ILE A 1 80  ? 4.181   -4.400  0.854   1.00 25.75 ? 124 ILE A CG2 1 
ATOM   647  C CD1 . ILE A 1 80  ? 2.240   -4.903  -1.119  1.00 29.78 ? 124 ILE A CD1 1 
ATOM   648  N N   . LEU A 1 81  ? 7.541   -4.256  0.796   1.00 28.91 ? 125 LEU A N   1 
ATOM   649  C CA  . LEU A 1 81  ? 8.501   -4.024  1.871   1.00 25.18 ? 125 LEU A CA  1 
ATOM   650  C C   . LEU A 1 81  ? 7.777   -3.730  3.179   1.00 30.47 ? 125 LEU A C   1 
ATOM   651  O O   . LEU A 1 81  ? 6.908   -2.858  3.238   1.00 30.19 ? 125 LEU A O   1 
ATOM   652  C CB  . LEU A 1 81  ? 9.434   -2.863  1.505   1.00 23.60 ? 125 LEU A CB  1 
ATOM   653  C CG  . LEU A 1 81  ? 10.709  -3.167  0.713   1.00 27.95 ? 125 LEU A CG  1 
ATOM   654  C CD1 . LEU A 1 81  ? 10.500  -4.262  -0.309  1.00 26.86 ? 125 LEU A CD1 1 
ATOM   655  C CD2 . LEU A 1 81  ? 11.231  -1.915  0.041   1.00 24.14 ? 125 LEU A CD2 1 
ATOM   656  N N   . GLU A 1 82  ? 8.126   -4.473  4.225   1.00 26.31 ? 126 GLU A N   1 
ATOM   657  C CA  . GLU A 1 82  ? 7.511   -4.277  5.532   1.00 24.37 ? 126 GLU A CA  1 
ATOM   658  C C   . GLU A 1 82  ? 8.579   -3.923  6.559   1.00 23.95 ? 126 GLU A C   1 
ATOM   659  O O   . GLU A 1 82  ? 9.615   -4.585  6.650   1.00 19.76 ? 126 GLU A O   1 
ATOM   660  C CB  . GLU A 1 82  ? 6.717   -5.519  5.956   1.00 21.68 ? 126 GLU A CB  1 
ATOM   661  C CG  . GLU A 1 82  ? 5.467   -5.764  5.108   1.00 22.09 ? 126 GLU A CG  1 
ATOM   662  C CD  . GLU A 1 82  ? 4.691   -6.990  5.545   1.00 30.34 ? 126 GLU A CD  1 
ATOM   663  O OE1 . GLU A 1 82  ? 5.172   -7.708  6.446   1.00 32.65 ? 126 GLU A OE1 1 
ATOM   664  O OE2 . GLU A 1 82  ? 3.600   -7.235  4.983   1.00 30.71 ? 126 GLU A OE2 1 
ATOM   665  N N   . ILE A 1 83  ? 8.319   -2.867  7.321   1.00 18.47 ? 127 ILE A N   1 
ATOM   666  C CA  . ILE A 1 83  ? 9.321   -2.308  8.215   1.00 20.76 ? 127 ILE A CA  1 
ATOM   667  C C   . ILE A 1 83  ? 8.778   -2.186  9.632   1.00 28.16 ? 127 ILE A C   1 
ATOM   668  O O   . ILE A 1 83  ? 7.774   -1.504  9.862   1.00 27.08 ? 127 ILE A O   1 
ATOM   669  C CB  . ILE A 1 83  ? 9.761   -0.916  7.731   1.00 24.57 ? 127 ILE A CB  1 
ATOM   670  C CG1 . ILE A 1 83  ? 10.303  -0.992  6.304   1.00 23.60 ? 127 ILE A CG1 1 
ATOM   671  C CG2 . ILE A 1 83  ? 10.802  -0.321  8.665   1.00 20.67 ? 127 ILE A CG2 1 
ATOM   672  C CD1 . ILE A 1 83  ? 10.703  0.355   5.734   1.00 25.70 ? 127 ILE A CD1 1 
ATOM   673  N N   . ASN A 1 84  ? 9.433   -2.854  10.579  1.00 20.83 ? 128 ASN A N   1 
ATOM   674  C CA  . ASN A 1 84  ? 9.094   -2.689  11.993  1.00 28.09 ? 128 ASN A CA  1 
ATOM   675  C C   . ASN A 1 84  ? 10.284  -2.213  12.828  1.00 28.78 ? 128 ASN A C   1 
ATOM   676  O O   . ASN A 1 84  ? 11.231  -1.631  12.295  1.00 25.26 ? 128 ASN A O   1 
ATOM   677  C CB  . ASN A 1 84  ? 8.492   -3.975  12.580  1.00 30.42 ? 128 ASN A CB  1 
ATOM   678  C CG  . ASN A 1 84  ? 9.465   -5.155  12.558  1.00 31.29 ? 128 ASN A CG  1 
ATOM   679  O OD1 . ASN A 1 84  ? 10.629  -5.016  12.180  1.00 28.29 ? 128 ASN A OD1 1 
ATOM   680  N ND2 . ASN A 1 84  ? 8.986   -6.320  12.976  1.00 25.38 ? 128 ASN A ND2 1 
ATOM   681  N N   . GLU A 1 85  ? 10.238  -2.483  14.130  1.00 29.42 ? 129 GLU A N   1 
ATOM   682  C CA  . GLU A 1 85  ? 11.273  -2.037  15.069  1.00 35.10 ? 129 GLU A CA  1 
ATOM   683  C C   . GLU A 1 85  ? 12.635  -2.679  14.824  1.00 35.34 ? 129 GLU A C   1 
ATOM   684  O O   . GLU A 1 85  ? 13.665  -2.147  15.241  1.00 34.06 ? 129 GLU A O   1 
ATOM   685  C CB  . GLU A 1 85  ? 10.839  -2.316  16.513  1.00 38.98 ? 129 GLU A CB  1 
ATOM   686  C CG  . GLU A 1 85  ? 9.711   -1.432  17.026  1.00 46.22 ? 129 GLU A CG  1 
ATOM   687  C CD  . GLU A 1 85  ? 8.379   -1.717  16.348  1.00 52.91 ? 129 GLU A CD  1 
ATOM   688  O OE1 . GLU A 1 85  ? 8.210   -2.828  15.792  1.00 45.48 ? 129 GLU A OE1 1 
ATOM   689  O OE2 . GLU A 1 85  ? 7.503   -0.823  16.366  1.00 45.44 ? 129 GLU A OE2 1 
ATOM   690  N N   . THR A 1 86  ? 12.632  -3.828  14.155  1.00 29.07 ? 130 THR A N   1 
ATOM   691  C CA  . THR A 1 86  ? 13.861  -4.568  13.871  1.00 23.15 ? 130 THR A CA  1 
ATOM   692  C C   . THR A 1 86  ? 14.737  -3.808  12.878  1.00 29.79 ? 130 THR A C   1 
ATOM   693  O O   . THR A 1 86  ? 15.968  -3.878  12.923  1.00 30.16 ? 130 THR A O   1 
ATOM   694  C CB  . THR A 1 86  ? 13.534  -5.972  13.307  1.00 26.75 ? 130 THR A CB  1 
ATOM   695  O OG1 . THR A 1 86  ? 12.807  -6.728  14.288  1.00 30.69 ? 130 THR A OG1 1 
ATOM   696  C CG2 . THR A 1 86  ? 14.807  -6.726  12.924  1.00 30.70 ? 130 THR A CG2 1 
ATOM   697  N N   . ALA A 1 87  ? 14.088  -3.070  11.984  1.00 30.27 ? 131 ALA A N   1 
ATOM   698  C CA  . ALA A 1 87  ? 14.786  -2.383  10.905  1.00 27.08 ? 131 ALA A CA  1 
ATOM   699  C C   . ALA A 1 87  ? 15.635  -1.217  11.382  1.00 24.46 ? 131 ALA A C   1 
ATOM   700  O O   . ALA A 1 87  ? 15.341  -0.584  12.396  1.00 28.85 ? 131 ALA A O   1 
ATOM   701  C CB  . ALA A 1 87  ? 13.792  -1.906  9.861   1.00 24.43 ? 131 ALA A CB  1 
ATOM   702  N N   . THR A 1 88  ? 16.696  -0.937  10.634  1.00 28.58 ? 132 THR A N   1 
ATOM   703  C CA  . THR A 1 88  ? 17.455  0.288   10.829  1.00 23.92 ? 132 THR A CA  1 
ATOM   704  C C   . THR A 1 88  ? 17.192  1.184   9.632   1.00 29.86 ? 132 THR A C   1 
ATOM   705  O O   . THR A 1 88  ? 17.380  0.772   8.483   1.00 28.03 ? 132 THR A O   1 
ATOM   706  C CB  . THR A 1 88  ? 18.967  0.023   10.971  1.00 30.72 ? 132 THR A CB  1 
ATOM   707  O OG1 . THR A 1 88  ? 19.203  -0.810  12.115  1.00 31.20 ? 132 THR A OG1 1 
ATOM   708  C CG2 . THR A 1 88  ? 19.719  1.333   11.153  1.00 34.20 ? 132 THR A CG2 1 
ATOM   709  N N   . VAL A 1 89  ? 16.724  2.399   9.902   1.00 27.13 ? 133 VAL A N   1 
ATOM   710  C CA  . VAL A 1 89  ? 16.426  3.359   8.849   1.00 28.86 ? 133 VAL A CA  1 
ATOM   711  C C   . VAL A 1 89  ? 17.250  4.613   9.094   1.00 31.89 ? 133 VAL A C   1 
ATOM   712  O O   . VAL A 1 89  ? 17.007  5.335   10.058  1.00 28.99 ? 133 VAL A O   1 
ATOM   713  C CB  . VAL A 1 89  ? 14.926  3.718   8.825   1.00 27.94 ? 133 VAL A CB  1 
ATOM   714  C CG1 . VAL A 1 89  ? 14.640  4.771   7.763   1.00 23.06 ? 133 VAL A CG1 1 
ATOM   715  C CG2 . VAL A 1 89  ? 14.087  2.468   8.585   1.00 25.50 ? 133 VAL A CG2 1 
ATOM   716  N N   . SER A 1 90  ? 18.233  4.865   8.235   1.00 31.19 ? 134 SER A N   1 
ATOM   717  C CA  . SER A 1 90  ? 19.101  6.026   8.422   1.00 35.98 ? 134 SER A CA  1 
ATOM   718  C C   . SER A 1 90  ? 19.139  6.914   7.183   1.00 33.42 ? 134 SER A C   1 
ATOM   719  O O   . SER A 1 90  ? 18.812  6.473   6.072   1.00 29.04 ? 134 SER A O   1 
ATOM   720  C CB  . SER A 1 90  ? 20.518  5.592   8.824   1.00 30.55 ? 134 SER A CB  1 
ATOM   721  O OG  . SER A 1 90  ? 21.122  4.798   7.819   1.00 41.65 ? 134 SER A OG  1 
ATOM   722  N N   . GLU A 1 91  ? 19.511  8.175   7.383   1.00 24.05 ? 135 GLU A N   1 
ATOM   723  C CA  . GLU A 1 91  ? 19.703  9.096   6.270   1.00 31.63 ? 135 GLU A CA  1 
ATOM   724  C C   . GLU A 1 91  ? 20.784  8.540   5.362   1.00 28.48 ? 135 GLU A C   1 
ATOM   725  O O   . GLU A 1 91  ? 21.806  8.052   5.838   1.00 26.39 ? 135 GLU A O   1 
ATOM   726  C CB  . GLU A 1 91  ? 20.116  10.476  6.788   1.00 28.55 ? 135 GLU A CB  1 
ATOM   727  C CG  . GLU A 1 91  ? 20.405  11.507  5.698   1.00 24.10 ? 135 GLU A CG  1 
ATOM   728  C CD  . GLU A 1 91  ? 20.988  12.794  6.258   1.00 37.13 ? 135 GLU A CD  1 
ATOM   729  O OE1 . GLU A 1 91  ? 21.789  12.723  7.216   1.00 34.61 ? 135 GLU A OE1 1 
ATOM   730  O OE2 . GLU A 1 91  ? 20.641  13.875  5.743   1.00 37.18 ? 135 GLU A OE2 1 
ATOM   731  N N   . ALA A 1 92  ? 20.557  8.595   4.054   1.00 23.28 ? 136 ALA A N   1 
ATOM   732  C CA  . ALA A 1 92  ? 21.525  8.043   3.110   1.00 31.15 ? 136 ALA A CA  1 
ATOM   733  C C   . ALA A 1 92  ? 22.810  8.861   3.081   1.00 27.00 ? 136 ALA A C   1 
ATOM   734  O O   . ALA A 1 92  ? 22.789  10.071  3.303   1.00 24.24 ? 136 ALA A O   1 
ATOM   735  C CB  . ALA A 1 92  ? 20.922  7.950   1.710   1.00 24.70 ? 136 ALA A CB  1 
ATOM   736  N N   . ALA A 1 93  ? 23.929  8.191   2.821   1.00 27.79 ? 137 ALA A N   1 
ATOM   737  C CA  . ALA A 1 93  ? 25.187  8.883   2.548   1.00 29.83 ? 137 ALA A CA  1 
ATOM   738  C C   . ALA A 1 93  ? 25.101  9.456   1.140   1.00 32.08 ? 137 ALA A C   1 
ATOM   739  O O   . ALA A 1 93  ? 24.384  8.911   0.298   1.00 29.63 ? 137 ALA A O   1 
ATOM   740  C CB  . ALA A 1 93  ? 26.367  7.923   2.669   1.00 26.73 ? 137 ALA A CB  1 
ATOM   741  N N   . PRO A 1 94  ? 25.818  10.563  0.880   1.00 26.83 ? 138 PRO A N   1 
ATOM   742  C CA  . PRO A 1 94  ? 25.799  11.198  -0.444  1.00 27.93 ? 138 PRO A CA  1 
ATOM   743  C C   . PRO A 1 94  ? 26.109  10.231  -1.582  1.00 32.65 ? 138 PRO A C   1 
ATOM   744  O O   . PRO A 1 94  ? 25.449  10.281  -2.620  1.00 28.23 ? 138 PRO A O   1 
ATOM   745  C CB  . PRO A 1 94  ? 26.916  12.241  -0.339  1.00 29.83 ? 138 PRO A CB  1 
ATOM   746  C CG  . PRO A 1 94  ? 26.931  12.618  1.102   1.00 29.29 ? 138 PRO A CG  1 
ATOM   747  C CD  . PRO A 1 94  ? 26.612  11.343  1.852   1.00 26.97 ? 138 PRO A CD  1 
ATOM   748  N N   . ASN A 1 95  ? 27.095  9.359   -1.388  1.00 26.41 ? 139 ASN A N   1 
ATOM   749  C CA  . ASN A 1 95  ? 27.518  8.448   -2.453  1.00 33.65 ? 139 ASN A CA  1 
ATOM   750  C C   . ASN A 1 95  ? 26.648  7.194   -2.595  1.00 30.72 ? 139 ASN A C   1 
ATOM   751  O O   . ASN A 1 95  ? 26.961  6.300   -3.382  1.00 31.09 ? 139 ASN A O   1 
ATOM   752  C CB  . ASN A 1 95  ? 28.996  8.072   -2.277  1.00 29.35 ? 139 ASN A CB  1 
ATOM   753  C CG  . ASN A 1 95  ? 29.305  7.557   -0.886  1.00 44.25 ? 139 ASN A CG  1 
ATOM   754  O OD1 . ASN A 1 95  ? 29.161  8.280   0.100   1.00 58.54 ? 139 ASN A OD1 1 
ATOM   755  N ND2 . ASN A 1 95  ? 29.750  6.308   -0.799  1.00 43.24 ? 139 ASN A ND2 1 
ATOM   756  N N   . GLN A 1 96  ? 25.567  7.130   -1.824  1.00 28.36 ? 140 GLN A N   1 
ATOM   757  C CA  . GLN A 1 96  ? 24.589  6.055   -1.951  1.00 26.55 ? 140 GLN A CA  1 
ATOM   758  C C   . GLN A 1 96  ? 23.389  6.579   -2.729  1.00 28.78 ? 140 GLN A C   1 
ATOM   759  O O   . GLN A 1 96  ? 22.494  5.819   -3.099  1.00 32.77 ? 140 GLN A O   1 
ATOM   760  C CB  . GLN A 1 96  ? 24.129  5.580   -0.571  1.00 27.58 ? 140 GLN A CB  1 
ATOM   761  C CG  . GLN A 1 96  ? 25.225  4.985   0.309   1.00 33.82 ? 140 GLN A CG  1 
ATOM   762  C CD  . GLN A 1 96  ? 24.697  4.534   1.669   1.00 48.62 ? 140 GLN A CD  1 
ATOM   763  O OE1 . GLN A 1 96  ? 24.193  5.341   2.456   1.00 39.13 ? 140 GLN A OE1 1 
ATOM   764  N NE2 . GLN A 1 96  ? 24.812  3.239   1.949   1.00 48.25 ? 140 GLN A NE2 1 
ATOM   765  N N   . MET A 1 97  ? 23.379  7.890   -2.964  1.00 29.95 ? 141 MET A N   1 
ATOM   766  C CA  . MET A 1 97  ? 22.261  8.555   -3.625  1.00 28.66 ? 141 MET A CA  1 
ATOM   767  C C   . MET A 1 97  ? 22.331  8.367   -5.139  1.00 33.94 ? 141 MET A C   1 
ATOM   768  O O   . MET A 1 97  ? 23.332  7.875   -5.664  1.00 31.48 ? 141 MET A O   1 
ATOM   769  C CB  . MET A 1 97  ? 22.217  10.041  -3.240  1.00 27.39 ? 141 MET A CB  1 
ATOM   770  C CG  . MET A 1 97  ? 21.915  10.267  -1.759  1.00 24.00 ? 141 MET A CG  1 
ATOM   771  S SD  . MET A 1 97  ? 22.176  11.958  -1.154  1.00 21.48 ? 141 MET A SD  1 
ATOM   772  C CE  . MET A 1 97  ? 20.944  12.856  -2.076  1.00 21.18 ? 141 MET A CE  1 
ATOM   773  N N   . PHE A 1 98  ? 21.261  8.737   -5.835  1.00 29.51 ? 142 PHE A N   1 
ATOM   774  C CA  . PHE A 1 98  ? 21.142  8.435   -7.258  1.00 32.91 ? 142 PHE A CA  1 
ATOM   775  C C   . PHE A 1 98  ? 19.985  9.193   -7.892  1.00 32.96 ? 142 PHE A C   1 
ATOM   776  O O   . PHE A 1 98  ? 19.162  9.788   -7.195  1.00 34.91 ? 142 PHE A O   1 
ATOM   777  C CB  . PHE A 1 98  ? 20.935  6.929   -7.460  1.00 30.40 ? 142 PHE A CB  1 
ATOM   778  C CG  . PHE A 1 98  ? 19.864  6.337   -6.573  1.00 30.84 ? 142 PHE A CG  1 
ATOM   779  C CD1 . PHE A 1 98  ? 18.525  6.371   -6.950  1.00 25.73 ? 142 PHE A CD1 1 
ATOM   780  C CD2 . PHE A 1 98  ? 20.202  5.746   -5.362  1.00 27.67 ? 142 PHE A CD2 1 
ATOM   781  C CE1 . PHE A 1 98  ? 17.545  5.829   -6.136  1.00 25.32 ? 142 PHE A CE1 1 
ATOM   782  C CE2 . PHE A 1 98  ? 19.230  5.198   -4.542  1.00 28.38 ? 142 PHE A CE2 1 
ATOM   783  C CZ  . PHE A 1 98  ? 17.897  5.242   -4.927  1.00 26.57 ? 142 PHE A CZ  1 
ATOM   784  N N   . GLU A 1 99  ? 19.936  9.176   -9.220  1.00 33.64 ? 143 GLU A N   1 
ATOM   785  C CA  . GLU A 1 99  ? 18.802  9.716   -9.958  1.00 31.88 ? 143 GLU A CA  1 
ATOM   786  C C   . GLU A 1 99  ? 17.765  8.623   -10.175 1.00 32.51 ? 143 GLU A C   1 
ATOM   787  O O   . GLU A 1 99  ? 18.105  7.509   -10.577 1.00 31.19 ? 143 GLU A O   1 
ATOM   788  C CB  . GLU A 1 99  ? 19.254  10.238  -11.324 1.00 41.20 ? 143 GLU A CB  1 
ATOM   789  C CG  . GLU A 1 99  ? 19.563  11.723  -11.371 1.00 37.67 ? 143 GLU A CG  1 
ATOM   790  C CD  . GLU A 1 99  ? 19.609  12.253  -12.790 1.00 42.31 ? 143 GLU A CD  1 
ATOM   791  O OE1 . GLU A 1 99  ? 20.350  11.681  -13.620 1.00 31.78 ? 143 GLU A OE1 1 
ATOM   792  O OE2 . GLU A 1 99  ? 18.896  13.239  -13.074 1.00 41.38 ? 143 GLU A OE2 1 
ATOM   793  N N   . VAL A 1 100 ? 16.499  8.937   -9.925  1.00 32.84 ? 144 VAL A N   1 
ATOM   794  C CA  . VAL A 1 100 ? 15.428  7.990   -10.205 1.00 30.82 ? 144 VAL A CA  1 
ATOM   795  C C   . VAL A 1 100 ? 14.839  8.269   -11.578 1.00 34.20 ? 144 VAL A C   1 
ATOM   796  O O   . VAL A 1 100 ? 14.325  9.363   -11.820 1.00 31.39 ? 144 VAL A O   1 
ATOM   797  C CB  . VAL A 1 100 ? 14.310  8.043   -9.152  1.00 35.42 ? 144 VAL A CB  1 
ATOM   798  C CG1 . VAL A 1 100 ? 13.229  7.030   -9.499  1.00 23.42 ? 144 VAL A CG1 1 
ATOM   799  C CG2 . VAL A 1 100 ? 14.877  7.767   -7.763  1.00 30.14 ? 144 VAL A CG2 1 
ATOM   800  N N   . PRO A 1 101 ? 14.927  7.279   -12.484 1.00 27.85 ? 145 PRO A N   1 
ATOM   801  C CA  . PRO A 1 101 ? 14.400  7.401   -13.848 1.00 33.55 ? 145 PRO A CA  1 
ATOM   802  C C   . PRO A 1 101 ? 12.930  7.806   -13.850 1.00 38.33 ? 145 PRO A C   1 
ATOM   803  O O   . PRO A 1 101 ? 12.178  7.377   -12.973 1.00 39.45 ? 145 PRO A O   1 
ATOM   804  C CB  . PRO A 1 101 ? 14.560  5.985   -14.404 1.00 30.36 ? 145 PRO A CB  1 
ATOM   805  C CG  . PRO A 1 101 ? 15.727  5.413   -13.646 1.00 27.45 ? 145 PRO A CG  1 
ATOM   806  C CD  . PRO A 1 101 ? 15.574  5.971   -12.255 1.00 30.16 ? 145 PRO A CD  1 
ATOM   807  N N   . LYS A 1 102 ? 12.540  8.630   -14.819 1.00 38.86 ? 146 LYS A N   1 
ATOM   808  C CA  . LYS A 1 102 ? 11.176  9.147   -14.901 1.00 42.19 ? 146 LYS A CA  1 
ATOM   809  C C   . LYS A 1 102 ? 10.156  8.014   -15.008 1.00 37.52 ? 146 LYS A C   1 
ATOM   810  O O   . LYS A 1 102 ? 9.062   8.087   -14.442 1.00 32.21 ? 146 LYS A O   1 
ATOM   811  C CB  . LYS A 1 102 ? 11.047  10.101  -16.096 1.00 44.29 ? 146 LYS A CB  1 
ATOM   812  C CG  . LYS A 1 102 ? 9.758   10.910  -16.114 1.00 47.76 ? 146 LYS A CG  1 
ATOM   813  C CD  . LYS A 1 102 ? 9.866   12.136  -17.018 1.00 45.00 ? 146 LYS A CD  1 
ATOM   814  C CE  . LYS A 1 102 ? 9.970   11.765  -18.490 1.00 48.19 ? 146 LYS A CE  1 
ATOM   815  N NZ  . LYS A 1 102 ? 9.911   12.971  -19.365 1.00 39.06 ? 146 LYS A NZ  1 
ATOM   816  N N   . ASN A 1 103 ? 10.525  6.960   -15.727 1.00 30.38 ? 147 ASN A N   1 
ATOM   817  C CA  . ASN A 1 103 ? 9.618   5.839   -15.947 1.00 39.97 ? 147 ASN A CA  1 
ATOM   818  C C   . ASN A 1 103 ? 9.315   5.074   -14.659 1.00 37.26 ? 147 ASN A C   1 
ATOM   819  O O   . ASN A 1 103 ? 8.232   4.505   -14.512 1.00 34.00 ? 147 ASN A O   1 
ATOM   820  C CB  . ASN A 1 103 ? 10.183  4.898   -17.011 1.00 26.22 ? 147 ASN A CB  1 
ATOM   821  C CG  . ASN A 1 103 ? 11.537  4.329   -16.624 1.00 38.99 ? 147 ASN A CG  1 
ATOM   822  O OD1 . ASN A 1 103 ? 12.543  5.037   -16.640 1.00 42.41 ? 147 ASN A OD1 1 
ATOM   823  N ND2 . ASN A 1 103 ? 11.569  3.046   -16.275 1.00 38.05 ? 147 ASN A ND2 1 
ATOM   824  N N   . ILE A 1 104 ? 10.268  5.061   -13.728 1.00 33.92 ? 148 ILE A N   1 
ATOM   825  C CA  . ILE A 1 104 ? 10.052  4.411   -12.436 1.00 36.76 ? 148 ILE A CA  1 
ATOM   826  C C   . ILE A 1 104 ? 9.058   5.214   -11.593 1.00 27.95 ? 148 ILE A C   1 
ATOM   827  O O   . ILE A 1 104 ? 8.132   4.651   -11.005 1.00 30.39 ? 148 ILE A O   1 
ATOM   828  C CB  . ILE A 1 104 ? 11.375  4.196   -11.657 1.00 35.10 ? 148 ILE A CB  1 
ATOM   829  C CG1 . ILE A 1 104 ? 12.322  3.287   -12.446 1.00 33.09 ? 148 ILE A CG1 1 
ATOM   830  C CG2 . ILE A 1 104 ? 11.096  3.606   -10.277 1.00 32.89 ? 148 ILE A CG2 1 
ATOM   831  C CD1 . ILE A 1 104 ? 11.685  1.975   -12.878 1.00 34.43 ? 148 ILE A CD1 1 
ATOM   832  N N   . ILE A 1 105 ? 9.245   6.532   -11.547 1.00 31.31 ? 149 ILE A N   1 
ATOM   833  C CA  . ILE A 1 105 ? 8.331   7.406   -10.814 1.00 32.90 ? 149 ILE A CA  1 
ATOM   834  C C   . ILE A 1 105 ? 6.919   7.293   -11.380 1.00 34.50 ? 149 ILE A C   1 
ATOM   835  O O   . ILE A 1 105 ? 5.942   7.197   -10.633 1.00 33.33 ? 149 ILE A O   1 
ATOM   836  C CB  . ILE A 1 105 ? 8.763   8.886   -10.886 1.00 34.27 ? 149 ILE A CB  1 
ATOM   837  C CG1 . ILE A 1 105 ? 10.258  9.042   -10.589 1.00 37.67 ? 149 ILE A CG1 1 
ATOM   838  C CG2 . ILE A 1 105 ? 7.905   9.747   -9.940  1.00 27.69 ? 149 ILE A CG2 1 
ATOM   839  C CD1 . ILE A 1 105 ? 10.569  9.393   -9.148  1.00 36.25 ? 149 ILE A CD1 1 
ATOM   840  N N   . ARG A 1 106 ? 6.828   7.312   -12.707 1.00 33.51 ? 150 ARG A N   1 
ATOM   841  C CA  . ARG A 1 106 ? 5.548   7.236   -13.402 1.00 35.21 ? 150 ARG A CA  1 
ATOM   842  C C   . ARG A 1 106 ? 4.812   5.934   -13.098 1.00 35.83 ? 150 ARG A C   1 
ATOM   843  O O   . ARG A 1 106 ? 3.625   5.948   -12.779 1.00 34.13 ? 150 ARG A O   1 
ATOM   844  C CB  . ARG A 1 106 ? 5.756   7.386   -14.915 1.00 34.36 ? 150 ARG A CB  1 
ATOM   845  C CG  . ARG A 1 106 ? 4.478   7.272   -15.740 1.00 43.29 ? 150 ARG A CG  1 
ATOM   846  C CD  . ARG A 1 106 ? 4.783   7.147   -17.224 1.00 50.19 ? 150 ARG A CD  1 
ATOM   847  N NE  . ARG A 1 106 ? 5.683   6.026   -17.490 1.00 67.87 ? 150 ARG A NE  1 
ATOM   848  C CZ  . ARG A 1 106 ? 5.282   4.779   -17.722 1.00 67.75 ? 150 ARG A CZ  1 
ATOM   849  N NH1 . ARG A 1 106 ? 3.988   4.484   -17.727 1.00 65.60 ? 150 ARG A NH1 1 
ATOM   850  N NH2 . ARG A 1 106 ? 6.177   3.825   -17.952 1.00 63.13 ? 150 ARG A NH2 1 
ATOM   851  N N   . SER A 1 107 ? 5.514   4.807   -13.191 1.00 32.45 ? 151 SER A N   1 
ATOM   852  C CA  . SER A 1 107 ? 4.876   3.510   -12.976 1.00 34.55 ? 151 SER A CA  1 
ATOM   853  C C   . SER A 1 107 ? 4.554   3.280   -11.499 1.00 32.71 ? 151 SER A C   1 
ATOM   854  O O   . SER A 1 107 ? 3.694   2.467   -11.161 1.00 31.82 ? 151 SER A O   1 
ATOM   855  C CB  . SER A 1 107 ? 5.742   2.374   -13.529 1.00 33.70 ? 151 SER A CB  1 
ATOM   856  O OG  . SER A 1 107 ? 6.907   2.189   -12.749 1.00 46.24 ? 151 SER A OG  1 
ATOM   857  N N   . ALA A 1 108 ? 5.239   4.006   -10.623 1.00 29.51 ? 152 ALA A N   1 
ATOM   858  C CA  . ALA A 1 108 ? 4.985   3.916   -9.187  1.00 30.27 ? 152 ALA A CA  1 
ATOM   859  C C   . ALA A 1 108 ? 3.680   4.616   -8.814  1.00 31.42 ? 152 ALA A C   1 
ATOM   860  O O   . ALA A 1 108 ? 3.006   4.229   -7.856  1.00 29.25 ? 152 ALA A O   1 
ATOM   861  C CB  . ALA A 1 108 ? 6.146   4.518   -8.415  1.00 24.64 ? 152 ALA A CB  1 
ATOM   862  N N   . LYS A 1 109 ? 3.336   5.657   -9.568  1.00 31.64 ? 153 LYS A N   1 
ATOM   863  C CA  . LYS A 1 109 ? 2.154   6.464   -9.283  1.00 35.06 ? 153 LYS A CA  1 
ATOM   864  C C   . LYS A 1 109 ? 1.011   6.137   -10.233 1.00 32.83 ? 153 LYS A C   1 
ATOM   865  O O   . LYS A 1 109 ? -0.047  6.769   -10.200 1.00 36.58 ? 153 LYS A O   1 
ATOM   866  C CB  . LYS A 1 109 ? 2.502   7.947   -9.388  1.00 36.16 ? 153 LYS A CB  1 
ATOM   867  C CG  . LYS A 1 109 ? 3.629   8.375   -8.463  1.00 37.12 ? 153 LYS A CG  1 
ATOM   868  C CD  . LYS A 1 109 ? 4.027   9.826   -8.702  1.00 53.09 ? 153 LYS A CD  1 
ATOM   869  C CE  . LYS A 1 109 ? 4.757   10.393  -7.489  1.00 47.16 ? 153 LYS A CE  1 
ATOM   870  N NZ  . LYS A 1 109 ? 5.093   11.836  -7.640  1.00 62.45 ? 153 LYS A NZ  1 
ATOM   871  N N   . GLU A 1 110 ? 1.229   5.138   -11.076 1.00 32.57 ? 154 GLU A N   1 
ATOM   872  C CA  . GLU A 1 110 ? 0.265   4.769   -12.103 1.00 29.79 ? 154 GLU A CA  1 
ATOM   873  C C   . GLU A 1 110 ? -0.823  3.866   -11.541 1.00 26.24 ? 154 GLU A C   1 
ATOM   874  O O   . GLU A 1 110 ? -0.575  3.084   -10.622 1.00 28.63 ? 154 GLU A O   1 
ATOM   875  C CB  . GLU A 1 110 ? 0.995   4.043   -13.230 1.00 35.37 ? 154 GLU A CB  1 
ATOM   876  C CG  . GLU A 1 110 ? 0.341   4.150   -14.594 1.00 41.60 ? 154 GLU A CG  1 
ATOM   877  C CD  . GLU A 1 110 ? 1.165   3.464   -15.663 1.00 57.72 ? 154 GLU A CD  1 
ATOM   878  O OE1 . GLU A 1 110 ? 1.235   2.217   -15.648 1.00 52.40 ? 154 GLU A OE1 1 
ATOM   879  O OE2 . GLU A 1 110 ? 1.756   4.173   -16.504 1.00 61.16 ? 154 GLU A OE2 1 
ATOM   880  N N   . THR A 1 111 ? -2.028  3.973   -12.096 1.00 27.61 ? 155 THR A N   1 
ATOM   881  C CA  . THR A 1 111 ? -3.121  3.076   -11.727 1.00 27.49 ? 155 THR A CA  1 
ATOM   882  C C   . THR A 1 111 ? -3.428  2.106   -12.868 1.00 27.96 ? 155 THR A C   1 
ATOM   883  O O   . THR A 1 111 ? -3.674  2.526   -13.998 1.00 23.27 ? 155 THR A O   1 
ATOM   884  C CB  . THR A 1 111 ? -4.398  3.853   -11.342 1.00 25.64 ? 155 THR A CB  1 
ATOM   885  O OG1 . THR A 1 111 ? -4.176  4.562   -10.113 1.00 26.75 ? 155 THR A OG1 1 
ATOM   886  C CG2 . THR A 1 111 ? -5.568  2.896   -11.151 1.00 30.51 ? 155 THR A CG2 1 
ATOM   887  N N   . LEU A 1 112 ? -3.401  0.810   -12.567 1.00 21.65 ? 156 LEU A N   1 
ATOM   888  C CA  . LEU A 1 112 ? -3.696  -0.228  -13.559 1.00 22.39 ? 156 LEU A CA  1 
ATOM   889  C C   . LEU A 1 112 ? -5.154  -0.227  -13.978 1.00 24.03 ? 156 LEU A C   1 
ATOM   890  O O   . LEU A 1 112 ? -6.034  0.090   -13.173 1.00 22.67 ? 156 LEU A O   1 
ATOM   891  C CB  . LEU A 1 112 ? -3.370  -1.613  -12.993 1.00 27.03 ? 156 LEU A CB  1 
ATOM   892  C CG  . LEU A 1 112 ? -1.949  -2.149  -13.113 1.00 36.43 ? 156 LEU A CG  1 
ATOM   893  C CD1 . LEU A 1 112 ? -1.816  -3.446  -12.344 1.00 39.64 ? 156 LEU A CD1 1 
ATOM   894  C CD2 . LEU A 1 112 ? -1.595  -2.355  -14.576 1.00 21.85 ? 156 LEU A CD2 1 
ATOM   895  N N   . LYS A 1 113 ? -5.406  -0.596  -15.233 1.00 19.96 ? 157 LYS A N   1 
ATOM   896  C CA  . LYS A 1 113 ? -6.767  -0.832  -15.695 1.00 27.98 ? 157 LYS A CA  1 
ATOM   897  C C   . LYS A 1 113 ? -7.378  -1.935  -14.849 1.00 25.57 ? 157 LYS A C   1 
ATOM   898  O O   . LYS A 1 113 ? -6.688  -2.877  -14.454 1.00 24.81 ? 157 LYS A O   1 
ATOM   899  C CB  . LYS A 1 113 ? -6.785  -1.266  -17.163 1.00 26.03 ? 157 LYS A CB  1 
ATOM   900  C CG  . LYS A 1 113 ? -5.881  -0.460  -18.081 1.00 28.58 ? 157 LYS A CG  1 
ATOM   901  C CD  . LYS A 1 113 ? -6.169  1.028   -18.020 1.00 33.80 ? 157 LYS A CD  1 
ATOM   902  C CE  . LYS A 1 113 ? -7.371  1.412   -18.858 1.00 41.75 ? 157 LYS A CE  1 
ATOM   903  N NZ  . LYS A 1 113 ? -8.653  1.190   -18.135 1.00 49.22 ? 157 LYS A NZ  1 
ATOM   904  N N   . ILE A 1 114 ? -8.668  -1.816  -14.565 1.00 28.59 ? 158 ILE A N   1 
ATOM   905  C CA  . ILE A 1 114 ? -9.381  -2.842  -13.810 1.00 25.02 ? 158 ILE A CA  1 
ATOM   906  C C   . ILE A 1 114 ? -9.327  -4.194  -14.523 1.00 22.57 ? 158 ILE A C   1 
ATOM   907  O O   . ILE A 1 114 ? -9.166  -5.228  -13.880 1.00 25.36 ? 158 ILE A O   1 
ATOM   908  C CB  . ILE A 1 114 ? -10.832 -2.398  -13.524 1.00 26.69 ? 158 ILE A CB  1 
ATOM   909  C CG1 . ILE A 1 114 ? -10.828 -1.331  -12.428 1.00 21.81 ? 158 ILE A CG1 1 
ATOM   910  C CG2 . ILE A 1 114 ? -11.718 -3.581  -13.127 1.00 18.24 ? 158 ILE A CG2 1 
ATOM   911  C CD1 . ILE A 1 114 ? -12.092 -0.504  -12.360 1.00 25.32 ? 158 ILE A CD1 1 
ATOM   912  N N   . SER A 1 115 ? -9.429  -4.177  -15.850 1.00 21.43 ? 159 SER A N   1 
ATOM   913  C CA  . SER A 1 115 ? -9.352  -5.406  -16.643 1.00 30.32 ? 159 SER A CA  1 
ATOM   914  C C   . SER A 1 115 ? -8.002  -6.101  -16.467 1.00 22.86 ? 159 SER A C   1 
ATOM   915  O O   . SER A 1 115 ? -7.913  -7.333  -16.496 1.00 27.34 ? 159 SER A O   1 
ATOM   916  C CB  . SER A 1 115 ? -9.587  -5.095  -18.122 1.00 20.29 ? 159 SER A CB  1 
ATOM   917  O OG  . SER A 1 115 ? -8.580  -4.234  -18.626 1.00 29.10 ? 159 SER A OG  1 
ATOM   918  N N   . LYS A 1 116 ? -6.954  -5.301  -16.287 1.00 19.30 ? 160 LYS A N   1 
ATOM   919  C CA  . LYS A 1 116 ? -5.603  -5.818  -16.079 1.00 21.65 ? 160 LYS A CA  1 
ATOM   920  C C   . LYS A 1 116 ? -5.419  -6.343  -14.651 1.00 27.29 ? 160 LYS A C   1 
ATOM   921  O O   . LYS A 1 116 ? -4.728  -7.338  -14.427 1.00 27.12 ? 160 LYS A O   1 
ATOM   922  C CB  . LYS A 1 116 ? -4.575  -4.725  -16.378 1.00 25.15 ? 160 LYS A CB  1 
ATOM   923  C CG  . LYS A 1 116 ? -4.386  -4.428  -17.865 1.00 27.92 ? 160 LYS A CG  1 
ATOM   924  C CD  . LYS A 1 116 ? -3.705  -5.592  -18.564 1.00 32.33 ? 160 LYS A CD  1 
ATOM   925  C CE  . LYS A 1 116 ? -3.293  -5.251  -19.999 1.00 36.86 ? 160 LYS A CE  1 
ATOM   926  N NZ  . LYS A 1 116 ? -4.440  -5.257  -20.934 1.00 37.57 ? 160 LYS A NZ  1 
ATOM   927  N N   . ILE A 1 117 ? -6.049  -5.668  -13.693 1.00 23.20 ? 161 ILE A N   1 
ATOM   928  C CA  . ILE A 1 117 ? -6.003  -6.077  -12.287 1.00 20.99 ? 161 ILE A CA  1 
ATOM   929  C C   . ILE A 1 117 ? -6.594  -7.481  -12.095 1.00 22.65 ? 161 ILE A C   1 
ATOM   930  O O   . ILE A 1 117 ? -6.086  -8.275  -11.293 1.00 20.51 ? 161 ILE A O   1 
ATOM   931  C CB  . ILE A 1 117 ? -6.723  -5.036  -11.388 1.00 25.49 ? 161 ILE A CB  1 
ATOM   932  C CG1 . ILE A 1 117 ? -5.849  -3.787  -11.225 1.00 22.37 ? 161 ILE A CG1 1 
ATOM   933  C CG2 . ILE A 1 117 ? -7.056  -5.612  -10.015 1.00 21.52 ? 161 ILE A CG2 1 
ATOM   934  C CD1 . ILE A 1 117 ? -6.572  -2.611  -10.599 1.00 20.62 ? 161 ILE A CD1 1 
ATOM   935  N N   . LYS A 1 118 ? -7.644  -7.791  -12.854 1.00 19.29 ? 162 LYS A N   1 
ATOM   936  C CA  . LYS A 1 118 ? -8.299  -9.095  -12.773 1.00 26.14 ? 162 LYS A CA  1 
ATOM   937  C C   . LYS A 1 118 ? -7.418  -10.233 -13.286 1.00 25.70 ? 162 LYS A C   1 
ATOM   938  O O   . LYS A 1 118 ? -7.705  -11.404 -13.031 1.00 29.59 ? 162 LYS A O   1 
ATOM   939  C CB  . LYS A 1 118 ? -9.622  -9.076  -13.551 1.00 27.03 ? 162 LYS A CB  1 
ATOM   940  C CG  . LYS A 1 118 ? -10.697 -8.207  -12.912 1.00 29.69 ? 162 LYS A CG  1 
ATOM   941  C CD  . LYS A 1 118 ? -11.986 -8.217  -13.730 1.00 25.34 ? 162 LYS A CD  1 
ATOM   942  C CE  . LYS A 1 118 ? -12.983 -7.221  -13.160 1.00 23.88 ? 162 LYS A CE  1 
ATOM   943  N NZ  . LYS A 1 118 ? -14.192 -7.042  -14.014 1.00 25.62 ? 162 LYS A NZ  1 
ATOM   944  N N   . GLU A 1 119 ? -6.351  -9.888  -14.005 1.00 27.07 ? 163 GLU A N   1 
ATOM   945  C CA  . GLU A 1 119 ? -5.455  -10.890 -14.584 1.00 29.40 ? 163 GLU A CA  1 
ATOM   946  C C   . GLU A 1 119 ? -4.315  -11.255 -13.638 1.00 28.62 ? 163 GLU A C   1 
ATOM   947  O O   . GLU A 1 119 ? -3.564  -12.198 -13.894 1.00 27.44 ? 163 GLU A O   1 
ATOM   948  C CB  . GLU A 1 119 ? -4.871  -10.392 -15.905 1.00 25.32 ? 163 GLU A CB  1 
ATOM   949  C CG  . GLU A 1 119 ? -5.897  -10.126 -17.000 1.00 26.24 ? 163 GLU A CG  1 
ATOM   950  C CD  . GLU A 1 119 ? -5.233  -9.745  -18.305 1.00 31.91 ? 163 GLU A CD  1 
ATOM   951  O OE1 . GLU A 1 119 ? -4.006  -9.508  -18.291 1.00 39.25 ? 163 GLU A OE1 1 
ATOM   952  O OE2 . GLU A 1 119 ? -5.928  -9.685  -19.340 1.00 28.76 ? 163 GLU A OE2 1 
ATOM   953  N N   . LEU A 1 120 ? -4.184  -10.493 -12.555 1.00 26.43 ? 164 LEU A N   1 
ATOM   954  C CA  . LEU A 1 120 ? -3.167  -10.756 -11.536 1.00 26.78 ? 164 LEU A CA  1 
ATOM   955  C C   . LEU A 1 120 ? -3.560  -11.957 -10.674 1.00 25.53 ? 164 LEU A C   1 
ATOM   956  O O   . LEU A 1 120 ? -4.740  -12.317 -10.600 1.00 23.73 ? 164 LEU A O   1 
ATOM   957  C CB  . LEU A 1 120 ? -2.977  -9.520  -10.653 1.00 26.43 ? 164 LEU A CB  1 
ATOM   958  C CG  . LEU A 1 120 ? -2.602  -8.224  -11.379 1.00 28.97 ? 164 LEU A CG  1 
ATOM   959  C CD1 . LEU A 1 120 ? -2.648  -7.027  -10.441 1.00 20.77 ? 164 LEU A CD1 1 
ATOM   960  C CD2 . LEU A 1 120 ? -1.225  -8.352  -12.002 1.00 27.25 ? 164 LEU A CD2 1 
ATOM   961  N N   . ASP A 1 121 ? -2.572  -12.578 -10.034 1.00 23.33 ? 165 ASP A N   1 
ATOM   962  C CA  . ASP A 1 121 ? -2.821  -13.740 -9.184  1.00 25.64 ? 165 ASP A CA  1 
ATOM   963  C C   . ASP A 1 121 ? -3.735  -13.392 -8.018  1.00 31.28 ? 165 ASP A C   1 
ATOM   964  O O   . ASP A 1 121 ? -3.702  -12.270 -7.508  1.00 28.55 ? 165 ASP A O   1 
ATOM   965  C CB  . ASP A 1 121 ? -1.507  -14.302 -8.631  1.00 30.36 ? 165 ASP A CB  1 
ATOM   966  C CG  . ASP A 1 121 ? -0.650  -14.943 -9.697  1.00 38.53 ? 165 ASP A CG  1 
ATOM   967  O OD1 . ASP A 1 121 ? -1.201  -15.350 -10.743 1.00 36.38 ? 165 ASP A OD1 1 
ATOM   968  O OD2 . ASP A 1 121 ? 0.577   -15.050 -9.482  1.00 39.11 ? 165 ASP A OD2 1 
ATOM   969  N N   . SER A 1 122 ? -4.549  -14.357 -7.599  1.00 24.46 ? 166 SER A N   1 
ATOM   970  C CA  . SER A 1 122 ? -5.403  -14.181 -6.431  1.00 28.88 ? 166 SER A CA  1 
ATOM   971  C C   . SER A 1 122 ? -4.510  -13.944 -5.227  1.00 29.97 ? 166 SER A C   1 
ATOM   972  O O   . SER A 1 122 ? -3.471  -14.587 -5.095  1.00 31.10 ? 166 SER A O   1 
ATOM   973  C CB  . SER A 1 122 ? -6.273  -15.421 -6.216  1.00 25.76 ? 166 SER A CB  1 
ATOM   974  O OG  . SER A 1 122 ? -7.263  -15.187 -5.229  1.00 30.53 ? 166 SER A OG  1 
ATOM   975  N N   . GLY A 1 123 ? -4.891  -13.001 -4.368  1.00 33.26 ? 167 GLY A N   1 
ATOM   976  C CA  . GLY A 1 123 ? -4.072  -12.650 -3.221  1.00 20.02 ? 167 GLY A CA  1 
ATOM   977  C C   . GLY A 1 123 ? -3.140  -11.472 -3.467  1.00 26.02 ? 167 GLY A C   1 
ATOM   978  O O   . GLY A 1 123 ? -2.521  -10.959 -2.537  1.00 25.66 ? 167 GLY A O   1 
ATOM   979  N N   . THR A 1 124 ? -3.032  -11.039 -4.718  1.00 24.55 ? 168 THR A N   1 
ATOM   980  C CA  . THR A 1 124 ? -2.223  -9.859  -5.032  1.00 24.92 ? 168 THR A CA  1 
ATOM   981  C C   . THR A 1 124 ? -2.787  -8.624  -4.334  1.00 23.33 ? 168 THR A C   1 
ATOM   982  O O   . THR A 1 124 ? -3.997  -8.405  -4.340  1.00 23.63 ? 168 THR A O   1 
ATOM   983  C CB  . THR A 1 124 ? -2.174  -9.605  -6.548  1.00 25.27 ? 168 THR A CB  1 
ATOM   984  O OG1 . THR A 1 124 ? -1.696  -10.786 -7.204  1.00 26.34 ? 168 THR A OG1 1 
ATOM   985  C CG2 . THR A 1 124 ? -1.252  -8.435  -6.874  1.00 21.54 ? 168 THR A CG2 1 
ATOM   986  N N   . LEU A 1 125 ? -1.917  -7.830  -3.717  1.00 21.53 ? 169 LEU A N   1 
ATOM   987  C CA  . LEU A 1 125 ? -2.365  -6.608  -3.055  1.00 24.69 ? 169 LEU A CA  1 
ATOM   988  C C   . LEU A 1 125 ? -2.557  -5.490  -4.078  1.00 20.90 ? 169 LEU A C   1 
ATOM   989  O O   . LEU A 1 125 ? -1.688  -5.240  -4.915  1.00 26.03 ? 169 LEU A O   1 
ATOM   990  C CB  . LEU A 1 125 ? -1.403  -6.200  -1.931  1.00 23.00 ? 169 LEU A CB  1 
ATOM   991  C CG  . LEU A 1 125 ? -1.403  -7.172  -0.746  1.00 27.68 ? 169 LEU A CG  1 
ATOM   992  C CD1 . LEU A 1 125 ? -0.458  -6.729  0.348   1.00 23.40 ? 169 LEU A CD1 1 
ATOM   993  C CD2 . LEU A 1 125 ? -2.813  -7.348  -0.191  1.00 26.77 ? 169 LEU A CD2 1 
ATOM   994  N N   . ILE A 1 126 ? -3.714  -4.836  -4.016  1.00 21.84 ? 170 ILE A N   1 
ATOM   995  C CA  . ILE A 1 126 ? -4.099  -3.855  -5.027  1.00 22.70 ? 170 ILE A CA  1 
ATOM   996  C C   . ILE A 1 126 ? -4.042  -2.420  -4.503  1.00 23.92 ? 170 ILE A C   1 
ATOM   997  O O   . ILE A 1 126 ? -4.549  -2.119  -3.420  1.00 20.59 ? 170 ILE A O   1 
ATOM   998  C CB  . ILE A 1 126 ? -5.509  -4.157  -5.582  1.00 20.98 ? 170 ILE A CB  1 
ATOM   999  C CG1 . ILE A 1 126 ? -5.593  -5.619  -6.033  1.00 18.41 ? 170 ILE A CG1 1 
ATOM   1000 C CG2 . ILE A 1 126 ? -5.858  -3.200  -6.719  1.00 18.42 ? 170 ILE A CG2 1 
ATOM   1001 C CD1 . ILE A 1 126 ? -4.503  -6.017  -7.027  1.00 21.65 ? 170 ILE A CD1 1 
ATOM   1002 N N   . TYR A 1 127 ? -3.411  -1.546  -5.283  1.00 20.60 ? 171 TYR A N   1 
ATOM   1003 C CA  . TYR A 1 127 ? -3.327  -0.120  -4.990  1.00 19.26 ? 171 TYR A CA  1 
ATOM   1004 C C   . TYR A 1 127 ? -3.793  0.634   -6.227  1.00 22.29 ? 171 TYR A C   1 
ATOM   1005 O O   . TYR A 1 127 ? -3.714  0.107   -7.342  1.00 24.72 ? 171 TYR A O   1 
ATOM   1006 C CB  . TYR A 1 127 ? -1.876  0.282   -4.726  1.00 18.06 ? 171 TYR A CB  1 
ATOM   1007 C CG  . TYR A 1 127 ? -1.235  -0.338  -3.512  1.00 31.32 ? 171 TYR A CG  1 
ATOM   1008 C CD1 . TYR A 1 127 ? -0.861  -1.677  -3.501  1.00 26.57 ? 171 TYR A CD1 1 
ATOM   1009 C CD2 . TYR A 1 127 ? -0.975  0.427   -2.384  1.00 21.63 ? 171 TYR A CD2 1 
ATOM   1010 C CE1 . TYR A 1 127 ? -0.259  -2.238  -2.391  1.00 27.75 ? 171 TYR A CE1 1 
ATOM   1011 C CE2 . TYR A 1 127 ? -0.377  -0.123  -1.272  1.00 23.47 ? 171 TYR A CE2 1 
ATOM   1012 C CZ  . TYR A 1 127 ? -0.021  -1.455  -1.282  1.00 27.87 ? 171 TYR A CZ  1 
ATOM   1013 O OH  . TYR A 1 127 ? 0.579   -2.007  -0.174  1.00 26.69 ? 171 TYR A OH  1 
ATOM   1014 N N   . GLY A 1 128 ? -4.272  1.863   -6.047  1.00 18.34 ? 172 GLY A N   1 
ATOM   1015 C CA  . GLY A 1 128 ? -4.640  2.685   -7.188  1.00 20.68 ? 172 GLY A CA  1 
ATOM   1016 C C   . GLY A 1 128 ? -5.717  3.723   -6.929  1.00 28.21 ? 172 GLY A C   1 
ATOM   1017 O O   . GLY A 1 128 ? -6.301  3.782   -5.845  1.00 24.66 ? 172 GLY A O   1 
ATOM   1018 N N   . VAL A 1 129 ? -5.972  4.545   -7.945  1.00 30.08 ? 173 VAL A N   1 
ATOM   1019 C CA  . VAL A 1 129 ? -7.005  5.576   -7.894  1.00 24.64 ? 173 VAL A CA  1 
ATOM   1020 C C   . VAL A 1 129 ? -8.153  5.185   -8.820  1.00 26.83 ? 173 VAL A C   1 
ATOM   1021 O O   . VAL A 1 129 ? -7.939  4.954   -10.013 1.00 26.07 ? 173 VAL A O   1 
ATOM   1022 C CB  . VAL A 1 129 ? -6.439  6.940   -8.334  1.00 32.41 ? 173 VAL A CB  1 
ATOM   1023 C CG1 . VAL A 1 129 ? -7.521  8.010   -8.301  1.00 31.16 ? 173 VAL A CG1 1 
ATOM   1024 C CG2 . VAL A 1 129 ? -5.262  7.333   -7.450  1.00 34.18 ? 173 VAL A CG2 1 
ATOM   1025 N N   . PHE A 1 130 ? -9.363  5.100   -8.277  1.00 24.75 ? 174 PHE A N   1 
ATOM   1026 C CA  . PHE A 1 130 ? -10.516 4.644   -9.053  1.00 21.98 ? 174 PHE A CA  1 
ATOM   1027 C C   . PHE A 1 130 ? -11.745 5.516   -8.815  1.00 28.36 ? 174 PHE A C   1 
ATOM   1028 O O   . PHE A 1 130 ? -11.934 6.057   -7.721  1.00 27.50 ? 174 PHE A O   1 
ATOM   1029 C CB  . PHE A 1 130 ? -10.857 3.195   -8.696  1.00 22.28 ? 174 PHE A CB  1 
ATOM   1030 C CG  . PHE A 1 130 ? -9.682  2.262   -8.755  1.00 27.47 ? 174 PHE A CG  1 
ATOM   1031 C CD1 . PHE A 1 130 ? -9.338  1.632   -9.944  1.00 24.76 ? 174 PHE A CD1 1 
ATOM   1032 C CD2 . PHE A 1 130 ? -8.918  2.015   -7.621  1.00 23.02 ? 174 PHE A CD2 1 
ATOM   1033 C CE1 . PHE A 1 130 ? -8.249  0.769   -10.006 1.00 25.94 ? 174 PHE A CE1 1 
ATOM   1034 C CE2 . PHE A 1 130 ? -7.826  1.149   -7.672  1.00 27.50 ? 174 PHE A CE2 1 
ATOM   1035 C CZ  . PHE A 1 130 ? -7.492  0.527   -8.866  1.00 27.30 ? 174 PHE A CZ  1 
ATOM   1036 N N   . ALA A 1 131 ? -12.589 5.644   -9.835  1.00 26.67 ? 175 ALA A N   1 
ATOM   1037 C CA  . ALA A 1 131 ? -13.848 6.372   -9.693  1.00 27.73 ? 175 ALA A CA  1 
ATOM   1038 C C   . ALA A 1 131 ? -14.914 5.465   -9.092  1.00 27.43 ? 175 ALA A C   1 
ATOM   1039 O O   . ALA A 1 131 ? -14.963 4.276   -9.401  1.00 27.45 ? 175 ALA A O   1 
ATOM   1040 C CB  . ALA A 1 131 ? -14.308 6.909   -11.046 1.00 20.77 ? 175 ALA A CB  1 
ATOM   1041 N N   . VAL A 1 132 ? -15.771 6.021   -8.240  1.00 25.02 ? 176 VAL A N   1 
ATOM   1042 C CA  . VAL A 1 132 ? -16.875 5.252   -7.666  1.00 32.07 ? 176 VAL A CA  1 
ATOM   1043 C C   . VAL A 1 132 ? -18.115 5.314   -8.555  1.00 34.74 ? 176 VAL A C   1 
ATOM   1044 O O   . VAL A 1 132 ? -18.641 6.399   -8.812  1.00 33.32 ? 176 VAL A O   1 
ATOM   1045 C CB  . VAL A 1 132 ? -17.254 5.773   -6.270  1.00 36.37 ? 176 VAL A CB  1 
ATOM   1046 C CG1 . VAL A 1 132 ? -18.444 5.003   -5.726  1.00 33.85 ? 176 VAL A CG1 1 
ATOM   1047 C CG2 . VAL A 1 132 ? -16.078 5.665   -5.330  1.00 34.77 ? 176 VAL A CG2 1 
ATOM   1048 N N   . GLU A 1 133 ? -18.587 4.159   -9.021  1.00 33.49 ? 177 GLU A N   1 
ATOM   1049 C CA  . GLU A 1 133 ? -19.812 4.107   -9.818  1.00 42.18 ? 177 GLU A CA  1 
ATOM   1050 C C   . GLU A 1 133 ? -21.033 4.079   -8.906  1.00 42.24 ? 177 GLU A C   1 
ATOM   1051 O O   . GLU A 1 133 ? -22.043 4.737   -9.176  1.00 45.88 ? 177 GLU A O   1 
ATOM   1052 C CB  . GLU A 1 133 ? -19.816 2.889   -10.752 1.00 34.67 ? 177 GLU A CB  1 
ATOM   1053 C CG  . GLU A 1 133 ? -21.105 2.734   -11.558 1.00 39.62 ? 177 GLU A CG  1 
ATOM   1054 C CD  . GLU A 1 133 ? -21.025 1.635   -12.607 1.00 54.49 ? 177 GLU A CD  1 
ATOM   1055 O OE1 . GLU A 1 133 ? -19.995 1.552   -13.310 1.00 53.48 ? 177 GLU A OE1 1 
ATOM   1056 O OE2 . GLU A 1 133 ? -21.995 0.858   -12.729 1.00 62.11 ? 177 GLU A OE2 1 
ATOM   1057 N N   . LYS A 1 134 ? -20.935 3.306   -7.829  1.00 35.61 ? 178 LYS A N   1 
ATOM   1058 C CA  . LYS A 1 134 ? -21.999 3.240   -6.836  1.00 38.55 ? 178 LYS A CA  1 
ATOM   1059 C C   . LYS A 1 134 ? -21.485 2.616   -5.549  1.00 43.71 ? 178 LYS A C   1 
ATOM   1060 O O   . LYS A 1 134 ? -20.364 2.102   -5.493  1.00 36.81 ? 178 LYS A O   1 
ATOM   1061 C CB  . LYS A 1 134 ? -23.204 2.453   -7.364  1.00 47.17 ? 178 LYS A CB  1 
ATOM   1062 C CG  . LYS A 1 134 ? -23.076 0.947   -7.247  1.00 44.62 ? 178 LYS A CG  1 
ATOM   1063 C CD  . LYS A 1 134 ? -23.456 0.257   -8.552  1.00 55.28 ? 178 LYS A CD  1 
ATOM   1064 C CE  . LYS A 1 134 ? -24.899 0.527   -8.942  1.00 58.90 ? 178 LYS A CE  1 
ATOM   1065 N NZ  . LYS A 1 134 ? -25.252 -0.135  -10.230 1.00 66.01 ? 178 LYS A NZ  1 
ATOM   1066 N N   . LYS A 1 135 ? -22.315 2.667   -4.514  1.00 47.75 ? 179 LYS A N   1 
ATOM   1067 C CA  . LYS A 1 135 ? -21.944 2.127   -3.217  1.00 44.64 ? 179 LYS A CA  1 
ATOM   1068 C C   . LYS A 1 135 ? -23.176 1.650   -2.470  1.00 44.14 ? 179 LYS A C   1 
ATOM   1069 O O   . LYS A 1 135 ? -24.263 2.214   -2.613  1.00 47.04 ? 179 LYS A O   1 
ATOM   1070 C CB  . LYS A 1 135 ? -21.213 3.182   -2.387  1.00 44.84 ? 179 LYS A CB  1 
ATOM   1071 C CG  . LYS A 1 135 ? -22.051 4.404   -2.081  1.00 52.53 ? 179 LYS A CG  1 
ATOM   1072 C CD  . LYS A 1 135 ? -21.297 5.395   -1.210  1.00 56.00 ? 179 LYS A CD  1 
ATOM   1073 C CE  . LYS A 1 135 ? -20.934 4.805   0.142   1.00 47.55 ? 179 LYS A CE  1 
ATOM   1074 N NZ  . LYS A 1 135 ? -20.186 5.779   0.992   1.00 49.83 ? 179 LYS A NZ  1 
ATOM   1075 N N   . LYS A 1 136 ? -23.001 0.596   -1.682  1.00 47.42 ? 180 LYS A N   1 
ATOM   1076 C CA  . LYS A 1 136 ? -24.059 0.118   -0.810  1.00 42.94 ? 180 LYS A CA  1 
ATOM   1077 C C   . LYS A 1 136 ? -23.518 -0.007  0.603   1.00 45.40 ? 180 LYS A C   1 
ATOM   1078 O O   . LYS A 1 136 ? -22.522 -0.693  0.842   1.00 42.46 ? 180 LYS A O   1 
ATOM   1079 C CB  . LYS A 1 136 ? -24.608 -1.225  -1.300  1.00 43.42 ? 180 LYS A CB  1 
ATOM   1080 C CG  . LYS A 1 136 ? -25.560 -1.893  -0.322  1.00 49.89 ? 180 LYS A CG  1 
ATOM   1081 C CD  . LYS A 1 136 ? -26.310 -3.049  -0.965  1.00 55.63 ? 180 LYS A CD  1 
ATOM   1082 C CE  . LYS A 1 136 ? -25.368 -4.138  -1.453  1.00 57.35 ? 180 LYS A CE  1 
ATOM   1083 N NZ  . LYS A 1 136 ? -26.118 -5.301  -2.011  1.00 61.97 ? 180 LYS A NZ  1 
ATOM   1084 N N   . VAL A 1 137 ? -24.166 0.686   1.534   1.00 44.90 ? 181 VAL A N   1 
ATOM   1085 C CA  . VAL A 1 137 ? -23.816 0.585   2.942   1.00 45.70 ? 181 VAL A CA  1 
ATOM   1086 C C   . VAL A 1 137 ? -24.902 -0.199  3.670   1.00 50.35 ? 181 VAL A C   1 
ATOM   1087 O O   . VAL A 1 137 ? -26.083 0.122   3.553   1.00 50.27 ? 181 VAL A O   1 
ATOM   1088 C CB  . VAL A 1 137 ? -23.655 1.983   3.590   1.00 50.61 ? 181 VAL A CB  1 
ATOM   1089 C CG1 . VAL A 1 137 ? -23.324 1.853   5.069   1.00 44.96 ? 181 VAL A CG1 1 
ATOM   1090 C CG2 . VAL A 1 137 ? -22.577 2.785   2.872   1.00 46.44 ? 181 VAL A CG2 1 
ATOM   1091 N N   . ASN A 1 138 ? -24.465 -1.212  4.370   1.00 54.23 ? 182 ASN A N   1 
ATOM   1092 C CA  . ASN A 1 138 ? -25.271 -1.970  5.273   1.00 66.38 ? 182 ASN A CA  1 
ATOM   1093 C C   . ASN A 1 138 ? -24.483 -1.929  6.537   1.00 77.11 ? 182 ASN A C   1 
ATOM   1094 O O   . ASN A 1 138 ? -23.363 -1.480  6.522   1.00 87.68 ? 182 ASN A O   1 
ATOM   1095 C CB  . ASN A 1 138 ? -25.457 -3.395  4.787   1.00 64.58 ? 182 ASN A CB  1 
ATOM   1096 C CG  . ASN A 1 138 ? -24.197 -4.213  4.856   1.00 65.18 ? 182 ASN A CG  1 
ATOM   1097 O OD1 . ASN A 1 138 ? -24.240 -5.428  4.904   1.00 67.46 ? 182 ASN A OD1 1 
ATOM   1098 N ND2 . ASN A 1 138 ? -23.078 -3.550  4.855   1.00 67.92 ? 182 ASN A ND2 1 
ATOM   1099 N N   . ASP A 1 139 ? -25.014 -2.506  7.597   1.00 71.39 ? 183 ASP A N   1 
ATOM   1100 C CA  . ASP A 1 139 ? -24.365 -2.443  8.885   1.00 72.91 ? 183 ASP A CA  1 
ATOM   1101 C C   . ASP A 1 139 ? -23.043 -3.163  9.031   1.00 65.41 ? 183 ASP A C   1 
ATOM   1102 O O   . ASP A 1 139 ? -22.244 -2.788  9.848   1.00 64.28 ? 183 ASP A O   1 
ATOM   1103 C CB  . ASP A 1 139 ? -25.349 -2.733  10.018  1.00 77.82 ? 183 ASP A CB  1 
ATOM   1104 C CG  . ASP A 1 139 ? -26.336 -1.589  10.219  1.00 86.53 ? 183 ASP A CG  1 
ATOM   1105 O OD1 . ASP A 1 139 ? -26.123 -0.723  11.099  1.00 83.79 ? 183 ASP A OD1 1 
ATOM   1106 O OD2 . ASP A 1 139 ? -27.318 -1.539  9.458   1.00 87.45 ? 183 ASP A OD2 1 
ATOM   1107 N N   . LYS A 1 140 ? -22.870 -4.252  8.302   1.00 65.50 ? 184 LYS A N   1 
ATOM   1108 C CA  . LYS A 1 140 ? -21.662 -5.075  8.379   1.00 62.29 ? 184 LYS A CA  1 
ATOM   1109 C C   . LYS A 1 140 ? -20.511 -4.865  7.348   1.00 54.74 ? 184 LYS A C   1 
ATOM   1110 O O   . LYS A 1 140 ? -19.499 -5.513  7.434   1.00 53.73 ? 184 LYS A O   1 
ATOM   1111 C CB  . LYS A 1 140 ? -22.072 -6.541  8.401   1.00 58.51 ? 184 LYS A CB  1 
ATOM   1112 C CG  . LYS A 1 140 ? -23.388 -6.806  9.103   1.00 66.56 ? 184 LYS A CG  1 
ATOM   1113 C CD  . LYS A 1 140 ? -24.222 -7.832  8.346   1.00 79.71 ? 184 LYS A CD  1 
ATOM   1114 C CE  . LYS A 1 140 ? -25.705 -7.504  8.370   1.00 86.99 ? 184 LYS A CE  1 
ATOM   1115 N NZ  . LYS A 1 140 ? -26.368 -7.746  7.054   1.00 78.44 ? 184 LYS A NZ  1 
ATOM   1116 N N   . SER A 1 141 ? -20.673 -3.958  6.401   1.00 49.97 ? 185 SER A N   1 
ATOM   1117 C CA  . SER A 1 141 ? -19.816 -3.821  5.223   1.00 44.46 ? 185 SER A CA  1 
ATOM   1118 C C   . SER A 1 141 ? -20.221 -2.628  4.358   1.00 40.85 ? 185 SER A C   1 
ATOM   1119 O O   . SER A 1 141 ? -21.396 -2.266  4.296   1.00 45.87 ? 185 SER A O   1 
ATOM   1120 C CB  . SER A 1 141 ? -19.888 -5.083  4.362   1.00 43.47 ? 185 SER A CB  1 
ATOM   1121 O OG  . SER A 1 141 ? -19.248 -6.174  4.997   1.00 64.40 ? 185 SER A OG  1 
ATOM   1122 N N   . ILE A 1 142 ? -19.241 -2.012  3.703   1.00 34.01 ? 186 ILE A N   1 
ATOM   1123 C CA  . ILE A 1 142 ? -19.521 -1.077  2.614   1.00 32.41 ? 186 ILE A CA  1 
ATOM   1124 C C   . ILE A 1 142 ? -19.085 -1.761  1.340   1.00 36.92 ? 186 ILE A C   1 
ATOM   1125 O O   . ILE A 1 142 ? -17.997 -2.336  1.287   1.00 29.73 ? 186 ILE A O   1 
ATOM   1126 C CB  . ILE A 1 142 ? -18.733 0.247   2.717   1.00 39.62 ? 186 ILE A CB  1 
ATOM   1127 C CG1 . ILE A 1 142 ? -19.000 0.947   4.042   1.00 42.82 ? 186 ILE A CG1 1 
ATOM   1128 C CG2 . ILE A 1 142 ? -19.069 1.173   1.554   1.00 37.64 ? 186 ILE A CG2 1 
ATOM   1129 C CD1 . ILE A 1 142 ? -18.048 0.532   5.096   1.00 51.70 ? 186 ILE A CD1 1 
ATOM   1130 N N   . THR A 1 143 ? -19.929 -1.703  0.318   1.00 35.90 ? 187 THR A N   1 
ATOM   1131 C CA  . THR A 1 143 ? -19.592 -2.304  -0.958  1.00 31.66 ? 187 THR A CA  1 
ATOM   1132 C C   . THR A 1 143 ? -19.527 -1.242  -2.042  1.00 39.63 ? 187 THR A C   1 
ATOM   1133 O O   . THR A 1 143 ? -20.541 -0.650  -2.407  1.00 42.61 ? 187 THR A O   1 
ATOM   1134 C CB  . THR A 1 143 ? -20.602 -3.382  -1.350  1.00 36.72 ? 187 THR A CB  1 
ATOM   1135 O OG1 . THR A 1 143 ? -20.493 -4.485  -0.438  1.00 42.95 ? 187 THR A OG1 1 
ATOM   1136 C CG2 . THR A 1 143 ? -20.323 -3.868  -2.755  1.00 38.43 ? 187 THR A CG2 1 
ATOM   1137 N N   . PHE A 1 144 ? -18.324 -0.989  -2.544  1.00 41.93 ? 188 PHE A N   1 
ATOM   1138 C CA  . PHE A 1 144 ? -18.155 -0.062  -3.652  1.00 36.45 ? 188 PHE A CA  1 
ATOM   1139 C C   . PHE A 1 144 ? -18.165 -0.815  -4.965  1.00 36.51 ? 188 PHE A C   1 
ATOM   1140 O O   . PHE A 1 144 ? -17.725 -1.964  -5.044  1.00 34.15 ? 188 PHE A O   1 
ATOM   1141 C CB  . PHE A 1 144 ? -16.830 0.694   -3.538  1.00 29.60 ? 188 PHE A CB  1 
ATOM   1142 C CG  . PHE A 1 144 ? -16.791 1.695   -2.424  1.00 38.52 ? 188 PHE A CG  1 
ATOM   1143 C CD1 . PHE A 1 144 ? -17.430 2.921   -2.552  1.00 41.69 ? 188 PHE A CD1 1 
ATOM   1144 C CD2 . PHE A 1 144 ? -16.093 1.420   -1.254  1.00 30.09 ? 188 PHE A CD2 1 
ATOM   1145 C CE1 . PHE A 1 144 ? -17.391 3.852   -1.523  1.00 40.41 ? 188 PHE A CE1 1 
ATOM   1146 C CE2 . PHE A 1 144 ? -16.044 2.343   -0.221  1.00 42.35 ? 188 PHE A CE2 1 
ATOM   1147 C CZ  . PHE A 1 144 ? -16.696 3.562   -0.354  1.00 37.65 ? 188 PHE A CZ  1 
ATOM   1148 N N   . LYS A 1 145 ? -18.687 -0.161  -5.993  1.00 34.99 ? 189 LYS A N   1 
ATOM   1149 C CA  . LYS A 1 145 ? -18.437 -0.575  -7.357  1.00 26.82 ? 189 LYS A CA  1 
ATOM   1150 C C   . LYS A 1 145 ? -17.532 0.496   -7.942  1.00 30.28 ? 189 LYS A C   1 
ATOM   1151 O O   . LYS A 1 145 ? -17.940 1.651   -8.080  1.00 30.62 ? 189 LYS A O   1 
ATOM   1152 C CB  . LYS A 1 145 ? -19.750 -0.675  -8.134  1.00 34.29 ? 189 LYS A CB  1 
ATOM   1153 C CG  . LYS A 1 145 ? -19.609 -1.245  -9.537  1.00 40.47 ? 189 LYS A CG  1 
ATOM   1154 C CD  . LYS A 1 145 ? -20.932 -1.816  -10.025 1.00 42.49 ? 189 LYS A CD  1 
ATOM   1155 C CE  . LYS A 1 145 ? -20.777 -2.568  -11.332 1.00 52.14 ? 189 LYS A CE  1 
ATOM   1156 N NZ  . LYS A 1 145 ? -20.526 -1.649  -12.472 1.00 64.80 ? 189 LYS A NZ  1 
ATOM   1157 N N   . ILE A 1 146 ? -16.286 0.139   -8.237  1.00 27.41 ? 190 ILE A N   1 
ATOM   1158 C CA  . ILE A 1 146 ? -15.369 1.092   -8.852  1.00 29.04 ? 190 ILE A CA  1 
ATOM   1159 C C   . ILE A 1 146 ? -15.248 0.809   -10.341 1.00 26.53 ? 190 ILE A C   1 
ATOM   1160 O O   . ILE A 1 146 ? -15.413 -0.333  -10.778 1.00 27.82 ? 190 ILE A O   1 
ATOM   1161 C CB  . ILE A 1 146 ? -13.979 1.075   -8.191  1.00 28.54 ? 190 ILE A CB  1 
ATOM   1162 C CG1 . ILE A 1 146 ? -13.312 -0.295  -8.345  1.00 25.16 ? 190 ILE A CG1 1 
ATOM   1163 C CG2 . ILE A 1 146 ? -14.085 1.465   -6.725  1.00 22.88 ? 190 ILE A CG2 1 
ATOM   1164 C CD1 . ILE A 1 146 ? -11.855 -0.331  -7.883  1.00 21.96 ? 190 ILE A CD1 1 
ATOM   1165 N N   . LYS A 1 147 ? -14.979 1.850   -11.122 1.00 30.46 ? 191 LYS A N   1 
ATOM   1166 C CA  . LYS A 1 147 ? -14.901 1.692   -12.568 1.00 28.39 ? 191 LYS A CA  1 
ATOM   1167 C C   . LYS A 1 147 ? -13.834 2.577   -13.192 1.00 29.16 ? 191 LYS A C   1 
ATOM   1168 O O   . LYS A 1 147 ? -13.402 3.574   -12.604 1.00 26.38 ? 191 LYS A O   1 
ATOM   1169 C CB  . LYS A 1 147 ? -16.255 1.999   -13.216 1.00 25.14 ? 191 LYS A CB  1 
ATOM   1170 C CG  . LYS A 1 147 ? -16.577 3.492   -13.304 1.00 30.27 ? 191 LYS A CG  1 
ATOM   1171 C CD  . LYS A 1 147 ? -17.752 3.748   -14.233 1.00 42.03 ? 191 LYS A CD  1 
ATOM   1172 C CE  . LYS A 1 147 ? -17.764 5.188   -14.715 1.00 50.33 ? 191 LYS A CE  1 
ATOM   1173 N NZ  . LYS A 1 147 ? -18.824 5.410   -15.734 1.00 58.75 ? 191 LYS A NZ  1 
ATOM   1174 N N   . ASP A 1 148 ? -13.394 2.185   -14.380 1.00 30.01 ? 192 ASP A N   1 
ATOM   1175 C CA  . ASP A 1 148 ? -12.641 3.083   -15.239 1.00 27.58 ? 192 ASP A CA  1 
ATOM   1176 C C   . ASP A 1 148 ? -13.368 3.133   -16.575 1.00 27.53 ? 192 ASP A C   1 
ATOM   1177 O O   . ASP A 1 148 ? -14.548 2.777   -16.646 1.00 29.60 ? 192 ASP A O   1 
ATOM   1178 C CB  . ASP A 1 148 ? -11.173 2.651   -15.381 1.00 31.74 ? 192 ASP A CB  1 
ATOM   1179 C CG  . ASP A 1 148 ? -11.011 1.183   -15.743 1.00 35.32 ? 192 ASP A CG  1 
ATOM   1180 O OD1 . ASP A 1 148 ? -11.847 0.638   -16.495 1.00 27.46 ? 192 ASP A OD1 1 
ATOM   1181 O OD2 . ASP A 1 148 ? -10.016 0.576   -15.284 1.00 32.12 ? 192 ASP A OD2 1 
ATOM   1182 N N   . ASN A 1 149 ? -12.689 3.566   -17.631 1.00 28.67 ? 193 ASN A N   1 
ATOM   1183 C CA  . ASN A 1 149 ? -13.337 3.637   -18.942 1.00 34.04 ? 193 ASN A CA  1 
ATOM   1184 C C   . ASN A 1 149 ? -13.769 2.280   -19.502 1.00 35.03 ? 193 ASN A C   1 
ATOM   1185 O O   . ASN A 1 149 ? -14.757 2.200   -20.230 1.00 32.24 ? 193 ASN A O   1 
ATOM   1186 C CB  . ASN A 1 149 ? -12.440 4.350   -19.961 1.00 37.12 ? 193 ASN A CB  1 
ATOM   1187 C CG  . ASN A 1 149 ? -12.339 5.839   -19.707 1.00 41.30 ? 193 ASN A CG  1 
ATOM   1188 O OD1 . ASN A 1 149 ? -13.284 6.462   -19.227 1.00 46.97 ? 193 ASN A OD1 1 
ATOM   1189 N ND2 . ASN A 1 149 ? -11.188 6.420   -20.025 1.00 44.12 ? 193 ASN A ND2 1 
ATOM   1190 N N   . GLU A 1 150 ? -13.037 1.219   -19.163 1.00 30.67 ? 194 GLU A N   1 
ATOM   1191 C CA  . GLU A 1 150 ? -13.269 -0.088  -19.791 1.00 30.15 ? 194 GLU A CA  1 
ATOM   1192 C C   . GLU A 1 150 ? -13.984 -1.144  -18.937 1.00 29.72 ? 194 GLU A C   1 
ATOM   1193 O O   . GLU A 1 150 ? -14.673 -2.007  -19.476 1.00 29.51 ? 194 GLU A O   1 
ATOM   1194 C CB  . GLU A 1 150 ? -11.953 -0.675  -20.316 1.00 29.23 ? 194 GLU A CB  1 
ATOM   1195 C CG  . GLU A 1 150 ? -11.401 0.009   -21.554 1.00 36.08 ? 194 GLU A CG  1 
ATOM   1196 C CD  . GLU A 1 150 ? -10.721 1.328   -21.248 1.00 42.45 ? 194 GLU A CD  1 
ATOM   1197 O OE1 . GLU A 1 150 ? -10.295 1.533   -20.090 1.00 43.42 ? 194 GLU A OE1 1 
ATOM   1198 O OE2 . GLU A 1 150 ? -10.609 2.161   -22.171 1.00 50.18 ? 194 GLU A OE2 1 
ATOM   1199 N N   . ASP A 1 151 ? -13.821 -1.095  -17.617 1.00 29.27 ? 195 ASP A N   1 
ATOM   1200 C CA  . ASP A 1 151 ? -14.348 -2.173  -16.773 1.00 26.09 ? 195 ASP A CA  1 
ATOM   1201 C C   . ASP A 1 151 ? -14.682 -1.690  -15.365 1.00 26.38 ? 195 ASP A C   1 
ATOM   1202 O O   . ASP A 1 151 ? -14.412 -0.542  -15.003 1.00 24.92 ? 195 ASP A O   1 
ATOM   1203 C CB  . ASP A 1 151 ? -13.342 -3.333  -16.714 1.00 23.51 ? 195 ASP A CB  1 
ATOM   1204 C CG  . ASP A 1 151 ? -13.983 -4.661  -16.332 1.00 31.53 ? 195 ASP A CG  1 
ATOM   1205 O OD1 . ASP A 1 151 ? -15.228 -4.759  -16.332 1.00 28.50 ? 195 ASP A OD1 1 
ATOM   1206 O OD2 . ASP A 1 151 ? -13.234 -5.621  -16.044 1.00 28.76 ? 195 ASP A OD2 1 
ATOM   1207 N N   . ASN A 1 152 ? -15.277 -2.578  -14.578 1.00 25.51 ? 196 ASN A N   1 
ATOM   1208 C CA  . ASN A 1 152 ? -15.623 -2.275  -13.200 1.00 23.82 ? 196 ASN A CA  1 
ATOM   1209 C C   . ASN A 1 152 ? -15.332 -3.478  -12.315 1.00 23.64 ? 196 ASN A C   1 
ATOM   1210 O O   . ASN A 1 152 ? -15.131 -4.590  -12.813 1.00 25.22 ? 196 ASN A O   1 
ATOM   1211 C CB  . ASN A 1 152 ? -17.103 -1.905  -13.094 1.00 27.65 ? 196 ASN A CB  1 
ATOM   1212 C CG  . ASN A 1 152 ? -18.011 -2.999  -13.636 1.00 32.85 ? 196 ASN A CG  1 
ATOM   1213 O OD1 . ASN A 1 152 ? -18.301 -3.973  -12.945 1.00 36.25 ? 196 ASN A OD1 1 
ATOM   1214 N ND2 . ASN A 1 152 ? -18.447 -2.849  -14.880 1.00 39.04 ? 196 ASN A ND2 1 
ATOM   1215 N N   . ILE A 1 153 ? -15.312 -3.255  -11.006 1.00 26.26 ? 197 ILE A N   1 
ATOM   1216 C CA  . ILE A 1 153 ? -15.117 -4.340  -10.052 1.00 26.00 ? 197 ILE A CA  1 
ATOM   1217 C C   . ILE A 1 153 ? -15.700 -3.965  -8.694  1.00 31.30 ? 197 ILE A C   1 
ATOM   1218 O O   . ILE A 1 153 ? -15.752 -2.788  -8.326  1.00 25.58 ? 197 ILE A O   1 
ATOM   1219 C CB  . ILE A 1 153 ? -13.616 -4.747  -9.942  1.00 26.92 ? 197 ILE A CB  1 
ATOM   1220 C CG1 . ILE A 1 153 ? -13.453 -6.083  -9.212  1.00 24.87 ? 197 ILE A CG1 1 
ATOM   1221 C CG2 . ILE A 1 153 ? -12.785 -3.652  -9.289  1.00 18.25 ? 197 ILE A CG2 1 
ATOM   1222 C CD1 . ILE A 1 153 ? -12.016 -6.621  -9.241  1.00 21.53 ? 197 ILE A CD1 1 
ATOM   1223 N N   . LYS A 1 154 ? -16.160 -4.975  -7.967  1.00 26.89 ? 198 LYS A N   1 
ATOM   1224 C CA  . LYS A 1 154 ? -16.745 -4.794  -6.649  1.00 28.95 ? 198 LYS A CA  1 
ATOM   1225 C C   . LYS A 1 154 ? -15.635 -4.646  -5.610  1.00 30.91 ? 198 LYS A C   1 
ATOM   1226 O O   . LYS A 1 154 ? -14.637 -5.376  -5.654  1.00 22.17 ? 198 LYS A O   1 
ATOM   1227 C CB  . LYS A 1 154 ? -17.601 -6.021  -6.335  1.00 36.85 ? 198 LYS A CB  1 
ATOM   1228 C CG  . LYS A 1 154 ? -18.658 -5.847  -5.266  1.00 40.96 ? 198 LYS A CG  1 
ATOM   1229 C CD  . LYS A 1 154 ? -19.401 -7.166  -5.087  1.00 46.09 ? 198 LYS A CD  1 
ATOM   1230 C CE  . LYS A 1 154 ? -20.679 -6.995  -4.294  1.00 61.81 ? 198 LYS A CE  1 
ATOM   1231 N NZ  . LYS A 1 154 ? -21.300 -8.305  -3.960  1.00 65.01 ? 198 LYS A NZ  1 
ATOM   1232 N N   . VAL A 1 155 ? -15.796 -3.695  -4.692  1.00 25.79 ? 199 VAL A N   1 
ATOM   1233 C CA  . VAL A 1 155 ? -14.843 -3.504  -3.598  1.00 33.31 ? 199 VAL A CA  1 
ATOM   1234 C C   . VAL A 1 155 ? -15.567 -3.633  -2.261  1.00 31.41 ? 199 VAL A C   1 
ATOM   1235 O O   . VAL A 1 155 ? -16.482 -2.863  -1.975  1.00 34.42 ? 199 VAL A O   1 
ATOM   1236 C CB  . VAL A 1 155 ? -14.163 -2.123  -3.660  1.00 28.16 ? 199 VAL A CB  1 
ATOM   1237 C CG1 . VAL A 1 155 ? -13.171 -1.974  -2.525  1.00 28.39 ? 199 VAL A CG1 1 
ATOM   1238 C CG2 . VAL A 1 155 ? -13.465 -1.933  -4.988  1.00 30.45 ? 199 VAL A CG2 1 
ATOM   1239 N N   . VAL A 1 156 ? -15.162 -4.606  -1.448  1.00 29.51 ? 200 VAL A N   1 
ATOM   1240 C CA  . VAL A 1 156 ? -15.804 -4.833  -0.149  1.00 29.68 ? 200 VAL A CA  1 
ATOM   1241 C C   . VAL A 1 156 ? -14.934 -4.335  1.010   1.00 31.15 ? 200 VAL A C   1 
ATOM   1242 O O   . VAL A 1 156 ? -13.757 -4.693  1.111   1.00 29.17 ? 200 VAL A O   1 
ATOM   1243 C CB  . VAL A 1 156 ? -16.140 -6.323  0.060   1.00 32.23 ? 200 VAL A CB  1 
ATOM   1244 C CG1 . VAL A 1 156 ? -16.845 -6.529  1.390   1.00 30.72 ? 200 VAL A CG1 1 
ATOM   1245 C CG2 . VAL A 1 156 ? -17.005 -6.837  -1.084  1.00 33.10 ? 200 VAL A CG2 1 
ATOM   1246 N N   . TRP A 1 157 ? -15.517 -3.502  1.869   1.00 30.54 ? 201 TRP A N   1 
ATOM   1247 C CA  . TRP A 1 157 ? -14.843 -2.989  3.060   1.00 30.06 ? 201 TRP A CA  1 
ATOM   1248 C C   . TRP A 1 157 ? -15.659 -3.376  4.292   1.00 34.34 ? 201 TRP A C   1 
ATOM   1249 O O   . TRP A 1 157 ? -16.738 -2.826  4.523   1.00 32.63 ? 201 TRP A O   1 
ATOM   1250 C CB  . TRP A 1 157 ? -14.711 -1.462  2.966   1.00 26.80 ? 201 TRP A CB  1 
ATOM   1251 C CG  . TRP A 1 157 ? -14.160 -0.802  4.200   1.00 35.55 ? 201 TRP A CG  1 
ATOM   1252 C CD1 . TRP A 1 157 ? -14.858 -0.421  5.311   1.00 39.08 ? 201 TRP A CD1 1 
ATOM   1253 C CD2 . TRP A 1 157 ? -12.795 -0.430  4.439   1.00 35.20 ? 201 TRP A CD2 1 
ATOM   1254 N NE1 . TRP A 1 157 ? -14.009 0.157   6.229   1.00 37.33 ? 201 TRP A NE1 1 
ATOM   1255 C CE2 . TRP A 1 157 ? -12.739 0.164   5.717   1.00 36.99 ? 201 TRP A CE2 1 
ATOM   1256 C CE3 . TRP A 1 157 ? -11.617 -0.546  3.698   1.00 29.35 ? 201 TRP A CE3 1 
ATOM   1257 C CZ2 . TRP A 1 157 ? -11.543 0.642   6.268   1.00 27.50 ? 201 TRP A CZ2 1 
ATOM   1258 C CZ3 . TRP A 1 157 ? -10.430 -0.070  4.249   1.00 31.41 ? 201 TRP A CZ3 1 
ATOM   1259 C CH2 . TRP A 1 157 ? -10.404 0.514   5.521   1.00 31.39 ? 201 TRP A CH2 1 
ATOM   1260 N N   . ASP A 1 158 ? -15.159 -4.327  5.079   1.00 32.16 ? 202 ASP A N   1 
ATOM   1261 C CA  . ASP A 1 158 ? -15.907 -4.784  6.249   1.00 34.47 ? 202 ASP A CA  1 
ATOM   1262 C C   . ASP A 1 158 ? -15.266 -4.373  7.574   1.00 42.68 ? 202 ASP A C   1 
ATOM   1263 O O   . ASP A 1 158 ? -15.454 -5.039  8.591   1.00 36.25 ? 202 ASP A O   1 
ATOM   1264 C CB  . ASP A 1 158 ? -16.155 -6.303  6.209   1.00 40.29 ? 202 ASP A CB  1 
ATOM   1265 C CG  . ASP A 1 158 ? -14.871 -7.120  6.254   1.00 37.80 ? 202 ASP A CG  1 
ATOM   1266 O OD1 . ASP A 1 158 ? -13.773 -6.536  6.366   1.00 35.83 ? 202 ASP A OD1 1 
ATOM   1267 O OD2 . ASP A 1 158 ? -14.964 -8.364  6.170   1.00 36.39 ? 202 ASP A OD2 1 
ATOM   1268 N N   . LYS A 1 159 ? -14.511 -3.278  7.554   1.00 33.79 ? 203 LYS A N   1 
ATOM   1269 C CA  . LYS A 1 159 ? -13.894 -2.753  8.767   1.00 39.94 ? 203 LYS A CA  1 
ATOM   1270 C C   . LYS A 1 159 ? -14.672 -1.537  9.267   1.00 34.40 ? 203 LYS A C   1 
ATOM   1271 O O   . LYS A 1 159 ? -15.819 -1.323  8.868   1.00 37.00 ? 203 LYS A O   1 
ATOM   1272 C CB  . LYS A 1 159 ? -12.425 -2.401  8.505   1.00 32.91 ? 203 LYS A CB  1 
ATOM   1273 C CG  . LYS A 1 159 ? -11.616 -3.566  7.940   1.00 38.89 ? 203 LYS A CG  1 
ATOM   1274 C CD  . LYS A 1 159 ? -10.215 -3.140  7.519   1.00 35.42 ? 203 LYS A CD  1 
ATOM   1275 C CE  . LYS A 1 159 ? -9.208  -3.326  8.635   1.00 36.76 ? 203 LYS A CE  1 
ATOM   1276 N NZ  . LYS A 1 159 ? -7.828  -2.950  8.211   1.00 32.20 ? 203 LYS A NZ  1 
ATOM   1277 N N   . GLU A 1 160 ? -14.056 -0.755  10.147  1.00 48.23 ? 204 GLU A N   1 
ATOM   1278 C CA  . GLU A 1 160 ? -14.668 0.472   10.656  1.00 48.70 ? 204 GLU A CA  1 
ATOM   1279 C C   . GLU A 1 160 ? -15.065 1.418   9.523   1.00 50.32 ? 204 GLU A C   1 
ATOM   1280 O O   . GLU A 1 160 ? -14.257 1.710   8.642   1.00 51.74 ? 204 GLU A O   1 
ATOM   1281 C CB  . GLU A 1 160 ? -13.700 1.183   11.607  1.00 45.42 ? 204 GLU A CB  1 
ATOM   1282 C CG  . GLU A 1 160 ? -14.173 2.549   12.089  1.00 62.37 ? 204 GLU A CG  1 
ATOM   1283 C CD  . GLU A 1 160 ? -15.267 2.457   13.136  1.00 65.13 ? 204 GLU A CD  1 
ATOM   1284 O OE1 . GLU A 1 160 ? -15.007 1.894   14.221  1.00 70.00 ? 204 GLU A OE1 1 
ATOM   1285 O OE2 . GLU A 1 160 ? -16.386 2.949   12.873  1.00 65.36 ? 204 GLU A OE2 1 
ATOM   1286 N N   . GLN A 1 161 ? -16.311 1.885   9.538   1.00 41.63 ? 205 GLN A N   1 
ATOM   1287 C CA  . GLN A 1 161 ? -16.771 2.852   8.543   1.00 53.93 ? 205 GLN A CA  1 
ATOM   1288 C C   . GLN A 1 161 ? -17.006 4.238   9.120   1.00 63.79 ? 205 GLN A C   1 
ATOM   1289 O O   . GLN A 1 161 ? -18.102 4.787   9.005   1.00 71.51 ? 205 GLN A O   1 
ATOM   1290 C CB  . GLN A 1 161 ? -18.047 2.379   7.847   1.00 52.72 ? 205 GLN A CB  1 
ATOM   1291 C CG  . GLN A 1 161 ? -18.979 1.495   8.663   1.00 51.63 ? 205 GLN A CG  1 
ATOM   1292 C CD  . GLN A 1 161 ? -20.142 0.970   7.827   1.00 51.65 ? 205 GLN A CD  1 
ATOM   1293 O OE1 . GLN A 1 161 ? -20.920 1.745   7.276   1.00 56.23 ? 205 GLN A OE1 1 
ATOM   1294 N NE2 . GLN A 1 161 ? -20.254 -0.349  7.720   1.00 45.75 ? 205 GLN A NE2 1 
ATOM   1295 N N   . HIS A 1 162 ? -15.977 4.808   9.735   1.00 65.34 ? 206 HIS A N   1 
ATOM   1296 C CA  . HIS A 1 162 ? -16.090 6.147   10.296  1.00 68.92 ? 206 HIS A CA  1 
ATOM   1297 C C   . HIS A 1 162 ? -15.867 7.222   9.234   1.00 67.25 ? 206 HIS A C   1 
ATOM   1298 O O   . HIS A 1 162 ? -16.671 8.146   9.095   1.00 71.72 ? 206 HIS A O   1 
ATOM   1299 C CB  . HIS A 1 162 ? -15.116 6.335   11.461  1.00 71.79 ? 206 HIS A CB  1 
ATOM   1300 C CG  . HIS A 1 162 ? -15.008 7.752   11.932  1.00 72.36 ? 206 HIS A CG  1 
ATOM   1301 N ND1 . HIS A 1 162 ? -16.094 8.476   12.369  1.00 67.34 ? 206 HIS A ND1 1 
ATOM   1302 C CD2 . HIS A 1 162 ? -13.940 8.581   12.022  1.00 70.59 ? 206 HIS A CD2 1 
ATOM   1303 C CE1 . HIS A 1 162 ? -15.702 9.691   12.713  1.00 73.89 ? 206 HIS A CE1 1 
ATOM   1304 N NE2 . HIS A 1 162 ? -14.400 9.780   12.513  1.00 76.21 ? 206 HIS A NE2 1 
ATOM   1305 N N   . ASN A 1 163 ? -14.776 7.095   8.487   1.00 58.92 ? 207 ASN A N   1 
ATOM   1306 C CA  . ASN A 1 163 ? -14.426 8.093   7.478   1.00 68.87 ? 207 ASN A CA  1 
ATOM   1307 C C   . ASN A 1 163 ? -14.567 7.592   6.041   1.00 62.24 ? 207 ASN A C   1 
ATOM   1308 O O   . ASN A 1 163 ? -13.909 8.109   5.136   1.00 61.28 ? 207 ASN A O   1 
ATOM   1309 C CB  . ASN A 1 163 ? -13.010 8.629   7.716   1.00 70.14 ? 207 ASN A CB  1 
ATOM   1310 C CG  . ASN A 1 163 ? -12.947 9.627   8.858   1.00 72.90 ? 207 ASN A CG  1 
ATOM   1311 O OD1 . ASN A 1 163 ? -13.854 10.437  9.041   1.00 72.18 ? 207 ASN A OD1 1 
ATOM   1312 N ND2 . ASN A 1 163 ? -11.868 9.573   9.634   1.00 75.66 ? 207 ASN A ND2 1 
ATOM   1313 N N   . ILE A 1 164 ? -15.428 6.597   5.837   1.00 57.52 ? 208 ILE A N   1 
ATOM   1314 C CA  . ILE A 1 164 ? -15.676 6.052   4.502   1.00 53.79 ? 208 ILE A CA  1 
ATOM   1315 C C   . ILE A 1 164 ? -17.045 6.523   4.001   1.00 55.44 ? 208 ILE A C   1 
ATOM   1316 O O   . ILE A 1 164 ? -17.978 5.732   3.830   1.00 47.03 ? 208 ILE A O   1 
ATOM   1317 C CB  . ILE A 1 164 ? -15.585 4.504   4.482   1.00 53.40 ? 208 ILE A CB  1 
ATOM   1318 C CG1 . ILE A 1 164 ? -14.400 4.021   5.326   1.00 46.53 ? 208 ILE A CG1 1 
ATOM   1319 C CG2 . ILE A 1 164 ? -15.483 3.991   3.047   1.00 49.54 ? 208 ILE A CG2 1 
ATOM   1320 C CD1 . ILE A 1 164 ? -13.045 4.576   4.885   1.00 48.37 ? 208 ILE A CD1 1 
ATOM   1321 N N   . ASN A 1 165 ? -17.152 7.828   3.771   1.00 55.18 ? 209 ASN A N   1 
ATOM   1322 C CA  . ASN A 1 165 ? -18.411 8.447   3.381   1.00 47.52 ? 209 ASN A CA  1 
ATOM   1323 C C   . ASN A 1 165 ? -18.383 8.939   1.942   1.00 48.63 ? 209 ASN A C   1 
ATOM   1324 O O   . ASN A 1 165 ? -19.225 9.742   1.535   1.00 52.19 ? 209 ASN A O   1 
ATOM   1325 C CB  . ASN A 1 165 ? -18.735 9.608   4.322   1.00 55.12 ? 209 ASN A CB  1 
ATOM   1326 C CG  . ASN A 1 165 ? -17.488 10.254  4.903   1.00 53.04 ? 209 ASN A CG  1 
ATOM   1327 O OD1 . ASN A 1 165 ? -17.083 9.946   6.024   1.00 58.54 ? 209 ASN A OD1 1 
ATOM   1328 N ND2 . ASN A 1 165 ? -16.867 11.145  4.137   1.00 54.03 ? 209 ASN A ND2 1 
ATOM   1329 N N   . TYR A 1 166 ? -17.405 8.455   1.180   1.00 42.24 ? 210 TYR A N   1 
ATOM   1330 C CA  . TYR A 1 166 ? -17.229 8.849   -0.212  1.00 42.10 ? 210 TYR A CA  1 
ATOM   1331 C C   . TYR A 1 166 ? -18.490 8.569   -1.006  1.00 44.46 ? 210 TYR A C   1 
ATOM   1332 O O   . TYR A 1 166 ? -19.250 7.660   -0.679  1.00 44.26 ? 210 TYR A O   1 
ATOM   1333 C CB  . TYR A 1 166 ? -16.052 8.099   -0.825  1.00 42.68 ? 210 TYR A CB  1 
ATOM   1334 C CG  . TYR A 1 166 ? -14.824 8.113   0.051   1.00 49.96 ? 210 TYR A CG  1 
ATOM   1335 C CD1 . TYR A 1 166 ? -13.988 9.221   0.088   1.00 48.99 ? 210 TYR A CD1 1 
ATOM   1336 C CD2 . TYR A 1 166 ? -14.500 7.019   0.841   1.00 46.37 ? 210 TYR A CD2 1 
ATOM   1337 C CE1 . TYR A 1 166 ? -12.865 9.241   0.888   1.00 46.95 ? 210 TYR A CE1 1 
ATOM   1338 C CE2 . TYR A 1 166 ? -13.381 7.029   1.647   1.00 52.78 ? 210 TYR A CE2 1 
ATOM   1339 C CZ  . TYR A 1 166 ? -12.564 8.143   1.665   1.00 52.81 ? 210 TYR A CZ  1 
ATOM   1340 O OH  . TYR A 1 166 ? -11.443 8.158   2.466   1.00 48.33 ? 210 TYR A OH  1 
ATOM   1341 N N   . GLU A 1 167 ? -18.720 9.356   -2.046  1.00 35.99 ? 211 GLU A N   1 
ATOM   1342 C CA  . GLU A 1 167 ? -19.969 9.235   -2.778  1.00 43.13 ? 211 GLU A CA  1 
ATOM   1343 C C   . GLU A 1 167 ? -19.775 8.910   -4.246  1.00 35.69 ? 211 GLU A C   1 
ATOM   1344 O O   . GLU A 1 167 ? -18.652 8.922   -4.760  1.00 32.34 ? 211 GLU A O   1 
ATOM   1345 C CB  . GLU A 1 167 ? -20.802 10.506  -2.617  1.00 39.69 ? 211 GLU A CB  1 
ATOM   1346 C CG  . GLU A 1 167 ? -21.105 10.834  -1.165  1.00 44.23 ? 211 GLU A CG  1 
ATOM   1347 C CD  . GLU A 1 167 ? -22.271 11.772  -1.013  1.00 41.60 ? 211 GLU A CD  1 
ATOM   1348 O OE1 . GLU A 1 167 ? -22.581 12.485  -1.987  1.00 58.23 ? 211 GLU A OE1 1 
ATOM   1349 O OE2 . GLU A 1 167 ? -22.879 11.790  0.077   1.00 47.16 ? 211 GLU A OE2 1 
ATOM   1350 N N   . LYS A 1 168 ? -20.890 8.596   -4.897  1.00 34.78 ? 212 LYS A N   1 
ATOM   1351 C CA  . LYS A 1 168 ? -20.947 8.389   -6.337  1.00 35.07 ? 212 LYS A CA  1 
ATOM   1352 C C   . LYS A 1 168 ? -20.228 9.527   -7.056  1.00 35.72 ? 212 LYS A C   1 
ATOM   1353 O O   . LYS A 1 168 ? -20.536 10.697  -6.838  1.00 36.75 ? 212 LYS A O   1 
ATOM   1354 C CB  . LYS A 1 168 ? -22.416 8.324   -6.770  1.00 40.28 ? 212 LYS A CB  1 
ATOM   1355 C CG  . LYS A 1 168 ? -22.664 7.865   -8.196  1.00 44.02 ? 212 LYS A CG  1 
ATOM   1356 C CD  . LYS A 1 168 ? -24.122 8.095   -8.611  1.00 61.46 ? 212 LYS A CD  1 
ATOM   1357 C CE  . LYS A 1 168 ? -25.028 6.909   -8.276  1.00 57.10 ? 212 LYS A CE  1 
ATOM   1358 N NZ  . LYS A 1 168 ? -25.265 6.733   -6.814  1.00 64.01 ? 212 LYS A NZ  1 
ATOM   1359 N N   . GLY A 1 169 ? -19.250 9.188   -7.890  1.00 36.30 ? 213 GLY A N   1 
ATOM   1360 C CA  . GLY A 1 169 ? -18.534 10.196  -8.656  1.00 30.26 ? 213 GLY A CA  1 
ATOM   1361 C C   . GLY A 1 169 ? -17.205 10.621  -8.057  1.00 40.60 ? 213 GLY A C   1 
ATOM   1362 O O   . GLY A 1 169 ? -16.378 11.235  -8.740  1.00 46.12 ? 213 GLY A O   1 
ATOM   1363 N N   . ASP A 1 170 ? -16.995 10.311  -6.780  1.00 31.58 ? 214 ASP A N   1 
ATOM   1364 C CA  . ASP A 1 170 ? -15.718 10.607  -6.136  1.00 31.62 ? 214 ASP A CA  1 
ATOM   1365 C C   . ASP A 1 170 ? -14.651 9.629   -6.604  1.00 29.11 ? 214 ASP A C   1 
ATOM   1366 O O   . ASP A 1 170 ? -14.962 8.522   -7.046  1.00 29.28 ? 214 ASP A O   1 
ATOM   1367 C CB  . ASP A 1 170 ? -15.836 10.516  -4.613  1.00 31.99 ? 214 ASP A CB  1 
ATOM   1368 C CG  . ASP A 1 170 ? -16.738 11.583  -4.027  1.00 39.45 ? 214 ASP A CG  1 
ATOM   1369 O OD1 . ASP A 1 170 ? -16.876 12.657  -4.650  1.00 36.78 ? 214 ASP A OD1 1 
ATOM   1370 O OD2 . ASP A 1 170 ? -17.300 11.346  -2.932  1.00 33.39 ? 214 ASP A OD2 1 
ATOM   1371 N N   . LYS A 1 171 ? -13.392 10.037  -6.503  1.00 34.21 ? 215 LYS A N   1 
ATOM   1372 C CA  . LYS A 1 171 ? -12.283 9.136   -6.794  1.00 34.14 ? 215 LYS A CA  1 
ATOM   1373 C C   . LYS A 1 171 ? -11.629 8.681   -5.494  1.00 39.81 ? 215 LYS A C   1 
ATOM   1374 O O   . LYS A 1 171 ? -11.322 9.495   -4.616  1.00 32.25 ? 215 LYS A O   1 
ATOM   1375 C CB  . LYS A 1 171 ? -11.261 9.798   -7.721  1.00 33.67 ? 215 LYS A CB  1 
ATOM   1376 C CG  . LYS A 1 171 ? -11.847 10.206  -9.063  1.00 38.03 ? 215 LYS A CG  1 
ATOM   1377 C CD  . LYS A 1 171 ? -10.887 9.932   -10.216 1.00 50.90 ? 215 LYS A CD  1 
ATOM   1378 C CE  . LYS A 1 171 ? -9.619  10.765  -10.108 1.00 56.76 ? 215 LYS A CE  1 
ATOM   1379 N NZ  . LYS A 1 171 ? -8.754  10.628  -11.315 1.00 63.08 ? 215 LYS A NZ  1 
ATOM   1380 N N   . LEU A 1 172 ? -11.448 7.370   -5.365  1.00 31.83 ? 216 LEU A N   1 
ATOM   1381 C CA  . LEU A 1 172 ? -10.862 6.786   -4.166  1.00 26.97 ? 216 LEU A CA  1 
ATOM   1382 C C   . LEU A 1 172 ? -9.415  6.426   -4.413  1.00 31.92 ? 216 LEU A C   1 
ATOM   1383 O O   . LEU A 1 172 ? -9.067  5.922   -5.483  1.00 29.72 ? 216 LEU A O   1 
ATOM   1384 C CB  . LEU A 1 172 ? -11.603 5.504   -3.785  1.00 31.85 ? 216 LEU A CB  1 
ATOM   1385 C CG  . LEU A 1 172 ? -13.082 5.636   -3.456  1.00 37.73 ? 216 LEU A CG  1 
ATOM   1386 C CD1 . LEU A 1 172 ? -13.615 4.395   -2.756  1.00 36.25 ? 216 LEU A CD1 1 
ATOM   1387 C CD2 . LEU A 1 172 ? -13.274 6.864   -2.610  1.00 35.12 ? 216 LEU A CD2 1 
ATOM   1388 N N   . GLN A 1 173 ? -8.566  6.673   -3.426  1.00 30.24 ? 217 GLN A N   1 
ATOM   1389 C CA  . GLN A 1 173 ? -7.236  6.091   -3.459  1.00 34.12 ? 217 GLN A CA  1 
ATOM   1390 C C   . GLN A 1 173 ? -7.212  4.883   -2.529  1.00 27.36 ? 217 GLN A C   1 
ATOM   1391 O O   . GLN A 1 173 ? -7.356  5.024   -1.314  1.00 28.40 ? 217 GLN A O   1 
ATOM   1392 C CB  . GLN A 1 173 ? -6.169  7.113   -3.071  1.00 36.42 ? 217 GLN A CB  1 
ATOM   1393 C CG  . GLN A 1 173 ? -4.761  6.637   -3.400  1.00 39.15 ? 217 GLN A CG  1 
ATOM   1394 C CD  . GLN A 1 173 ? -3.725  7.730   -3.272  1.00 41.58 ? 217 GLN A CD  1 
ATOM   1395 O OE1 . GLN A 1 173 ? -4.019  8.831   -2.802  1.00 42.42 ? 217 GLN A OE1 1 
ATOM   1396 N NE2 . GLN A 1 173 ? -2.501  7.432   -3.692  1.00 44.28 ? 217 GLN A NE2 1 
ATOM   1397 N N   . LEU A 1 174 ? -7.054  3.697   -3.112  1.00 26.12 ? 218 LEU A N   1 
ATOM   1398 C CA  . LEU A 1 174 ? -7.049  2.452   -2.349  1.00 22.49 ? 218 LEU A CA  1 
ATOM   1399 C C   . LEU A 1 174 ? -5.619  2.010   -2.050  1.00 25.45 ? 218 LEU A C   1 
ATOM   1400 O O   . LEU A 1 174 ? -4.721  2.155   -2.888  1.00 24.43 ? 218 LEU A O   1 
ATOM   1401 C CB  . LEU A 1 174 ? -7.793  1.348   -3.112  1.00 22.80 ? 218 LEU A CB  1 
ATOM   1402 C CG  . LEU A 1 174 ? -9.206  1.659   -3.620  1.00 28.04 ? 218 LEU A CG  1 
ATOM   1403 C CD1 . LEU A 1 174 ? -9.791  0.471   -4.373  1.00 31.15 ? 218 LEU A CD1 1 
ATOM   1404 C CD2 . LEU A 1 174 ? -10.121 2.068   -2.481  1.00 30.44 ? 218 LEU A CD2 1 
ATOM   1405 N N   . PHE A 1 175 ? -5.406  1.482   -0.848  1.00 24.79 ? 219 PHE A N   1 
ATOM   1406 C CA  . PHE A 1 175 ? -4.100  0.962   -0.465  1.00 22.67 ? 219 PHE A CA  1 
ATOM   1407 C C   . PHE A 1 175 ? -4.261  -0.452  0.068   1.00 27.75 ? 219 PHE A C   1 
ATOM   1408 O O   . PHE A 1 175 ? -5.111  -0.699  0.923   1.00 23.24 ? 219 PHE A O   1 
ATOM   1409 C CB  . PHE A 1 175 ? -3.468  1.833   0.625   1.00 23.70 ? 219 PHE A CB  1 
ATOM   1410 C CG  . PHE A 1 175 ? -3.041  3.203   0.157   1.00 23.77 ? 219 PHE A CG  1 
ATOM   1411 C CD1 . PHE A 1 175 ? -3.956  4.244   0.086   1.00 25.48 ? 219 PHE A CD1 1 
ATOM   1412 C CD2 . PHE A 1 175 ? -1.715  3.454   -0.187  1.00 22.03 ? 219 PHE A CD2 1 
ATOM   1413 C CE1 . PHE A 1 175 ? -3.564  5.512   -0.332  1.00 25.60 ? 219 PHE A CE1 1 
ATOM   1414 C CE2 . PHE A 1 175 ? -1.313  4.716   -0.608  1.00 24.65 ? 219 PHE A CE2 1 
ATOM   1415 C CZ  . PHE A 1 175 ? -2.242  5.749   -0.681  1.00 22.86 ? 219 PHE A CZ  1 
ATOM   1416 N N   . SER A 1 176 ? -3.453  -1.374  -0.447  1.00 22.07 ? 220 SER A N   1 
ATOM   1417 C CA  . SER A 1 176 ? -3.360  -2.737  0.091   1.00 23.88 ? 220 SER A CA  1 
ATOM   1418 C C   . SER A 1 176 ? -4.695  -3.471  0.209   1.00 20.88 ? 220 SER A C   1 
ATOM   1419 O O   . SER A 1 176 ? -5.005  -4.023  1.266   1.00 19.18 ? 220 SER A O   1 
ATOM   1420 C CB  . SER A 1 176 ? -2.637  -2.718  1.447   1.00 25.17 ? 220 SER A CB  1 
ATOM   1421 O OG  . SER A 1 176 ? -2.434  -4.032  1.946   1.00 23.22 ? 220 SER A OG  1 
ATOM   1422 N N   . PHE A 1 177 ? -5.480  -3.477  -0.866  1.00 22.70 ? 221 PHE A N   1 
ATOM   1423 C CA  . PHE A 1 177 ? -6.687  -4.304  -0.928  1.00 20.48 ? 221 PHE A CA  1 
ATOM   1424 C C   . PHE A 1 177 ? -6.363  -5.664  -1.528  1.00 24.18 ? 221 PHE A C   1 
ATOM   1425 O O   . PHE A 1 177 ? -5.488  -5.773  -2.386  1.00 29.09 ? 221 PHE A O   1 
ATOM   1426 C CB  . PHE A 1 177 ? -7.775  -3.617  -1.761  1.00 22.43 ? 221 PHE A CB  1 
ATOM   1427 C CG  . PHE A 1 177 ? -8.568  -2.594  -0.995  1.00 23.36 ? 221 PHE A CG  1 
ATOM   1428 C CD1 . PHE A 1 177 ? -7.982  -1.397  -0.591  1.00 19.27 ? 221 PHE A CD1 1 
ATOM   1429 C CD2 . PHE A 1 177 ? -9.899  -2.828  -0.677  1.00 18.78 ? 221 PHE A CD2 1 
ATOM   1430 C CE1 . PHE A 1 177 ? -8.715  -0.450  0.125   1.00 27.45 ? 221 PHE A CE1 1 
ATOM   1431 C CE2 . PHE A 1 177 ? -10.639 -1.890  0.036   1.00 23.30 ? 221 PHE A CE2 1 
ATOM   1432 C CZ  . PHE A 1 177 ? -10.046 -0.699  0.437   1.00 22.56 ? 221 PHE A CZ  1 
ATOM   1433 N N   . HIS A 1 178 ? -7.072  -6.698  -1.081  1.00 22.45 ? 222 HIS A N   1 
ATOM   1434 C CA  . HIS A 1 178 ? -6.813  -8.055  -1.552  1.00 26.50 ? 222 HIS A CA  1 
ATOM   1435 C C   . HIS A 1 178 ? -7.632  -8.387  -2.792  1.00 32.41 ? 222 HIS A C   1 
ATOM   1436 O O   . HIS A 1 178 ? -8.865  -8.306  -2.770  1.00 27.68 ? 222 HIS A O   1 
ATOM   1437 C CB  . HIS A 1 178 ? -7.131  -9.080  -0.456  1.00 27.29 ? 222 HIS A CB  1 
ATOM   1438 C CG  . HIS A 1 178 ? -6.195  -9.032  0.712   1.00 30.35 ? 222 HIS A CG  1 
ATOM   1439 N ND1 . HIS A 1 178 ? -6.133  -7.955  1.572   1.00 34.17 ? 222 HIS A ND1 1 
ATOM   1440 C CD2 . HIS A 1 178 ? -5.299  -9.935  1.173   1.00 31.13 ? 222 HIS A CD2 1 
ATOM   1441 C CE1 . HIS A 1 178 ? -5.228  -8.192  2.505   1.00 29.61 ? 222 HIS A CE1 1 
ATOM   1442 N NE2 . HIS A 1 178 ? -4.710  -9.388  2.289   1.00 36.12 ? 222 HIS A NE2 1 
ATOM   1443 N N   . LEU A 1 179 ? -6.948  -8.757  -3.872  1.00 26.19 ? 223 LEU A N   1 
ATOM   1444 C CA  . LEU A 1 179 ? -7.636  -9.312  -5.031  1.00 23.97 ? 223 LEU A CA  1 
ATOM   1445 C C   . LEU A 1 179 ? -8.088  -10.724 -4.695  1.00 25.03 ? 223 LEU A C   1 
ATOM   1446 O O   . LEU A 1 179 ? -7.282  -11.554 -4.275  1.00 25.00 ? 223 LEU A O   1 
ATOM   1447 C CB  . LEU A 1 179 ? -6.727  -9.334  -6.265  1.00 24.04 ? 223 LEU A CB  1 
ATOM   1448 C CG  . LEU A 1 179 ? -7.320  -10.034 -7.493  1.00 22.90 ? 223 LEU A CG  1 
ATOM   1449 C CD1 . LEU A 1 179 ? -8.583  -9.333  -7.951  1.00 19.72 ? 223 LEU A CD1 1 
ATOM   1450 C CD2 . LEU A 1 179 ? -6.314  -10.117 -8.635  1.00 22.04 ? 223 LEU A CD2 1 
ATOM   1451 N N   . ARG A 1 180 ? -9.377  -10.997 -4.856  1.00 20.93 ? 224 ARG A N   1 
ATOM   1452 C CA  . ARG A 1 180 ? -9.885  -12.335 -4.576  1.00 25.74 ? 224 ARG A CA  1 
ATOM   1453 C C   . ARG A 1 180 ? -10.449 -12.949 -5.847  1.00 29.95 ? 224 ARG A C   1 
ATOM   1454 O O   . ARG A 1 180 ? -11.323 -12.372 -6.497  1.00 21.15 ? 224 ARG A O   1 
ATOM   1455 C CB  . ARG A 1 180 ? -10.951 -12.308 -3.476  1.00 27.58 ? 224 ARG A CB  1 
ATOM   1456 C CG  . ARG A 1 180 ? -10.466 -11.796 -2.117  1.00 29.17 ? 224 ARG A CG  1 
ATOM   1457 C CD  . ARG A 1 180 ? -9.249  -12.567 -1.608  1.00 35.49 ? 224 ARG A CD  1 
ATOM   1458 N NE  . ARG A 1 180 ? -8.962  -12.283 -0.200  1.00 39.75 ? 224 ARG A NE  1 
ATOM   1459 C CZ  . ARG A 1 180 ? -7.817  -12.587 0.405   1.00 44.47 ? 224 ARG A CZ  1 
ATOM   1460 N NH1 . ARG A 1 180 ? -6.842  -13.174 -0.274  1.00 38.82 ? 224 ARG A NH1 1 
ATOM   1461 N NH2 . ARG A 1 180 ? -7.640  -12.298 1.688   1.00 37.53 ? 224 ARG A NH2 1 
ATOM   1462 N N   . LYS A 1 181 ? -9.937  -14.117 -6.207  1.00 23.91 ? 225 LYS A N   1 
ATOM   1463 C CA  . LYS A 1 181 ? -10.415 -14.809 -7.392  1.00 27.67 ? 225 LYS A CA  1 
ATOM   1464 C C   . LYS A 1 181 ? -10.687 -16.268 -7.056  1.00 28.54 ? 225 LYS A C   1 
ATOM   1465 O O   . LYS A 1 181 ? -10.034 -16.845 -6.185  1.00 25.28 ? 225 LYS A O   1 
ATOM   1466 C CB  . LYS A 1 181 ? -9.398  -14.682 -8.529  1.00 24.85 ? 225 LYS A CB  1 
ATOM   1467 C CG  . LYS A 1 181 ? -9.211  -13.250 -9.007  1.00 21.24 ? 225 LYS A CG  1 
ATOM   1468 C CD  . LYS A 1 181 ? -7.932  -13.069 -9.813  1.00 30.48 ? 225 LYS A CD  1 
ATOM   1469 C CE  . LYS A 1 181 ? -7.818  -14.051 -10.955 1.00 26.02 ? 225 LYS A CE  1 
ATOM   1470 N NZ  . LYS A 1 181 ? -6.722  -13.674 -11.892 1.00 21.72 ? 225 LYS A NZ  1 
ATOM   1471 N N   . GLY A 1 182 ? -11.667 -16.850 -7.740  1.00 25.07 ? 226 GLY A N   1 
ATOM   1472 C CA  . GLY A 1 182 ? -12.072 -18.222 -7.493  1.00 26.62 ? 226 GLY A CA  1 
ATOM   1473 C C   . GLY A 1 182 ? -13.319 -18.535 -8.292  1.00 29.70 ? 226 GLY A C   1 
ATOM   1474 O O   . GLY A 1 182 ? -13.434 -18.130 -9.453  1.00 29.22 ? 226 GLY A O   1 
ATOM   1475 N N   . ASN A 1 183 ? -14.261 -19.248 -7.683  1.00 28.31 ? 227 ASN A N   1 
ATOM   1476 C CA  . ASN A 1 183 ? -15.509 -19.557 -8.370  1.00 27.05 ? 227 ASN A CA  1 
ATOM   1477 C C   . ASN A 1 183 ? -16.456 -18.367 -8.370  1.00 25.05 ? 227 ASN A C   1 
ATOM   1478 O O   . ASN A 1 183 ? -17.359 -18.284 -7.536  1.00 29.44 ? 227 ASN A O   1 
ATOM   1479 C CB  . ASN A 1 183 ? -16.195 -20.779 -7.751  1.00 32.59 ? 227 ASN A CB  1 
ATOM   1480 C CG  . ASN A 1 183 ? -17.272 -21.365 -8.655  1.00 40.71 ? 227 ASN A CG  1 
ATOM   1481 O OD1 . ASN A 1 183 ? -17.258 -21.167 -9.872  1.00 28.72 ? 227 ASN A OD1 1 
ATOM   1482 N ND2 . ASN A 1 183 ? -18.214 -22.086 -8.061  1.00 41.08 ? 227 ASN A ND2 1 
ATOM   1483 N N   . GLY A 1 184 ? -16.245 -17.449 -9.311  1.00 28.77 ? 228 GLY A N   1 
ATOM   1484 C CA  . GLY A 1 184 ? -17.105 -16.286 -9.453  1.00 21.61 ? 228 GLY A CA  1 
ATOM   1485 C C   . GLY A 1 184 ? -16.346 -15.085 -9.976  1.00 25.23 ? 228 GLY A C   1 
ATOM   1486 O O   . GLY A 1 184 ? -15.166 -15.184 -10.319 1.00 23.63 ? 228 GLY A O   1 
ATOM   1487 N N   . LYS A 1 185 ? -17.025 -13.944 -10.048 1.00 26.32 ? 229 LYS A N   1 
ATOM   1488 C CA  . LYS A 1 185 ? -16.374 -12.710 -10.467 1.00 25.46 ? 229 LYS A CA  1 
ATOM   1489 C C   . LYS A 1 185 ? -15.346 -12.293 -9.431  1.00 28.49 ? 229 LYS A C   1 
ATOM   1490 O O   . LYS A 1 185 ? -15.604 -12.384 -8.225  1.00 25.25 ? 229 LYS A O   1 
ATOM   1491 C CB  . LYS A 1 185 ? -17.398 -11.585 -10.649 1.00 32.73 ? 229 LYS A CB  1 
ATOM   1492 C CG  . LYS A 1 185 ? -18.436 -11.840 -11.749 1.00 24.16 ? 229 LYS A CG  1 
ATOM   1493 C CD  . LYS A 1 185 ? -19.493 -10.743 -11.759 1.00 26.60 ? 229 LYS A CD  1 
ATOM   1494 C CE  . LYS A 1 185 ? -20.537 -10.988 -12.836 1.00 32.46 ? 229 LYS A CE  1 
ATOM   1495 N NZ  . LYS A 1 185 ? -21.143 -12.338 -12.697 1.00 41.24 ? 229 LYS A NZ  1 
ATOM   1496 N N   . PRO A 1 186 ? -14.169 -11.843 -9.897  1.00 25.46 ? 230 PRO A N   1 
ATOM   1497 C CA  . PRO A 1 186 ? -13.133 -11.330 -8.996  1.00 23.10 ? 230 PRO A CA  1 
ATOM   1498 C C   . PRO A 1 186 ? -13.644 -10.114 -8.239  1.00 24.40 ? 230 PRO A C   1 
ATOM   1499 O O   . PRO A 1 186 ? -14.416 -9.332  -8.793  1.00 21.64 ? 230 PRO A O   1 
ATOM   1500 C CB  . PRO A 1 186 ? -12.008 -10.913 -9.960  1.00 24.56 ? 230 PRO A CB  1 
ATOM   1501 C CG  . PRO A 1 186 ? -12.239 -11.727 -11.210 1.00 32.53 ? 230 PRO A CG  1 
ATOM   1502 C CD  . PRO A 1 186 ? -13.740 -11.832 -11.309 1.00 26.45 ? 230 PRO A CD  1 
ATOM   1503 N N   . ILE A 1 187 ? -13.243 -9.968  -6.981  1.00 24.08 ? 231 ILE A N   1 
ATOM   1504 C CA  . ILE A 1 187 ? -13.559 -8.772  -6.210  1.00 24.37 ? 231 ILE A CA  1 
ATOM   1505 C C   . ILE A 1 187 ? -12.287 -8.275  -5.538  1.00 25.59 ? 231 ILE A C   1 
ATOM   1506 O O   . ILE A 1 187 ? -11.281 -8.989  -5.492  1.00 25.38 ? 231 ILE A O   1 
ATOM   1507 C CB  . ILE A 1 187 ? -14.617 -9.048  -5.106  1.00 28.42 ? 231 ILE A CB  1 
ATOM   1508 C CG1 . ILE A 1 187 ? -14.028 -9.924  -3.992  1.00 26.04 ? 231 ILE A CG1 1 
ATOM   1509 C CG2 . ILE A 1 187 ? -15.874 -9.689  -5.688  1.00 18.94 ? 231 ILE A CG2 1 
ATOM   1510 C CD1 . ILE A 1 187 ? -14.980 -10.166 -2.818  1.00 24.32 ? 231 ILE A CD1 1 
ATOM   1511 N N   . LEU A 1 188 ? -12.327 -7.044  -5.037  1.00 25.72 ? 232 LEU A N   1 
ATOM   1512 C CA  . LEU A 1 188 ? -11.290 -6.558  -4.141  1.00 26.87 ? 232 LEU A CA  1 
ATOM   1513 C C   . LEU A 1 188 ? -11.885 -6.558  -2.741  1.00 27.11 ? 232 LEU A C   1 
ATOM   1514 O O   . LEU A 1 188 ? -13.030 -6.142  -2.546  1.00 25.64 ? 232 LEU A O   1 
ATOM   1515 C CB  . LEU A 1 188 ? -10.836 -5.149  -4.531  1.00 24.42 ? 232 LEU A CB  1 
ATOM   1516 C CG  . LEU A 1 188 ? -10.349 -4.974  -5.970  1.00 22.78 ? 232 LEU A CG  1 
ATOM   1517 C CD1 . LEU A 1 188 ? -9.770  -3.575  -6.196  1.00 17.42 ? 232 LEU A CD1 1 
ATOM   1518 C CD2 . LEU A 1 188 ? -9.336  -6.043  -6.330  1.00 17.84 ? 232 LEU A CD2 1 
ATOM   1519 N N   . HIS A 1 189 ? -11.134 -7.057  -1.768  1.00 27.63 ? 233 HIS A N   1 
ATOM   1520 C CA  . HIS A 1 189 ? -11.640 -7.096  -0.405  1.00 28.06 ? 233 HIS A CA  1 
ATOM   1521 C C   . HIS A 1 189 ? -10.651 -6.446  0.547   1.00 25.38 ? 233 HIS A C   1 
ATOM   1522 O O   . HIS A 1 189 ? -9.441  -6.637  0.424   1.00 23.96 ? 233 HIS A O   1 
ATOM   1523 C CB  . HIS A 1 189 ? -11.929 -8.534  0.038   1.00 28.35 ? 233 HIS A CB  1 
ATOM   1524 C CG  . HIS A 1 189 ? -12.816 -8.626  1.244   1.00 30.45 ? 233 HIS A CG  1 
ATOM   1525 N ND1 . HIS A 1 189 ? -12.406 -8.236  2.502   1.00 33.41 ? 233 HIS A ND1 1 
ATOM   1526 C CD2 . HIS A 1 189 ? -14.093 -9.058  1.383   1.00 29.32 ? 233 HIS A CD2 1 
ATOM   1527 C CE1 . HIS A 1 189 ? -13.391 -8.427  3.364   1.00 35.47 ? 233 HIS A CE1 1 
ATOM   1528 N NE2 . HIS A 1 189 ? -14.425 -8.925  2.710   1.00 30.45 ? 233 HIS A NE2 1 
ATOM   1529 N N   . SER A 1 190 ? -11.174 -5.676  1.496   1.00 26.71 ? 234 SER A N   1 
ATOM   1530 C CA  . SER A 1 190 ? -10.342 -5.056  2.514   1.00 28.99 ? 234 SER A CA  1 
ATOM   1531 C C   . SER A 1 190 ? -9.634  -6.132  3.324   1.00 30.68 ? 234 SER A C   1 
ATOM   1532 O O   . SER A 1 190 ? -10.148 -7.242  3.486   1.00 28.51 ? 234 SER A O   1 
ATOM   1533 C CB  . SER A 1 190 ? -11.192 -4.191  3.437   1.00 27.26 ? 234 SER A CB  1 
ATOM   1534 O OG  . SER A 1 190 ? -12.146 -4.983  4.121   1.00 29.19 ? 234 SER A OG  1 
ATOM   1535 N N   . GLY A 1 191 ? -8.438  -5.809  3.801   1.00 26.78 ? 235 GLY A N   1 
ATOM   1536 C CA  . GLY A 1 191 ? -7.678  -6.706  4.648   1.00 27.72 ? 235 GLY A CA  1 
ATOM   1537 C C   . GLY A 1 191 ? -7.121  -5.933  5.826   1.00 28.55 ? 235 GLY A C   1 
ATOM   1538 O O   . GLY A 1 191 ? -7.525  -4.797  6.082   1.00 19.40 ? 235 GLY A O   1 
ATOM   1539 N N   . ASN A 1 192 ? -6.179  -6.547  6.530   1.00 23.31 ? 236 ASN A N   1 
ATOM   1540 C CA  . ASN A 1 192 ? -5.601  -5.975  7.741   1.00 28.32 ? 236 ASN A CA  1 
ATOM   1541 C C   . ASN A 1 192 ? -5.072  -4.550  7.564   1.00 29.75 ? 236 ASN A C   1 
ATOM   1542 O O   . ASN A 1 192 ? -5.246  -3.702  8.444   1.00 28.43 ? 236 ASN A O   1 
ATOM   1543 C CB  . ASN A 1 192 ? -4.474  -6.885  8.238   1.00 29.98 ? 236 ASN A CB  1 
ATOM   1544 C CG  . ASN A 1 192 ? -4.176  -6.693  9.709   1.00 37.38 ? 236 ASN A CG  1 
ATOM   1545 O OD1 . ASN A 1 192 ? -5.049  -6.293  10.475  1.00 37.50 ? 236 ASN A OD1 1 
ATOM   1546 N ND2 . ASN A 1 192 ? -2.942  -6.980  10.115  1.00 41.43 ? 236 ASN A ND2 1 
ATOM   1547 N N   . HIS A 1 193 ? -4.448  -4.295  6.416   1.00 16.99 ? 237 HIS A N   1 
ATOM   1548 C CA  . HIS A 1 193 ? -3.712  -3.056  6.187   1.00 25.92 ? 237 HIS A CA  1 
ATOM   1549 C C   . HIS A 1 193 ? -4.391  -2.154  5.170   1.00 26.46 ? 237 HIS A C   1 
ATOM   1550 O O   . HIS A 1 193 ? -3.810  -1.160  4.728   1.00 26.71 ? 237 HIS A O   1 
ATOM   1551 C CB  . HIS A 1 193 ? -2.297  -3.382  5.707   1.00 20.15 ? 237 HIS A CB  1 
ATOM   1552 C CG  . HIS A 1 193 ? -1.539  -4.270  6.640   1.00 27.27 ? 237 HIS A CG  1 
ATOM   1553 N ND1 . HIS A 1 193 ? -0.782  -5.337  6.204   1.00 25.84 ? 237 HIS A ND1 1 
ATOM   1554 C CD2 . HIS A 1 193 ? -1.427  -4.256  7.990   1.00 25.16 ? 237 HIS A CD2 1 
ATOM   1555 C CE1 . HIS A 1 193 ? -0.231  -5.937  7.245   1.00 22.51 ? 237 HIS A CE1 1 
ATOM   1556 N NE2 . HIS A 1 193 ? -0.607  -5.301  8.341   1.00 24.97 ? 237 HIS A NE2 1 
ATOM   1557 N N   . SER A 1 194 ? -5.616  -2.502  4.797   1.00 18.38 ? 238 SER A N   1 
ATOM   1558 C CA  . SER A 1 194 ? -6.325  -1.754  3.770   1.00 22.00 ? 238 SER A CA  1 
ATOM   1559 C C   . SER A 1 194 ? -6.612  -0.331  4.239   1.00 28.79 ? 238 SER A C   1 
ATOM   1560 O O   . SER A 1 194 ? -6.907  -0.107  5.413   1.00 24.79 ? 238 SER A O   1 
ATOM   1561 C CB  . SER A 1 194 ? -7.609  -2.479  3.376   1.00 22.00 ? 238 SER A CB  1 
ATOM   1562 O OG  . SER A 1 194 ? -7.306  -3.745  2.821   1.00 24.95 ? 238 SER A OG  1 
ATOM   1563 N N   . PHE A 1 195 ? -6.499  0.624   3.319   1.00 25.55 ? 239 PHE A N   1 
ATOM   1564 C CA  . PHE A 1 195 ? -6.676  2.034   3.648   1.00 27.44 ? 239 PHE A CA  1 
ATOM   1565 C C   . PHE A 1 195 ? -7.293  2.764   2.466   1.00 27.85 ? 239 PHE A C   1 
ATOM   1566 O O   . PHE A 1 195 ? -6.894  2.550   1.317   1.00 31.53 ? 239 PHE A O   1 
ATOM   1567 C CB  . PHE A 1 195 ? -5.329  2.660   4.015   1.00 23.41 ? 239 PHE A CB  1 
ATOM   1568 C CG  . PHE A 1 195 ? -5.412  4.107   4.420   1.00 28.78 ? 239 PHE A CG  1 
ATOM   1569 C CD1 . PHE A 1 195 ? -6.090  4.485   5.577   1.00 31.05 ? 239 PHE A CD1 1 
ATOM   1570 C CD2 . PHE A 1 195 ? -4.783  5.090   3.661   1.00 26.66 ? 239 PHE A CD2 1 
ATOM   1571 C CE1 . PHE A 1 195 ? -6.159  5.822   5.962   1.00 27.80 ? 239 PHE A CE1 1 
ATOM   1572 C CE2 . PHE A 1 195 ? -4.842  6.428   4.035   1.00 32.51 ? 239 PHE A CE2 1 
ATOM   1573 C CZ  . PHE A 1 195 ? -5.534  6.797   5.187   1.00 30.73 ? 239 PHE A CZ  1 
ATOM   1574 N N   . ILE A 1 196 ? -8.272  3.616   2.750   1.00 29.06 ? 240 ILE A N   1 
ATOM   1575 C CA  . ILE A 1 196 ? -8.898  4.439   1.721   1.00 31.91 ? 240 ILE A CA  1 
ATOM   1576 C C   . ILE A 1 196 ? -8.704  5.922   2.040   1.00 31.37 ? 240 ILE A C   1 
ATOM   1577 O O   . ILE A 1 196 ? -8.693  6.323   3.204   1.00 35.49 ? 240 ILE A O   1 
ATOM   1578 C CB  . ILE A 1 196 ? -10.402 4.131   1.578   1.00 27.64 ? 240 ILE A CB  1 
ATOM   1579 C CG1 . ILE A 1 196 ? -10.634 2.627   1.448   1.00 20.67 ? 240 ILE A CG1 1 
ATOM   1580 C CG2 . ILE A 1 196 ? -10.993 4.847   0.378   1.00 35.21 ? 240 ILE A CG2 1 
ATOM   1581 C CD1 . ILE A 1 196 ? -12.095 2.258   1.198   1.00 26.56 ? 240 ILE A CD1 1 
ATOM   1582 N N   . LYS A 1 197 ? -8.539  6.723   0.992   1.00 35.18 ? 241 LYS A N   1 
ATOM   1583 C CA  . LYS A 1 197 ? -8.318  8.155   1.125   1.00 40.34 ? 241 LYS A CA  1 
ATOM   1584 C C   . LYS A 1 197 ? -8.842  8.845   -0.133  1.00 38.26 ? 241 LYS A C   1 
ATOM   1585 O O   . LYS A 1 197 ? -8.809  8.268   -1.217  1.00 37.58 ? 241 LYS A O   1 
ATOM   1586 C CB  . LYS A 1 197 ? -6.821  8.436   1.299   1.00 42.46 ? 241 LYS A CB  1 
ATOM   1587 C CG  . LYS A 1 197 ? -6.443  9.910   1.316   1.00 49.03 ? 241 LYS A CG  1 
ATOM   1588 C CD  . LYS A 1 197 ? -5.012  10.122  0.832   1.00 48.31 ? 241 LYS A CD  1 
ATOM   1589 C CE  . LYS A 1 197 ? -3.998  9.450   1.739   1.00 47.56 ? 241 LYS A CE  1 
ATOM   1590 N NZ  . LYS A 1 197 ? -2.598  9.672   1.268   1.00 50.25 ? 241 LYS A NZ  1 
ATOM   1591 N N   . GLY A 1 198 ? -9.330  10.073  0.005   1.00 44.38 ? 242 GLY A N   1 
ATOM   1592 C CA  . GLY A 1 198 ? -9.746  10.850  -1.150  1.00 46.73 ? 242 GLY A CA  1 
ATOM   1593 C C   . GLY A 1 198 ? -8.564  11.308  -1.986  1.00 56.01 ? 242 GLY A C   1 
ATOM   1594 O O   . GLY A 1 198 ? -7.486  10.715  -1.915  1.00 59.58 ? 242 GLY A O   1 
ATOM   1595 N N   . GLU A 1 199 ? -8.771  12.362  -2.774  1.00 61.78 ? 243 GLU A N   1 
ATOM   1596 C CA  . GLU A 1 199 ? -7.737  12.910  -3.657  1.00 66.89 ? 243 GLU A CA  1 
ATOM   1597 C C   . GLU A 1 199 ? -7.230  11.866  -4.647  1.00 67.37 ? 243 GLU A C   1 
ATOM   1598 O O   . GLU A 1 199 ? -6.022  11.706  -4.838  1.00 69.14 ? 243 GLU A O   1 
ATOM   1599 C CB  . GLU A 1 199 ? -6.567  13.483  -2.849  1.00 67.25 ? 243 GLU A CB  1 
ATOM   1600 C CG  . GLU A 1 199 ? -6.976  14.469  -1.767  1.00 72.51 ? 243 GLU A CG  1 
ATOM   1601 C CD  . GLU A 1 199 ? -5.815  14.872  -0.878  1.00 77.97 ? 243 GLU A CD  1 
ATOM   1602 O OE1 . GLU A 1 199 ? -4.804  15.384  -1.405  1.00 79.53 ? 243 GLU A OE1 1 
ATOM   1603 O OE2 . GLU A 1 199 ? -5.914  14.668  0.350   1.00 71.60 ? 243 GLU A OE2 1 
ATOM   1604 O OXT . GLU A 1 199 ? -8.020  11.156  -5.269  1.00 60.75 ? 243 GLU A OXT 1 
HETATM 1605 O O   . HOH B 2 .   ? 1.994   -0.118  1.211   1.00 19.20 ? 301 HOH A O   1 
HETATM 1606 O O   . HOH B 2 .   ? 2.127   -6.752  2.804   1.00 21.80 ? 302 HOH A O   1 
HETATM 1607 O O   . HOH B 2 .   ? 6.182   -3.633  -4.125  1.00 33.59 ? 303 HOH A O   1 
HETATM 1608 O O   . HOH B 2 .   ? 18.879  -5.090  0.735   1.00 32.87 ? 304 HOH A O   1 
HETATM 1609 O O   . HOH B 2 .   ? -16.747 -7.266  -16.196 1.00 22.26 ? 305 HOH A O   1 
HETATM 1610 O O   . HOH B 2 .   ? -7.940  1.576   -13.390 1.00 29.75 ? 306 HOH A O   1 
HETATM 1611 O O   . HOH B 2 .   ? 1.782   -0.178  13.453  1.00 28.05 ? 307 HOH A O   1 
HETATM 1612 O O   . HOH B 2 .   ? 0.854   -8.395  -3.606  1.00 27.43 ? 308 HOH A O   1 
HETATM 1613 O O   . HOH B 2 .   ? -3.570  0.492   13.991  1.00 24.62 ? 309 HOH A O   1 
HETATM 1614 O O   . HOH B 2 .   ? -12.557 -14.826 -9.808  1.00 29.00 ? 310 HOH A O   1 
HETATM 1615 O O   . HOH B 2 .   ? -11.199 5.365   -12.548 1.00 25.23 ? 311 HOH A O   1 
HETATM 1616 O O   . HOH B 2 .   ? 3.307   -7.688  -5.493  1.00 40.65 ? 312 HOH A O   1 
HETATM 1617 O O   . HOH B 2 .   ? -10.172 -1.861  -17.420 1.00 24.48 ? 313 HOH A O   1 
HETATM 1618 O O   . HOH B 2 .   ? -21.685 10.371  2.413   1.00 32.08 ? 314 HOH A O   1 
HETATM 1619 O O   . HOH B 2 .   ? -18.117 -12.298 -6.947  1.00 23.04 ? 315 HOH A O   1 
HETATM 1620 O O   . HOH B 2 .   ? -12.660 -7.757  -17.528 1.00 27.09 ? 316 HOH A O   1 
HETATM 1621 O O   . HOH B 2 .   ? 23.058  3.181   -3.779  1.00 33.78 ? 317 HOH A O   1 
HETATM 1622 O O   . HOH B 2 .   ? 20.272  0.699   7.032   1.00 29.36 ? 318 HOH A O   1 
HETATM 1623 O O   . HOH B 2 .   ? 16.073  -2.287  -6.329  1.00 30.16 ? 319 HOH A O   1 
HETATM 1624 O O   . HOH B 2 .   ? -2.751  6.944   -10.521 1.00 32.22 ? 320 HOH A O   1 
HETATM 1625 O O   . HOH B 2 .   ? 11.711  -4.453  9.896   1.00 24.32 ? 321 HOH A O   1 
HETATM 1626 O O   . HOH B 2 .   ? 3.948   -2.037  17.270  1.00 39.88 ? 322 HOH A O   1 
HETATM 1627 O O   . HOH B 2 .   ? -8.202  -9.208  -19.626 1.00 24.82 ? 323 HOH A O   1 
HETATM 1628 O O   . HOH B 2 .   ? 6.710   7.608   17.616  1.00 46.15 ? 324 HOH A O   1 
HETATM 1629 O O   . HOH B 2 .   ? -12.477 -17.528 -11.892 1.00 25.36 ? 325 HOH A O   1 
HETATM 1630 O O   . HOH B 2 .   ? -16.672 -7.649  -8.625  1.00 30.56 ? 326 HOH A O   1 
HETATM 1631 O O   . HOH B 2 .   ? -10.257 5.023   -17.430 1.00 39.17 ? 327 HOH A O   1 
HETATM 1632 O O   . HOH B 2 .   ? -7.616  8.708   -12.311 1.00 45.20 ? 328 HOH A O   1 
HETATM 1633 O O   . HOH B 2 .   ? 1.029   -2.641  17.658  1.00 34.85 ? 329 HOH A O   1 
HETATM 1634 O O   . HOH B 2 .   ? 21.729  0.417   -2.217  1.00 34.47 ? 330 HOH A O   1 
HETATM 1635 O O   . HOH B 2 .   ? 12.477  0.651   12.766  1.00 37.23 ? 331 HOH A O   1 
HETATM 1636 O O   . HOH B 2 .   ? -8.640  4.188   -12.394 1.00 24.88 ? 332 HOH A O   1 
HETATM 1637 O O   . HOH B 2 .   ? -15.676 -9.754  -14.001 1.00 32.02 ? 333 HOH A O   1 
HETATM 1638 O O   . HOH B 2 .   ? 6.258   14.001  2.539   1.00 46.51 ? 334 HOH A O   1 
HETATM 1639 O O   . HOH B 2 .   ? -12.925 13.157  -5.865  1.00 40.87 ? 335 HOH A O   1 
HETATM 1640 O O   . HOH B 2 .   ? 19.508  1.845   -6.892  1.00 37.00 ? 336 HOH A O   1 
HETATM 1641 O O   . HOH B 2 .   ? 2.076   -9.302  1.229   1.00 30.93 ? 337 HOH A O   1 
HETATM 1642 O O   . HOH B 2 .   ? 6.392   -16.700 9.559   1.00 51.79 ? 338 HOH A O   1 
HETATM 1643 O O   . HOH B 2 .   ? 7.185   12.250  -5.804  1.00 46.54 ? 339 HOH A O   1 
HETATM 1644 O O   . HOH B 2 .   ? -9.889  -8.979  -17.651 1.00 31.19 ? 340 HOH A O   1 
HETATM 1645 O O   . HOH B 2 .   ? 1.366   -5.350  -5.228  1.00 47.98 ? 341 HOH A O   1 
HETATM 1646 O O   . HOH B 2 .   ? -1.133  -18.141 -11.667 1.00 51.99 ? 342 HOH A O   1 
HETATM 1647 O O   . HOH B 2 .   ? 19.795  1.320   -4.169  1.00 34.65 ? 343 HOH A O   1 
HETATM 1648 O O   . HOH B 2 .   ? -17.240 -19.197 -11.746 1.00 28.87 ? 344 HOH A O   1 
HETATM 1649 O O   . HOH B 2 .   ? 13.430  -14.439 7.171   1.00 40.26 ? 345 HOH A O   1 
HETATM 1650 O O   . HOH B 2 .   ? 20.578  -4.154  14.454  1.00 44.09 ? 346 HOH A O   1 
HETATM 1651 O O   . HOH B 2 .   ? -3.317  3.422   16.857  1.00 36.61 ? 347 HOH A O   1 
HETATM 1652 O O   . HOH B 2 .   ? -6.948  6.706   11.973  1.00 31.56 ? 348 HOH A O   1 
HETATM 1653 O O   . HOH B 2 .   ? 0.390   -6.123  10.951  1.00 33.55 ? 349 HOH A O   1 
HETATM 1654 O O   . HOH B 2 .   ? -11.291 -6.898  6.162   1.00 39.55 ? 350 HOH A O   1 
HETATM 1655 O O   . HOH B 2 .   ? 24.414  6.333   6.196   1.00 36.43 ? 351 HOH A O   1 
HETATM 1656 O O   . HOH B 2 .   ? 2.211   6.187   -0.324  1.00 33.72 ? 352 HOH A O   1 
HETATM 1657 O O   . HOH B 2 .   ? -7.478  -0.828  7.950   1.00 34.80 ? 353 HOH A O   1 
HETATM 1658 O O   . HOH B 2 .   ? -9.563  -6.794  8.584   1.00 42.85 ? 354 HOH A O   1 
HETATM 1659 O O   . HOH B 2 .   ? 12.980  7.044   -17.825 1.00 37.20 ? 355 HOH A O   1 
HETATM 1660 O O   . HOH B 2 .   ? 10.649  11.016  -21.784 1.00 42.50 ? 356 HOH A O   1 
HETATM 1661 O O   . HOH B 2 .   ? 4.821   -13.173 2.902   1.00 43.46 ? 357 HOH A O   1 
HETATM 1662 O O   . HOH B 2 .   ? -2.683  6.079   -13.806 1.00 39.14 ? 358 HOH A O   1 
HETATM 1663 O O   . HOH B 2 .   ? -12.056 12.299  -3.515  1.00 39.25 ? 359 HOH A O   1 
HETATM 1664 O O   . HOH B 2 .   ? -17.818 8.930   11.917  1.00 57.47 ? 360 HOH A O   1 
HETATM 1665 O O   . HOH B 2 .   ? -8.635  1.385   9.058   1.00 31.05 ? 361 HOH A O   1 
HETATM 1666 O O   . HOH B 2 .   ? -15.839 -7.869  -11.533 1.00 35.80 ? 362 HOH A O   1 
HETATM 1667 O O   . HOH B 2 .   ? -4.711  -16.532 -9.393  1.00 27.51 ? 363 HOH A O   1 
HETATM 1668 O O   . HOH B 2 .   ? 12.205  -5.254  18.835  0.50 48.29 ? 364 HOH A O   1 
HETATM 1669 O O   . HOH B 2 .   ? 23.370  1.280   -0.131  1.00 41.44 ? 365 HOH A O   1 
HETATM 1670 O O   . HOH B 2 .   ? 8.556   -4.858  17.679  1.00 46.28 ? 366 HOH A O   1 
HETATM 1671 O O   . HOH B 2 .   ? 20.388  -3.562  -1.452  1.00 40.60 ? 367 HOH A O   1 
HETATM 1672 O O   . HOH B 2 .   ? -3.357  -12.248 8.092   1.00 48.23 ? 368 HOH A O   1 
HETATM 1673 O O   . HOH B 2 .   ? 1.085   -2.326  -6.319  1.00 41.95 ? 369 HOH A O   1 
HETATM 1674 O O   . HOH B 2 .   ? 3.645   12.385  0.413   1.00 44.90 ? 370 HOH A O   1 
HETATM 1675 O O   . HOH B 2 .   ? 22.353  7.973   -10.818 1.00 43.29 ? 371 HOH A O   1 
HETATM 1676 O O   . HOH B 2 .   ? 16.433  3.142   12.974  1.00 27.55 ? 372 HOH A O   1 
HETATM 1677 O O   . HOH B 2 .   ? -1.969  -2.639  -8.104  1.00 27.94 ? 373 HOH A O   1 
HETATM 1678 O O   . HOH B 2 .   ? 14.141  -6.640  -1.489  1.00 33.98 ? 374 HOH A O   1 
HETATM 1679 O O   . HOH B 2 .   ? -2.197  -0.201  -9.726  1.00 23.07 ? 375 HOH A O   1 
HETATM 1680 O O   . HOH B 2 .   ? -4.383  -8.228  -21.436 1.00 37.19 ? 376 HOH A O   1 
HETATM 1681 O O   . HOH B 2 .   ? 18.005  12.993  1.559   1.00 29.12 ? 377 HOH A O   1 
HETATM 1682 O O   . HOH B 2 .   ? -11.622 -11.801 1.047   1.00 37.30 ? 378 HOH A O   1 
HETATM 1683 O O   . HOH B 2 .   ? -6.743  7.103   -12.194 1.00 40.55 ? 379 HOH A O   1 
HETATM 1684 O O   . HOH B 2 .   ? 16.964  15.023  -1.836  1.00 45.22 ? 380 HOH A O   1 
HETATM 1685 O O   . HOH B 2 .   ? 15.889  -6.411  -3.172  1.00 46.49 ? 381 HOH A O   1 
HETATM 1686 O O   . HOH B 2 .   ? 19.482  -11.321 4.808   1.00 36.50 ? 382 HOH A O   1 
HETATM 1687 O O   . HOH B 2 .   ? 24.923  -3.113  -4.240  1.00 44.97 ? 383 HOH A O   1 
HETATM 1688 O O   . HOH B 2 .   ? 12.662  -11.722 -0.941  1.00 44.12 ? 384 HOH A O   1 
HETATM 1689 O O   . HOH B 2 .   ? 6.178   -2.234  14.902  1.00 43.99 ? 385 HOH A O   1 
HETATM 1690 O O   . HOH B 2 .   ? 20.219  8.726   10.252  1.00 35.31 ? 386 HOH A O   1 
HETATM 1691 O O   . HOH B 2 .   ? 15.432  11.688  -8.994  1.00 36.93 ? 387 HOH A O   1 
HETATM 1692 O O   . HOH B 2 .   ? -9.795  4.140   5.565   1.00 43.19 ? 388 HOH A O   1 
HETATM 1693 O O   . HOH B 2 .   ? 22.848  1.862   7.866   1.00 40.99 ? 389 HOH A O   1 
HETATM 1694 O O   . HOH B 2 .   ? 7.480   11.293  -21.482 1.00 45.81 ? 390 HOH A O   1 
HETATM 1695 O O   . HOH B 2 .   ? 14.426  9.191   -17.255 1.00 46.84 ? 391 HOH A O   1 
HETATM 1696 O O   . HOH B 2 .   ? 25.471  9.832   -5.959  1.00 34.61 ? 392 HOH A O   1 
HETATM 1697 O O   . HOH B 2 .   ? -0.965  -1.689  -9.492  1.00 33.80 ? 393 HOH A O   1 
HETATM 1698 O O   . HOH B 2 .   ? 19.122  15.190  -3.478  1.00 33.80 ? 394 HOH A O   1 
HETATM 1699 O O   . HOH B 2 .   ? -17.771 -0.037  -17.106 1.00 33.80 ? 395 HOH A O   1 
HETATM 1700 O O   . HOH B 2 .   ? -1.231  4.800   -6.094  1.00 33.80 ? 396 HOH A O   1 
HETATM 1701 O O   . HOH B 2 .   ? -2.112  3.767   -4.109  1.00 33.80 ? 397 HOH A O   1 
HETATM 1702 O O   . HOH B 2 .   ? 11.068  -7.913  -4.492  1.00 33.80 ? 398 HOH A O   1 
HETATM 1703 O O   . HOH B 2 .   ? 18.966  15.250  0.412   1.00 33.80 ? 399 HOH A O   1 
HETATM 1704 O O   . HOH B 2 .   ? 17.767  13.256  -8.166  1.00 33.80 ? 400 HOH A O   1 
HETATM 1705 O O   . HOH B 2 .   ? 8.894   13.292  -6.518  1.00 33.80 ? 401 HOH A O   1 
HETATM 1706 O O   . HOH B 2 .   ? 9.861   -12.661 -0.784  1.00 33.80 ? 402 HOH A O   1 
HETATM 1707 O O   . HOH B 2 .   ? 19.036  13.971  3.304   1.00 33.80 ? 403 HOH A O   1 
HETATM 1708 O O   . HOH B 2 .   ? -17.758 -2.276  7.584   1.00 33.80 ? 404 HOH A O   1 
HETATM 1709 O O   . HOH B 2 .   ? 19.916  -12.432 6.428   1.00 33.80 ? 405 HOH A O   1 
HETATM 1710 O O   . HOH B 2 .   ? 8.702   -12.541 23.100  1.00 33.80 ? 406 HOH A O   1 
HETATM 1711 O O   . HOH B 2 .   ? 14.105  6.982   -20.376 1.00 33.80 ? 407 HOH A O   1 
HETATM 1712 O O   . HOH B 2 .   ? 13.486  12.727  -10.326 1.00 33.80 ? 408 HOH A O   1 
HETATM 1713 O O   . HOH B 2 .   ? -19.073 13.131  -6.493  1.00 33.80 ? 409 HOH A O   1 
HETATM 1714 O O   . HOH B 2 .   ? -16.677 1.606   -17.057 1.00 33.80 ? 410 HOH A O   1 
HETATM 1715 O O   . HOH B 2 .   ? -9.707  4.759   7.978   1.00 33.80 ? 411 HOH A O   1 
HETATM 1716 O O   . HOH B 2 .   ? -17.620 -6.954  -12.621 1.00 33.80 ? 412 HOH A O   1 
HETATM 1717 O O   . HOH B 2 .   ? 16.651  -4.433  -8.787  1.00 33.80 ? 413 HOH A O   1 
HETATM 1718 O O   . HOH B 2 .   ? -2.461  2.527   -16.844 1.00 33.80 ? 414 HOH A O   1 
HETATM 1719 O O   . HOH B 2 .   ? -17.368 10.582  8.760   1.00 33.80 ? 415 HOH A O   1 
HETATM 1720 O O   . HOH B 2 .   ? 24.395  4.146   -7.033  1.00 33.80 ? 416 HOH A O   1 
# 
